data_9DYP
#
_entry.id   9DYP
#
_cell.length_a   86.033
_cell.length_b   102.823
_cell.length_c   97.732
_cell.angle_alpha   90.000
_cell.angle_beta   90.137
_cell.angle_gamma   90.000
#
_symmetry.space_group_name_H-M   'P 1 21 1'
#
loop_
_entity.id
_entity.type
_entity.pdbx_description
1 polymer 'ribulose-1,5-bisphosphate carboxylase'
2 non-polymer 'MAGNESIUM ION'
3 water water
#
_entity_poly.entity_id   1
_entity_poly.type   'polypeptide(L)'
_entity_poly.pdbx_seq_one_letter_code
;MQKEYIQIGNPNVFNGQYMLAVFRLQGEEGMTLVDTASEVAAESSTGSFVKIGTATAFSESLDALVYRIDEKNNLVWIAY
PWRIFDRGGNVQNIMTFIAGNVFGMASVKVCKILDVYFPPQMLVQYDGPEYTIDDMRKYLNIQERPIFGSIIKPKIGLTS
SEYAELCYDFWSGGGDFV(KCX)NDEPQADQDFCPYDKMVQDVRHAMDRVEQETGKTKVHSFNISSSDYDTMIKKADYIQ
SMMKPGSYAFLVDGITAGWMAIQTIRRKYPNVFLHFHRAGHGAFTRDENPIGYTVPVLTKFARLAGASGIHTGTAGIGKM
AGSPKEDVMAARHALKLYSEGDYFKQIWSEIPEKDADLQLAIQKEAEGEDYSNLGYWRITKKMCPIISGGLNPLLIGKFI
DTVGTQDFITTMGAGVHSHPMGTKAGATAVLQAYEAWKQKISLEDYAKDKEELRAAIQFYDKHEEPSPDRPV
;
_entity_poly.pdbx_strand_id   A,B,C,D
#
# COMPACT_ATOMS: atom_id res chain seq x y z
N MET A 1 5.03 15.53 -36.32
CA MET A 1 5.14 17.02 -36.26
C MET A 1 3.74 17.64 -36.29
N GLN A 2 3.43 18.43 -35.26
CA GLN A 2 2.15 19.11 -35.17
C GLN A 2 2.41 20.62 -35.24
N LYS A 3 1.69 21.28 -36.15
CA LYS A 3 1.91 22.69 -36.42
C LYS A 3 1.51 23.57 -35.24
N GLU A 4 0.74 23.04 -34.29
CA GLU A 4 0.25 23.86 -33.19
C GLU A 4 1.35 24.34 -32.25
N TYR A 5 2.52 23.72 -32.27
CA TYR A 5 3.63 24.22 -31.47
C TYR A 5 4.35 25.38 -32.13
N ILE A 6 3.97 25.73 -33.36
CA ILE A 6 4.56 26.85 -34.08
C ILE A 6 3.60 28.02 -33.99
N GLN A 7 4.01 29.09 -33.31
CA GLN A 7 3.21 30.29 -33.14
C GLN A 7 4.10 31.51 -33.37
N ILE A 8 4.56 31.67 -34.61
CA ILE A 8 5.54 32.71 -34.89
C ILE A 8 4.92 34.07 -34.65
N GLY A 9 5.59 34.89 -33.85
CA GLY A 9 5.14 36.23 -33.55
C GLY A 9 4.18 36.34 -32.38
N ASN A 10 3.87 35.23 -31.72
CA ASN A 10 2.92 35.24 -30.62
C ASN A 10 3.31 36.32 -29.62
N PRO A 11 2.48 37.35 -29.44
CA PRO A 11 2.87 38.45 -28.53
C PRO A 11 2.95 38.03 -27.08
N ASN A 12 2.17 37.03 -26.66
CA ASN A 12 2.03 36.77 -25.25
C ASN A 12 3.27 36.20 -24.58
N VAL A 13 4.26 35.75 -25.36
CA VAL A 13 5.40 35.06 -24.74
C VAL A 13 6.19 35.96 -23.82
N PHE A 14 6.04 37.27 -23.94
CA PHE A 14 6.74 38.20 -23.08
C PHE A 14 5.91 38.63 -21.88
N ASN A 15 4.78 37.97 -21.62
CA ASN A 15 3.88 38.46 -20.56
C ASN A 15 4.28 37.98 -19.17
N GLY A 16 5.40 37.28 -19.03
CA GLY A 16 5.89 36.83 -17.75
C GLY A 16 5.49 35.43 -17.36
N GLN A 17 4.60 34.80 -18.12
CA GLN A 17 4.21 33.42 -17.83
C GLN A 17 5.13 32.41 -18.49
N TYR A 18 6.14 32.86 -19.24
CA TYR A 18 6.96 31.95 -20.03
C TYR A 18 8.44 32.14 -19.73
N MET A 19 9.13 31.01 -19.56
CA MET A 19 10.57 30.97 -19.67
C MET A 19 10.93 30.89 -21.14
N LEU A 20 11.89 31.70 -21.59
CA LEU A 20 12.27 31.69 -22.98
C LEU A 20 13.62 31.02 -23.18
N ALA A 21 13.81 30.44 -24.37
CA ALA A 21 15.05 29.74 -24.69
C ALA A 21 15.35 29.92 -26.17
N VAL A 22 16.63 30.02 -26.49
CA VAL A 22 17.10 30.01 -27.86
C VAL A 22 17.87 28.71 -28.08
N PHE A 23 17.49 27.97 -29.11
CA PHE A 23 18.21 26.77 -29.53
C PHE A 23 18.89 27.02 -30.86
N ARG A 24 20.14 26.63 -30.98
CA ARG A 24 20.71 26.31 -32.30
C ARG A 24 20.19 24.94 -32.67
N LEU A 25 19.50 24.84 -33.81
CA LEU A 25 18.78 23.62 -34.14
C LEU A 25 18.95 23.30 -35.62
N GLN A 26 19.09 22.02 -35.91
CA GLN A 26 19.16 21.56 -37.28
C GLN A 26 18.63 20.13 -37.31
N GLY A 27 17.62 19.89 -38.14
CA GLY A 27 17.14 18.55 -38.35
C GLY A 27 18.00 17.74 -39.29
N GLU A 28 17.77 16.43 -39.31
CA GLU A 28 18.42 15.58 -40.27
C GLU A 28 17.98 15.98 -41.68
N GLU A 29 18.69 15.44 -42.67
CA GLU A 29 18.39 15.76 -44.06
C GLU A 29 16.91 15.51 -44.35
N GLY A 30 16.28 16.46 -45.04
CA GLY A 30 14.89 16.34 -45.41
C GLY A 30 13.91 16.96 -44.45
N MET A 31 14.35 17.35 -43.26
CA MET A 31 13.47 17.97 -42.28
C MET A 31 13.72 19.47 -42.20
N THR A 32 12.67 20.25 -42.38
CA THR A 32 12.79 21.70 -42.28
C THR A 32 13.05 22.13 -40.84
N LEU A 33 13.61 23.33 -40.70
CA LEU A 33 13.86 23.88 -39.38
C LEU A 33 12.58 23.99 -38.58
N VAL A 34 11.50 24.47 -39.20
CA VAL A 34 10.27 24.66 -38.45
C VAL A 34 9.69 23.31 -38.00
N ASP A 35 9.78 22.28 -38.85
CA ASP A 35 9.33 20.95 -38.45
C ASP A 35 10.17 20.43 -37.28
N THR A 36 11.50 20.61 -37.38
CA THR A 36 12.38 20.21 -36.29
C THR A 36 12.02 20.94 -35.01
N ALA A 37 11.79 22.26 -35.13
CA ALA A 37 11.47 23.06 -33.95
C ALA A 37 10.17 22.59 -33.31
N SER A 38 9.17 22.24 -34.12
CA SER A 38 7.92 21.76 -33.56
C SER A 38 8.15 20.52 -32.71
N GLU A 39 8.98 19.60 -33.20
CA GLU A 39 9.23 18.36 -32.46
C GLU A 39 10.01 18.63 -31.18
N VAL A 40 10.99 19.54 -31.24
CA VAL A 40 11.72 19.90 -30.04
C VAL A 40 10.80 20.56 -29.03
N ALA A 41 9.96 21.49 -29.49
CA ALA A 41 9.02 22.15 -28.59
C ALA A 41 8.09 21.14 -27.96
N ALA A 42 7.58 20.20 -28.74
CA ALA A 42 6.65 19.21 -28.21
C ALA A 42 7.33 18.32 -27.17
N GLU A 43 8.51 17.79 -27.50
CA GLU A 43 9.14 16.83 -26.60
C GLU A 43 9.67 17.49 -25.34
N SER A 44 9.87 18.82 -25.37
CA SER A 44 10.27 19.56 -24.19
C SER A 44 9.09 20.21 -23.48
N SER A 45 7.86 19.79 -23.78
CA SER A 45 6.70 20.31 -23.05
C SER A 45 5.60 19.26 -22.96
N THR A 46 4.54 19.39 -23.75
CA THR A 46 3.34 18.58 -23.57
C THR A 46 3.35 17.30 -24.38
N GLY A 47 4.34 17.11 -25.24
CA GLY A 47 4.49 15.88 -26.01
C GLY A 47 3.66 15.79 -27.26
N SER A 48 2.36 16.01 -27.11
CA SER A 48 1.39 15.95 -28.18
C SER A 48 0.40 17.07 -27.96
N PHE A 49 -0.07 17.66 -29.05
CA PHE A 49 -1.08 18.70 -28.97
C PHE A 49 -2.45 18.06 -28.85
N VAL A 50 -3.23 18.56 -27.89
CA VAL A 50 -4.57 18.07 -27.63
C VAL A 50 -5.47 19.29 -27.58
N LYS A 51 -6.47 19.32 -28.46
CA LYS A 51 -7.36 20.47 -28.51
C LYS A 51 -8.42 20.41 -27.43
N ILE A 52 -8.98 19.23 -27.16
CA ILE A 52 -10.08 19.08 -26.22
C ILE A 52 -9.63 18.24 -25.05
N GLY A 53 -9.91 18.72 -23.86
CA GLY A 53 -9.56 18.06 -22.66
C GLY A 53 -8.29 18.63 -22.07
N THR A 54 -7.68 17.80 -21.25
CA THR A 54 -6.56 18.17 -20.41
C THR A 54 -6.98 19.16 -19.32
N ALA A 55 -6.07 19.37 -18.37
CA ALA A 55 -6.35 20.02 -17.10
C ALA A 55 -6.43 21.52 -17.22
N THR A 56 -5.98 22.09 -18.33
CA THR A 56 -6.03 23.52 -18.55
C THR A 56 -7.48 24.00 -18.51
N ALA A 57 -7.66 25.23 -18.04
CA ALA A 57 -8.90 25.95 -18.33
C ALA A 57 -9.04 26.13 -19.83
N PHE A 58 -10.30 26.33 -20.26
CA PHE A 58 -10.62 26.57 -21.65
C PHE A 58 -9.72 27.65 -22.25
N SER A 59 -9.47 28.70 -21.48
CA SER A 59 -8.61 29.82 -21.89
C SER A 59 -7.10 29.57 -21.77
N GLU A 60 -6.63 28.37 -21.44
CA GLU A 60 -5.23 28.16 -21.09
C GLU A 60 -4.56 27.09 -21.95
N SER A 61 -3.23 27.12 -21.96
CA SER A 61 -2.44 26.18 -22.74
C SER A 61 -1.14 25.93 -22.01
N LEU A 62 -0.64 24.69 -22.07
CA LEU A 62 0.65 24.34 -21.51
C LEU A 62 1.69 24.05 -22.58
N ASP A 63 1.34 24.15 -23.86
CA ASP A 63 2.30 23.80 -24.91
C ASP A 63 3.41 24.83 -24.97
N ALA A 64 4.64 24.36 -25.16
CA ALA A 64 5.71 25.27 -25.56
C ALA A 64 5.43 25.79 -26.97
N LEU A 65 5.89 27.02 -27.25
CA LEU A 65 5.58 27.69 -28.48
C LEU A 65 6.86 28.19 -29.15
N VAL A 66 7.06 27.81 -30.40
CA VAL A 66 8.11 28.39 -31.24
C VAL A 66 7.59 29.74 -31.72
N TYR A 67 8.23 30.83 -31.28
CA TYR A 67 7.69 32.16 -31.55
C TYR A 67 8.56 33.03 -32.43
N ARG A 68 9.79 32.58 -32.73
CA ARG A 68 10.69 33.30 -33.61
C ARG A 68 11.61 32.26 -34.24
N ILE A 69 11.98 32.51 -35.49
CA ILE A 69 12.86 31.61 -36.22
C ILE A 69 13.83 32.43 -37.05
N ASP A 70 15.07 31.95 -37.13
CA ASP A 70 16.12 32.53 -37.97
C ASP A 70 16.74 31.36 -38.73
N GLU A 71 16.10 30.99 -39.85
CA GLU A 71 16.56 29.86 -40.65
C GLU A 71 17.99 30.06 -41.12
N LYS A 72 18.32 31.27 -41.57
CA LYS A 72 19.66 31.59 -42.02
C LYS A 72 20.71 31.08 -41.04
N ASN A 73 20.47 31.28 -39.75
CA ASN A 73 21.45 30.98 -38.72
C ASN A 73 21.07 29.76 -37.88
N ASN A 74 20.07 29.01 -38.32
CA ASN A 74 19.60 27.81 -37.61
C ASN A 74 19.29 28.08 -36.14
N LEU A 75 18.53 29.14 -35.91
CA LEU A 75 18.14 29.52 -34.57
C LEU A 75 16.62 29.48 -34.45
N VAL A 76 16.16 28.99 -33.30
CA VAL A 76 14.74 29.06 -32.97
C VAL A 76 14.58 29.52 -31.53
N TRP A 77 13.51 30.24 -31.29
CA TRP A 77 13.16 30.76 -29.98
C TRP A 77 11.90 30.03 -29.51
N ILE A 78 11.96 29.47 -28.31
CA ILE A 78 10.86 28.69 -27.76
C ILE A 78 10.48 29.27 -26.41
N ALA A 79 9.19 29.37 -26.17
CA ALA A 79 8.63 29.88 -24.94
C ALA A 79 7.96 28.75 -24.19
N TYR A 80 8.35 28.56 -22.93
CA TYR A 80 7.84 27.48 -22.07
C TYR A 80 6.93 28.09 -21.03
N PRO A 81 5.63 27.77 -20.98
CA PRO A 81 4.83 28.22 -19.83
C PRO A 81 5.43 27.58 -18.59
N TRP A 82 6.00 28.39 -17.69
CA TRP A 82 6.79 27.79 -16.62
C TRP A 82 5.90 27.12 -15.58
N ARG A 83 4.58 27.30 -15.68
CA ARG A 83 3.63 26.47 -14.93
C ARG A 83 3.82 24.97 -15.18
N ILE A 84 4.37 24.61 -16.34
CA ILE A 84 4.56 23.21 -16.66
C ILE A 84 5.66 22.60 -15.82
N PHE A 85 6.53 23.41 -15.22
CA PHE A 85 7.62 22.85 -14.43
C PHE A 85 7.14 22.41 -13.05
N ASP A 86 7.85 21.43 -12.49
CA ASP A 86 7.57 20.95 -11.15
C ASP A 86 7.61 22.11 -10.16
N ARG A 87 6.72 22.07 -9.18
CA ARG A 87 6.74 23.08 -8.13
C ARG A 87 7.90 22.80 -7.17
N GLY A 88 7.95 23.61 -6.11
CA GLY A 88 9.06 23.48 -5.18
C GLY A 88 10.39 23.95 -5.70
N GLY A 89 10.38 24.79 -6.73
CA GLY A 89 11.63 25.34 -7.24
C GLY A 89 12.56 24.30 -7.79
N ASN A 90 12.03 23.27 -8.46
CA ASN A 90 12.82 22.13 -8.90
C ASN A 90 13.59 22.43 -10.18
N VAL A 91 14.90 22.63 -10.06
CA VAL A 91 15.72 22.92 -11.25
C VAL A 91 16.03 21.68 -12.09
N GLN A 92 16.29 20.51 -11.47
CA GLN A 92 16.53 19.34 -12.33
C GLN A 92 15.36 19.08 -13.27
N ASN A 93 14.15 19.43 -12.83
CA ASN A 93 12.97 19.22 -13.66
C ASN A 93 12.98 20.11 -14.89
N ILE A 94 13.36 21.38 -14.73
CA ILE A 94 13.48 22.25 -15.88
C ILE A 94 14.45 21.65 -16.89
N MET A 95 15.60 21.21 -16.41
CA MET A 95 16.62 20.65 -17.30
C MET A 95 16.13 19.37 -17.96
N THR A 96 15.25 18.63 -17.29
CA THR A 96 14.69 17.43 -17.87
C THR A 96 13.76 17.75 -19.03
N PHE A 97 12.99 18.83 -18.94
CA PHE A 97 12.15 19.25 -20.06
C PHE A 97 12.99 19.76 -21.23
N ILE A 98 13.83 20.77 -20.98
CA ILE A 98 14.47 21.47 -22.09
C ILE A 98 15.77 20.85 -22.57
N ALA A 99 16.39 19.99 -21.76
CA ALA A 99 17.74 19.49 -21.98
C ALA A 99 17.78 18.01 -21.66
N GLY A 100 16.70 17.32 -22.04
CA GLY A 100 16.54 15.91 -21.76
C GLY A 100 16.50 15.09 -23.02
N ASN A 101 15.36 14.46 -23.31
CA ASN A 101 15.22 13.63 -24.50
C ASN A 101 15.48 14.39 -25.80
N VAL A 102 15.32 15.71 -25.83
CA VAL A 102 15.59 16.40 -27.09
C VAL A 102 17.03 16.17 -27.53
N PHE A 103 17.94 15.97 -26.58
CA PHE A 103 19.33 15.68 -26.91
C PHE A 103 19.52 14.25 -27.43
N GLY A 104 18.50 13.41 -27.30
CA GLY A 104 18.53 12.05 -27.75
C GLY A 104 17.75 11.79 -29.02
N MET A 105 17.22 12.83 -29.67
CA MET A 105 16.49 12.65 -30.91
C MET A 105 17.47 12.61 -32.08
N ALA A 106 17.65 11.42 -32.67
CA ALA A 106 18.60 11.29 -33.78
C ALA A 106 18.20 12.15 -34.97
N SER A 107 16.92 12.49 -35.08
CA SER A 107 16.44 13.37 -36.13
C SER A 107 16.83 14.83 -35.92
N VAL A 108 17.43 15.17 -34.79
CA VAL A 108 17.86 16.53 -34.50
C VAL A 108 19.38 16.48 -34.39
N LYS A 109 20.08 16.95 -35.42
CA LYS A 109 21.53 16.78 -35.52
C LYS A 109 22.31 17.87 -34.80
N VAL A 110 21.71 19.03 -34.61
CA VAL A 110 22.23 20.12 -33.81
C VAL A 110 21.11 20.51 -32.85
N CYS A 111 21.44 20.62 -31.57
CA CYS A 111 20.44 20.97 -30.56
C CYS A 111 21.17 21.56 -29.37
N LYS A 112 21.46 22.86 -29.43
CA LYS A 112 22.28 23.54 -28.43
C LYS A 112 21.50 24.72 -27.86
N ILE A 113 21.26 24.68 -26.55
CA ILE A 113 20.57 25.77 -25.86
C ILE A 113 21.61 26.87 -25.68
N LEU A 114 21.39 28.02 -26.33
CA LEU A 114 22.33 29.12 -26.30
C LEU A 114 22.02 30.16 -25.23
N ASP A 115 20.77 30.28 -24.81
CA ASP A 115 20.39 31.28 -23.82
C ASP A 115 19.02 30.92 -23.29
N VAL A 116 18.73 31.37 -22.06
CA VAL A 116 17.41 31.22 -21.43
C VAL A 116 17.09 32.50 -20.70
N TYR A 117 15.79 32.75 -20.52
CA TYR A 117 15.32 33.95 -19.86
C TYR A 117 14.33 33.58 -18.77
N PHE A 118 14.56 34.09 -17.55
CA PHE A 118 13.67 33.90 -16.42
C PHE A 118 12.89 35.20 -16.15
N PRO A 119 11.58 35.25 -16.38
CA PRO A 119 10.82 36.44 -16.04
C PRO A 119 10.75 36.63 -14.53
N PRO A 120 10.47 37.86 -14.10
CA PRO A 120 10.46 38.12 -12.65
C PRO A 120 9.53 37.21 -11.88
N GLN A 121 8.33 36.95 -12.43
CA GLN A 121 7.38 36.08 -11.75
C GLN A 121 7.95 34.68 -11.55
N MET A 122 8.79 34.22 -12.47
CA MET A 122 9.37 32.89 -12.33
C MET A 122 10.46 32.88 -11.27
N LEU A 123 11.23 33.97 -11.17
CA LEU A 123 12.31 34.01 -10.19
C LEU A 123 11.78 33.85 -8.76
N VAL A 124 10.55 34.28 -8.51
CA VAL A 124 9.91 34.14 -7.21
C VAL A 124 9.93 32.70 -6.74
N GLN A 125 9.88 31.76 -7.68
CA GLN A 125 9.63 30.37 -7.36
C GLN A 125 10.89 29.58 -7.05
N TYR A 126 12.09 30.16 -7.21
CA TYR A 126 13.36 29.47 -7.06
C TYR A 126 14.17 30.14 -5.97
N ASP A 127 15.06 29.37 -5.37
CA ASP A 127 15.78 29.84 -4.19
C ASP A 127 16.71 31.00 -4.51
N GLY A 128 17.51 30.89 -5.58
CA GLY A 128 18.68 31.71 -5.74
C GLY A 128 19.67 31.46 -4.62
N PRO A 129 20.83 32.10 -4.68
CA PRO A 129 21.81 31.90 -3.61
C PRO A 129 21.37 32.51 -2.30
N GLU A 130 21.98 32.02 -1.22
CA GLU A 130 21.75 32.58 0.11
C GLU A 130 23.04 33.04 0.78
N TYR A 131 24.09 32.25 0.69
CA TYR A 131 25.40 32.59 1.25
C TYR A 131 26.29 32.99 0.09
N THR A 132 26.89 34.17 0.18
CA THR A 132 27.60 34.72 -0.97
C THR A 132 29.06 35.01 -0.66
N ILE A 133 29.76 35.45 -1.71
CA ILE A 133 31.13 35.92 -1.55
C ILE A 133 31.21 37.04 -0.53
N ASP A 134 30.14 37.85 -0.40
CA ASP A 134 30.15 38.91 0.61
C ASP A 134 30.16 38.33 2.02
N ASP A 135 29.42 37.24 2.23
CA ASP A 135 29.45 36.56 3.53
C ASP A 135 30.81 35.94 3.79
N MET A 136 31.44 35.39 2.75
CA MET A 136 32.75 34.78 2.98
C MET A 136 33.79 35.85 3.28
N ARG A 137 33.72 36.98 2.59
CA ARG A 137 34.64 38.08 2.92
C ARG A 137 34.46 38.51 4.36
N LYS A 138 33.22 38.56 4.83
CA LYS A 138 32.97 38.98 6.21
C LYS A 138 33.61 37.99 7.19
N TYR A 139 33.50 36.70 6.90
CA TYR A 139 34.13 35.72 7.79
C TYR A 139 35.64 35.86 7.75
N LEU A 140 36.20 36.10 6.56
CA LEU A 140 37.63 36.33 6.39
C LEU A 140 38.08 37.68 6.91
N ASN A 141 37.14 38.57 7.22
CA ASN A 141 37.44 39.91 7.71
C ASN A 141 38.27 40.69 6.69
N ILE A 142 37.86 40.60 5.43
CA ILE A 142 38.46 41.38 4.36
C ILE A 142 37.37 42.13 3.62
N GLN A 143 37.77 43.20 2.94
CA GLN A 143 36.86 43.98 2.13
C GLN A 143 37.46 44.18 0.75
N GLU A 144 36.58 44.19 -0.24
CA GLU A 144 36.85 44.58 -1.62
C GLU A 144 37.65 43.57 -2.42
N ARG A 145 38.79 43.10 -1.91
CA ARG A 145 39.72 42.39 -2.75
C ARG A 145 39.20 40.98 -3.09
N PRO A 146 39.74 40.36 -4.13
CA PRO A 146 39.36 38.98 -4.44
C PRO A 146 39.77 38.06 -3.30
N ILE A 147 39.14 36.90 -3.26
CA ILE A 147 39.54 35.86 -2.33
C ILE A 147 40.55 34.98 -3.06
N PHE A 148 41.75 34.88 -2.50
CA PHE A 148 42.83 34.16 -3.16
C PHE A 148 42.94 32.75 -2.59
N GLY A 149 42.73 31.76 -3.45
CA GLY A 149 42.66 30.38 -3.03
C GLY A 149 43.58 29.50 -3.84
N SER A 150 43.54 28.21 -3.51
CA SER A 150 44.51 27.29 -4.08
C SER A 150 43.87 25.92 -4.21
N ILE A 151 44.31 25.19 -5.22
CA ILE A 151 44.18 23.73 -5.27
C ILE A 151 45.49 23.14 -4.79
N ILE A 152 45.42 21.96 -4.23
CA ILE A 152 46.60 21.25 -3.73
C ILE A 152 47.12 20.33 -4.83
N LYS A 153 48.44 20.22 -4.93
CA LYS A 153 49.10 19.36 -5.90
C LYS A 153 50.10 18.48 -5.18
N PRO A 154 50.18 17.20 -5.53
CA PRO A 154 49.32 16.46 -6.47
C PRO A 154 47.89 16.46 -5.95
N LYS A 155 46.91 16.51 -6.86
CA LYS A 155 45.53 16.72 -6.44
C LYS A 155 44.97 15.51 -5.72
N ILE A 156 45.44 14.31 -6.04
CA ILE A 156 45.08 13.08 -5.34
C ILE A 156 46.35 12.31 -5.05
N GLY A 157 46.48 11.79 -3.83
CA GLY A 157 47.59 10.93 -3.47
C GLY A 157 48.26 11.31 -2.17
N LEU A 158 48.10 12.56 -1.74
CA LEU A 158 48.65 12.98 -0.47
C LEU A 158 47.86 12.34 0.68
N THR A 159 48.58 12.02 1.76
CA THR A 159 47.91 11.59 2.99
C THR A 159 47.16 12.76 3.60
N SER A 160 46.31 12.47 4.59
CA SER A 160 45.57 13.54 5.23
C SER A 160 46.51 14.58 5.84
N SER A 161 47.59 14.12 6.48
CA SER A 161 48.52 15.07 7.10
C SER A 161 49.30 15.84 6.04
N GLU A 162 49.74 15.18 4.96
CA GLU A 162 50.43 15.89 3.89
C GLU A 162 49.52 16.95 3.24
N TYR A 163 48.27 16.56 2.97
CA TYR A 163 47.32 17.49 2.37
C TYR A 163 47.11 18.71 3.28
N ALA A 164 46.87 18.47 4.56
CA ALA A 164 46.62 19.56 5.49
C ALA A 164 47.84 20.46 5.63
N GLU A 165 49.04 19.89 5.52
CA GLU A 165 50.24 20.71 5.72
C GLU A 165 50.40 21.70 4.58
N LEU A 166 50.05 21.29 3.35
CA LEU A 166 50.11 22.26 2.24
C LEU A 166 49.02 23.31 2.38
N CYS A 167 47.85 22.94 2.92
CA CYS A 167 46.87 23.95 3.28
C CYS A 167 47.47 24.93 4.29
N TYR A 168 48.11 24.39 5.33
CA TYR A 168 48.76 25.24 6.32
C TYR A 168 49.74 26.20 5.65
N ASP A 169 50.56 25.69 4.72
CA ASP A 169 51.57 26.55 4.09
C ASP A 169 50.91 27.67 3.31
N PHE A 170 49.89 27.33 2.52
CA PHE A 170 49.24 28.34 1.69
C PHE A 170 48.55 29.40 2.54
N TRP A 171 47.76 28.97 3.53
CA TRP A 171 47.10 29.92 4.42
C TRP A 171 48.13 30.75 5.19
N SER A 172 49.22 30.12 5.61
CA SER A 172 50.25 30.80 6.37
C SER A 172 50.86 31.95 5.59
N GLY A 173 50.96 31.81 4.28
CA GLY A 173 51.50 32.88 3.45
C GLY A 173 50.53 33.99 3.15
N GLY A 174 49.32 33.91 3.70
CA GLY A 174 48.29 34.88 3.48
C GLY A 174 47.18 34.42 2.58
N GLY A 175 47.29 33.22 1.98
CA GLY A 175 46.20 32.69 1.20
C GLY A 175 44.94 32.55 2.03
N ASP A 176 43.79 32.70 1.36
CA ASP A 176 42.51 32.72 2.07
C ASP A 176 41.77 31.38 2.09
N PHE A 177 41.90 30.58 1.04
CA PHE A 177 40.89 29.58 0.68
C PHE A 177 41.61 28.42 0.03
N VAL A 178 41.24 27.21 0.42
CA VAL A 178 41.71 26.00 -0.25
C VAL A 178 40.52 25.13 -0.57
N ASN A 180 39.31 21.15 -1.70
CA ASN A 180 39.55 19.76 -2.08
C ASN A 180 39.55 19.66 -3.61
N ASP A 181 40.22 18.65 -4.16
CA ASP A 181 40.04 18.26 -5.55
C ASP A 181 38.60 17.77 -5.75
N GLU A 182 38.05 17.99 -6.94
CA GLU A 182 36.65 17.69 -7.17
C GLU A 182 36.28 16.23 -6.92
N PRO A 183 37.19 15.25 -7.04
CA PRO A 183 36.84 13.88 -6.65
C PRO A 183 37.64 13.40 -5.44
N GLN A 184 38.21 14.34 -4.70
CA GLN A 184 38.83 14.02 -3.42
C GLN A 184 37.71 13.70 -2.43
N ALA A 185 37.78 12.52 -1.83
CA ALA A 185 36.68 12.03 -1.01
C ALA A 185 37.23 11.15 0.08
N ASP A 186 36.69 9.94 0.22
CA ASP A 186 37.10 9.01 1.27
C ASP A 186 38.00 7.92 0.73
N GLN A 187 39.02 8.30 -0.04
CA GLN A 187 40.05 7.34 -0.42
C GLN A 187 40.77 6.80 0.81
N ASP A 188 41.13 5.52 0.78
CA ASP A 188 41.69 4.89 1.97
C ASP A 188 43.04 5.50 2.34
N PHE A 189 43.77 6.06 1.39
CA PHE A 189 45.07 6.65 1.68
C PHE A 189 44.97 8.08 2.17
N CYS A 190 43.77 8.66 2.15
CA CYS A 190 43.53 9.99 2.69
C CYS A 190 42.12 10.01 3.22
N PRO A 191 41.83 9.22 4.26
CA PRO A 191 40.43 8.98 4.65
C PRO A 191 39.72 10.28 5.05
N TYR A 192 38.44 10.36 4.71
CA TYR A 192 37.68 11.62 4.90
C TYR A 192 37.71 12.10 6.33
N ASP A 193 37.54 11.22 7.29
CA ASP A 193 37.44 11.68 8.70
C ASP A 193 38.78 12.31 9.07
N LYS A 194 39.87 11.67 8.75
CA LYS A 194 41.15 12.25 9.11
C LYS A 194 41.45 13.49 8.28
N MET A 195 41.01 13.53 7.02
CA MET A 195 41.23 14.72 6.20
C MET A 195 40.61 15.94 6.85
N VAL A 196 39.36 15.83 7.30
CA VAL A 196 38.71 16.95 7.96
C VAL A 196 39.43 17.31 9.26
N GLN A 197 39.76 16.29 10.06
CA GLN A 197 40.42 16.54 11.33
C GLN A 197 41.76 17.23 11.14
N ASP A 198 42.56 16.75 10.19
CA ASP A 198 43.87 17.34 9.95
C ASP A 198 43.76 18.74 9.33
N VAL A 199 42.73 18.99 8.53
CA VAL A 199 42.51 20.35 8.03
C VAL A 199 42.21 21.28 9.19
N ARG A 200 41.33 20.86 10.11
CA ARG A 200 41.03 21.70 11.26
C ARG A 200 42.29 22.04 12.04
N HIS A 201 43.11 21.03 12.32
CA HIS A 201 44.31 21.26 13.11
C HIS A 201 45.26 22.20 12.38
N ALA A 202 45.40 22.03 11.07
CA ALA A 202 46.23 22.95 10.29
C ALA A 202 45.70 24.37 10.34
N MET A 203 44.38 24.53 10.21
CA MET A 203 43.77 25.85 10.27
C MET A 203 43.95 26.47 11.65
N ASP A 204 43.80 25.67 12.70
CA ASP A 204 44.02 26.20 14.04
C ASP A 204 45.42 26.80 14.17
N ARG A 205 46.43 26.13 13.61
CA ARG A 205 47.78 26.64 13.70
C ARG A 205 47.92 27.97 12.97
N VAL A 206 47.36 28.07 11.77
CA VAL A 206 47.43 29.33 11.04
C VAL A 206 46.73 30.44 11.82
N GLU A 207 45.55 30.16 12.36
CA GLU A 207 44.83 31.18 13.11
C GLU A 207 45.63 31.64 14.33
N GLN A 208 46.27 30.71 15.05
CA GLN A 208 47.06 31.08 16.22
C GLN A 208 48.28 31.90 15.81
N GLU A 209 48.90 31.55 14.69
CA GLU A 209 50.14 32.20 14.28
C GLU A 209 49.93 33.52 13.57
N THR A 210 48.85 33.67 12.79
CA THR A 210 48.64 34.87 12.01
C THR A 210 47.51 35.76 12.51
N GLY A 211 46.65 35.25 13.40
CA GLY A 211 45.47 35.98 13.83
C GLY A 211 44.35 36.05 12.82
N LYS A 212 44.46 35.35 11.70
CA LYS A 212 43.54 35.50 10.58
C LYS A 212 42.74 34.22 10.35
N THR A 213 41.46 34.40 10.01
CA THR A 213 40.61 33.28 9.64
C THR A 213 40.90 32.83 8.22
N LYS A 214 40.46 31.61 7.92
CA LYS A 214 40.70 30.96 6.63
C LYS A 214 39.51 30.08 6.31
N VAL A 215 39.41 29.64 5.06
CA VAL A 215 38.30 28.83 4.59
C VAL A 215 38.82 27.60 3.84
N HIS A 216 38.22 26.45 4.12
CA HIS A 216 38.45 25.25 3.35
C HIS A 216 37.14 24.73 2.77
N SER A 217 37.17 24.44 1.46
CA SER A 217 36.02 23.93 0.73
C SER A 217 36.14 22.41 0.61
N PHE A 218 35.24 21.70 1.28
CA PHE A 218 35.26 20.24 1.33
C PHE A 218 34.33 19.64 0.28
N ASN A 219 34.85 18.70 -0.49
CA ASN A 219 34.01 17.90 -1.39
C ASN A 219 33.15 16.97 -0.55
N ILE A 220 31.84 17.18 -0.56
CA ILE A 220 30.91 16.28 0.12
C ILE A 220 30.14 15.40 -0.86
N SER A 221 30.45 15.48 -2.14
CA SER A 221 29.82 14.61 -3.13
C SER A 221 30.06 13.16 -2.73
N SER A 222 29.03 12.34 -2.80
CA SER A 222 29.11 11.02 -2.21
C SER A 222 28.35 9.97 -3.03
N SER A 223 28.46 8.73 -2.59
CA SER A 223 27.62 7.67 -3.16
C SER A 223 26.14 8.01 -3.05
N ASP A 224 25.70 8.49 -1.88
CA ASP A 224 24.28 8.71 -1.66
C ASP A 224 24.06 9.88 -0.73
N TYR A 225 22.78 10.24 -0.61
CA TYR A 225 22.44 11.43 0.15
C TYR A 225 22.76 11.30 1.62
N ASP A 226 22.48 10.14 2.23
CA ASP A 226 22.75 9.98 3.64
C ASP A 226 24.25 10.16 3.93
N THR A 227 25.11 9.67 3.04
CA THR A 227 26.55 9.83 3.25
C THR A 227 26.95 11.30 3.11
N MET A 228 26.43 11.99 2.10
CA MET A 228 26.74 13.41 1.93
C MET A 228 26.32 14.21 3.17
N ILE A 229 25.11 13.98 3.66
CA ILE A 229 24.64 14.66 4.87
C ILE A 229 25.53 14.32 6.06
N LYS A 230 25.93 13.05 6.18
CA LYS A 230 26.79 12.68 7.30
C LYS A 230 28.12 13.42 7.23
N LYS A 231 28.66 13.59 6.02
CA LYS A 231 29.88 14.38 5.84
C LYS A 231 29.65 15.83 6.22
N ALA A 232 28.55 16.42 5.71
CA ALA A 232 28.28 17.82 6.02
C ALA A 232 28.12 18.04 7.52
N ASP A 233 27.38 17.15 8.19
CA ASP A 233 27.19 17.29 9.62
C ASP A 233 28.49 17.09 10.39
N TYR A 234 29.31 16.13 9.95
CA TYR A 234 30.61 15.92 10.56
C TYR A 234 31.48 17.18 10.45
N ILE A 235 31.54 17.75 9.25
CA ILE A 235 32.31 18.98 9.05
C ILE A 235 31.80 20.08 9.97
N GLN A 236 30.48 20.24 10.05
CA GLN A 236 29.94 21.28 10.93
C GLN A 236 30.34 21.04 12.38
N SER A 237 30.46 19.77 12.78
CA SER A 237 30.90 19.47 14.14
C SER A 237 32.39 19.67 14.33
N MET A 238 33.16 19.66 13.24
CA MET A 238 34.63 19.69 13.31
C MET A 238 35.22 21.06 13.01
N MET A 239 34.45 21.95 12.39
CA MET A 239 34.94 23.24 11.93
C MET A 239 34.05 24.38 12.39
N LYS A 240 34.69 25.52 12.67
CA LYS A 240 33.97 26.69 13.13
C LYS A 240 33.10 27.26 12.01
N PRO A 241 31.95 27.84 12.36
CA PRO A 241 31.08 28.42 11.33
C PRO A 241 31.82 29.45 10.50
N GLY A 242 31.66 29.36 9.18
CA GLY A 242 32.29 30.24 8.23
C GLY A 242 33.60 29.71 7.66
N SER A 243 34.27 28.82 8.39
CA SER A 243 35.59 28.34 8.01
C SER A 243 35.55 27.23 6.98
N TYR A 244 34.37 26.75 6.58
CA TYR A 244 34.25 25.70 5.59
C TYR A 244 33.21 26.06 4.56
N ALA A 245 33.45 25.60 3.34
CA ALA A 245 32.46 25.59 2.27
C ALA A 245 32.16 24.15 1.88
N PHE A 246 31.03 23.93 1.21
CA PHE A 246 30.64 22.61 0.73
C PHE A 246 30.78 22.57 -0.80
N LEU A 247 31.72 21.76 -1.27
CA LEU A 247 31.94 21.53 -2.70
C LEU A 247 31.07 20.35 -3.12
N VAL A 248 30.23 20.58 -4.12
CA VAL A 248 29.40 19.55 -4.73
C VAL A 248 29.73 19.48 -6.21
N ASP A 249 29.98 18.26 -6.69
CA ASP A 249 30.18 18.02 -8.12
C ASP A 249 28.84 18.09 -8.83
N GLY A 250 28.42 19.29 -9.23
CA GLY A 250 27.03 19.48 -9.60
C GLY A 250 26.59 18.68 -10.81
N ILE A 251 27.51 18.44 -11.74
CA ILE A 251 27.13 17.74 -12.97
C ILE A 251 27.04 16.25 -12.73
N THR A 252 28.04 15.67 -12.06
CA THR A 252 28.04 14.22 -11.85
C THR A 252 27.18 13.79 -10.67
N ALA A 253 27.27 14.49 -9.53
CA ALA A 253 26.39 14.14 -8.41
C ALA A 253 24.94 14.53 -8.72
N GLY A 254 24.75 15.68 -9.37
CA GLY A 254 23.45 16.09 -9.85
C GLY A 254 22.91 17.41 -9.34
N TRP A 255 21.95 17.97 -10.08
CA TRP A 255 21.27 19.19 -9.65
C TRP A 255 20.58 19.01 -8.32
N MET A 256 20.06 17.81 -8.04
CA MET A 256 19.39 17.59 -6.78
C MET A 256 20.36 17.75 -5.63
N ALA A 257 21.62 17.37 -5.83
CA ALA A 257 22.58 17.50 -4.74
C ALA A 257 22.87 18.97 -4.45
N ILE A 258 22.95 19.79 -5.49
CA ILE A 258 23.12 21.24 -5.33
C ILE A 258 21.96 21.82 -4.51
N GLN A 259 20.72 21.53 -4.91
CA GLN A 259 19.59 22.15 -4.21
C GLN A 259 19.49 21.63 -2.79
N THR A 260 19.82 20.37 -2.56
CA THR A 260 19.73 19.81 -1.21
C THR A 260 20.64 20.54 -0.24
N ILE A 261 21.89 20.80 -0.66
CA ILE A 261 22.83 21.46 0.22
C ILE A 261 22.45 22.93 0.39
N ARG A 262 21.96 23.57 -0.68
CA ARG A 262 21.48 24.94 -0.61
C ARG A 262 20.39 25.08 0.45
N ARG A 263 19.51 24.09 0.56
CA ARG A 263 18.39 24.20 1.46
C ARG A 263 18.69 23.67 2.86
N LYS A 264 19.48 22.62 2.96
CA LYS A 264 19.75 22.04 4.28
C LYS A 264 20.84 22.81 5.03
N TYR A 265 21.73 23.49 4.31
CA TYR A 265 22.85 24.23 4.89
C TYR A 265 22.90 25.61 4.25
N PRO A 266 21.82 26.39 4.38
CA PRO A 266 21.72 27.66 3.65
C PRO A 266 22.78 28.67 4.04
N ASN A 267 23.34 28.58 5.24
CA ASN A 267 24.34 29.53 5.71
C ASN A 267 25.76 29.02 5.53
N VAL A 268 25.97 28.14 4.55
CA VAL A 268 27.28 27.64 4.16
C VAL A 268 27.46 27.90 2.68
N PHE A 269 28.63 28.42 2.30
CA PHE A 269 28.97 28.63 0.90
C PHE A 269 28.87 27.32 0.14
N LEU A 270 28.08 27.35 -0.92
CA LEU A 270 27.81 26.19 -1.76
C LEU A 270 28.65 26.35 -3.03
N HIS A 271 29.66 25.52 -3.15
CA HIS A 271 30.67 25.55 -4.20
C HIS A 271 30.30 24.54 -5.27
N PHE A 272 29.80 25.04 -6.40
CA PHE A 272 29.39 24.21 -7.54
C PHE A 272 30.64 23.93 -8.35
N HIS A 273 31.15 22.71 -8.24
CA HIS A 273 32.26 22.28 -9.07
C HIS A 273 31.65 21.68 -10.34
N ARG A 274 31.94 22.31 -11.49
CA ARG A 274 31.23 21.92 -12.71
C ARG A 274 31.94 20.85 -13.52
N ALA A 275 32.86 20.09 -12.92
CA ALA A 275 33.51 19.00 -13.63
C ALA A 275 32.48 18.13 -14.36
N GLY A 276 32.70 17.93 -15.66
CA GLY A 276 31.81 17.18 -16.50
C GLY A 276 30.95 18.03 -17.42
N HIS A 277 30.86 19.34 -17.13
CA HIS A 277 29.98 20.20 -17.91
C HIS A 277 30.34 20.22 -19.38
N GLY A 278 31.60 19.97 -19.72
CA GLY A 278 32.03 20.15 -21.10
C GLY A 278 31.22 19.36 -22.10
N ALA A 279 30.73 18.18 -21.71
CA ALA A 279 29.91 17.42 -22.65
C ALA A 279 28.66 18.21 -23.03
N PHE A 280 28.12 18.98 -22.10
CA PHE A 280 26.97 19.83 -22.43
C PHE A 280 27.43 21.08 -23.17
N THR A 281 28.54 21.69 -22.71
CA THR A 281 28.78 23.09 -23.03
C THR A 281 29.81 23.36 -24.12
N ARG A 282 30.66 22.40 -24.46
CA ARG A 282 31.76 22.68 -25.35
C ARG A 282 31.29 23.07 -26.75
N ASP A 283 32.00 24.02 -27.36
CA ASP A 283 31.66 24.44 -28.71
C ASP A 283 31.67 23.29 -29.68
N GLU A 284 32.55 22.30 -29.45
CA GLU A 284 32.72 21.19 -30.37
C GLU A 284 31.51 20.26 -30.37
N ASN A 285 30.65 20.34 -29.36
CA ASN A 285 29.52 19.43 -29.22
C ASN A 285 28.27 20.12 -29.72
N PRO A 286 27.70 19.73 -30.86
CA PRO A 286 26.51 20.45 -31.36
C PRO A 286 25.27 20.22 -30.52
N ILE A 287 25.30 19.29 -29.58
CA ILE A 287 24.15 18.94 -28.74
C ILE A 287 24.49 19.27 -27.30
N GLY A 288 23.68 20.12 -26.68
CA GLY A 288 23.89 20.44 -25.27
C GLY A 288 23.36 21.82 -24.92
N TYR A 289 24.02 22.46 -23.96
CA TYR A 289 23.69 23.82 -23.55
C TYR A 289 24.97 24.53 -23.15
N THR A 290 24.99 25.85 -23.32
CA THR A 290 26.26 26.57 -23.23
C THR A 290 26.61 26.90 -21.78
N VAL A 291 27.85 27.32 -21.58
CA VAL A 291 28.34 27.73 -20.26
C VAL A 291 27.50 28.85 -19.67
N PRO A 292 27.10 29.89 -20.43
CA PRO A 292 26.24 30.91 -19.83
C PRO A 292 24.92 30.33 -19.34
N VAL A 293 24.35 29.39 -20.07
CA VAL A 293 23.11 28.77 -19.63
C VAL A 293 23.35 27.97 -18.35
N LEU A 294 24.41 27.16 -18.31
CA LEU A 294 24.73 26.45 -17.08
C LEU A 294 24.82 27.41 -15.89
N THR A 295 25.53 28.52 -16.09
CA THR A 295 25.73 29.49 -15.02
C THR A 295 24.40 30.08 -14.55
N LYS A 296 23.51 30.39 -15.47
CA LYS A 296 22.22 30.93 -15.07
C LYS A 296 21.45 29.95 -14.20
N PHE A 297 21.43 28.68 -14.60
CA PHE A 297 20.72 27.69 -13.79
C PHE A 297 21.42 27.42 -12.48
N ALA A 298 22.75 27.53 -12.43
CA ALA A 298 23.42 27.36 -11.15
C ALA A 298 23.03 28.47 -10.17
N ARG A 299 22.88 29.70 -10.66
CA ARG A 299 22.46 30.79 -9.78
C ARG A 299 21.02 30.58 -9.33
N LEU A 300 20.14 30.20 -10.25
CA LEU A 300 18.75 29.91 -9.91
C LEU A 300 18.65 28.83 -8.84
N ALA A 301 19.46 27.79 -8.97
CA ALA A 301 19.48 26.67 -8.02
C ALA A 301 20.08 27.08 -6.68
N GLY A 302 20.88 28.13 -6.64
CA GLY A 302 21.35 28.69 -5.39
C GLY A 302 22.83 28.44 -5.06
N ALA A 303 23.65 28.02 -6.02
CA ALA A 303 25.08 27.92 -5.79
C ALA A 303 25.63 29.28 -5.39
N SER A 304 26.54 29.28 -4.42
CA SER A 304 27.24 30.49 -4.04
C SER A 304 28.37 30.82 -4.99
N GLY A 305 28.94 29.82 -5.62
CA GLY A 305 30.04 30.00 -6.56
C GLY A 305 30.03 28.89 -7.58
N ILE A 306 30.54 29.18 -8.77
CA ILE A 306 30.70 28.18 -9.81
C ILE A 306 31.96 28.53 -10.58
N HIS A 307 32.61 27.51 -11.13
CA HIS A 307 33.89 27.78 -11.79
C HIS A 307 33.72 28.45 -13.14
N THR A 308 34.75 29.21 -13.50
CA THR A 308 34.97 29.68 -14.85
C THR A 308 36.46 29.53 -15.16
N GLY A 309 36.86 29.91 -16.38
CA GLY A 309 38.25 30.06 -16.71
C GLY A 309 38.77 31.45 -16.36
N THR A 310 39.92 31.78 -16.95
CA THR A 310 40.70 32.96 -16.60
C THR A 310 40.49 34.14 -17.57
N ALA A 311 39.41 34.12 -18.34
CA ALA A 311 39.08 35.19 -19.30
C ALA A 311 40.24 35.42 -20.26
N GLY A 312 40.82 34.31 -20.72
CA GLY A 312 41.93 34.34 -21.65
C GLY A 312 43.29 34.69 -21.06
N ILE A 313 43.37 35.06 -19.79
CA ILE A 313 44.63 35.52 -19.22
C ILE A 313 45.52 34.33 -18.90
N GLY A 314 46.80 34.43 -19.23
CA GLY A 314 47.70 33.32 -19.08
C GLY A 314 47.52 32.27 -20.16
N LYS A 315 46.33 31.70 -20.25
CA LYS A 315 45.98 30.81 -21.35
C LYS A 315 46.46 31.41 -22.66
N MET A 316 47.23 30.64 -23.41
CA MET A 316 47.60 31.10 -24.75
C MET A 316 46.33 31.24 -25.58
N ALA A 317 46.22 32.35 -26.30
CA ALA A 317 44.99 32.64 -27.06
C ALA A 317 43.84 32.70 -26.05
N GLY A 318 42.68 32.14 -26.37
CA GLY A 318 41.56 32.16 -25.45
C GLY A 318 40.81 33.48 -25.47
N SER A 319 39.51 33.40 -25.70
CA SER A 319 38.69 34.60 -25.66
C SER A 319 38.19 34.86 -24.24
N PRO A 320 38.15 36.11 -23.79
CA PRO A 320 37.54 36.39 -22.49
C PRO A 320 36.03 36.40 -22.49
N LYS A 321 35.40 36.34 -23.67
CA LYS A 321 33.97 36.66 -23.75
C LYS A 321 33.14 35.73 -22.86
N GLU A 322 33.39 34.43 -22.95
CA GLU A 322 32.50 33.50 -22.25
C GLU A 322 32.65 33.61 -20.74
N ASP A 323 33.89 33.68 -20.26
CA ASP A 323 34.11 33.76 -18.83
C ASP A 323 33.54 35.06 -18.25
N VAL A 324 33.65 36.16 -19.00
CA VAL A 324 33.10 37.41 -18.48
C VAL A 324 31.58 37.37 -18.50
N MET A 325 30.99 36.84 -19.57
CA MET A 325 29.55 36.63 -19.59
C MET A 325 29.10 35.81 -18.38
N ALA A 326 29.80 34.72 -18.12
CA ALA A 326 29.43 33.86 -16.99
C ALA A 326 29.57 34.61 -15.67
N ALA A 327 30.68 35.35 -15.50
CA ALA A 327 30.88 36.09 -14.25
C ALA A 327 29.77 37.09 -14.02
N ARG A 328 29.31 37.77 -15.08
CA ARG A 328 28.25 38.76 -14.92
C ARG A 328 26.89 38.09 -14.67
N HIS A 329 26.60 36.99 -15.38
CA HIS A 329 25.39 36.22 -15.05
C HIS A 329 25.38 35.81 -13.58
N ALA A 330 26.57 35.47 -13.05
CA ALA A 330 26.68 35.02 -11.66
C ALA A 330 26.48 36.18 -10.70
N LEU A 331 27.15 37.31 -10.95
CA LEU A 331 27.26 38.36 -9.94
C LEU A 331 26.25 39.49 -10.02
N LYS A 332 25.77 39.84 -11.20
CA LYS A 332 25.14 41.14 -11.36
C LYS A 332 23.61 41.12 -11.22
N LEU A 333 23.09 42.30 -10.89
CA LEU A 333 21.64 42.53 -10.92
C LEU A 333 21.13 42.50 -12.36
N TYR A 334 21.90 43.08 -13.27
CA TYR A 334 21.59 43.10 -14.71
C TYR A 334 22.70 42.37 -15.45
N SER A 335 22.35 41.32 -16.18
CA SER A 335 23.32 40.59 -16.99
C SER A 335 22.71 40.31 -18.36
N GLU A 336 23.57 39.95 -19.30
CA GLU A 336 23.18 39.74 -20.69
C GLU A 336 23.79 38.45 -21.20
N GLY A 337 22.97 37.64 -21.86
CA GLY A 337 23.46 36.54 -22.67
C GLY A 337 23.58 36.96 -24.12
N ASP A 338 23.77 35.98 -24.99
CA ASP A 338 23.82 36.29 -26.41
C ASP A 338 22.45 36.75 -26.94
N TYR A 339 21.35 36.36 -26.28
CA TYR A 339 20.02 36.62 -26.84
C TYR A 339 19.06 37.33 -25.89
N PHE A 340 19.26 37.17 -24.58
CA PHE A 340 18.35 37.72 -23.60
C PHE A 340 19.06 38.58 -22.56
N LYS A 341 18.41 39.70 -22.24
CA LYS A 341 18.77 40.51 -21.09
C LYS A 341 18.09 39.92 -19.85
N GLN A 342 18.78 39.95 -18.72
CA GLN A 342 18.27 39.35 -17.50
C GLN A 342 18.41 40.32 -16.35
N ILE A 343 17.27 40.67 -15.72
CA ILE A 343 17.29 41.32 -14.43
C ILE A 343 17.07 40.25 -13.38
N TRP A 344 17.99 40.17 -12.43
CA TRP A 344 17.96 39.12 -11.40
C TRP A 344 17.19 39.63 -10.18
N SER A 345 15.90 39.84 -10.43
CA SER A 345 15.02 40.36 -9.40
C SER A 345 13.59 40.06 -9.79
N GLU A 346 12.77 39.80 -8.77
CA GLU A 346 11.34 39.72 -8.99
C GLU A 346 10.67 41.09 -9.12
N ILE A 347 11.39 42.17 -8.87
CA ILE A 347 10.80 43.51 -9.00
C ILE A 347 10.51 43.79 -10.48
N PRO A 348 9.32 44.26 -10.84
CA PRO A 348 9.07 44.56 -12.27
C PRO A 348 10.02 45.62 -12.79
N GLU A 349 10.39 45.48 -14.07
CA GLU A 349 11.46 46.27 -14.66
C GLU A 349 11.23 47.77 -14.55
N LYS A 350 9.97 48.20 -14.54
CA LYS A 350 9.66 49.62 -14.53
C LYS A 350 9.89 50.28 -13.18
N ASP A 351 10.15 49.50 -12.13
CA ASP A 351 10.26 50.06 -10.78
C ASP A 351 11.43 51.04 -10.71
N ALA A 352 11.18 52.19 -10.08
CA ALA A 352 12.19 53.25 -10.03
C ALA A 352 13.37 52.84 -9.16
N ASP A 353 13.12 52.18 -8.04
CA ASP A 353 14.22 51.75 -7.18
C ASP A 353 15.09 50.71 -7.88
N LEU A 354 14.47 49.81 -8.64
CA LEU A 354 15.23 48.82 -9.37
C LEU A 354 16.11 49.47 -10.43
N GLN A 355 15.53 50.38 -11.24
CA GLN A 355 16.32 51.01 -12.28
C GLN A 355 17.48 51.80 -11.69
N LEU A 356 17.25 52.47 -10.56
CA LEU A 356 18.33 53.19 -9.90
C LEU A 356 19.42 52.23 -9.43
N ALA A 357 19.02 51.09 -8.88
CA ALA A 357 20.02 50.09 -8.47
C ALA A 357 20.80 49.57 -9.66
N ILE A 358 20.13 49.42 -10.81
CA ILE A 358 20.82 48.98 -12.01
C ILE A 358 21.85 50.03 -12.44
N GLN A 359 21.46 51.30 -12.39
CA GLN A 359 22.38 52.38 -12.74
C GLN A 359 23.52 52.45 -11.73
N LYS A 360 23.22 52.30 -10.43
CA LYS A 360 24.27 52.32 -9.42
C LYS A 360 25.22 51.13 -9.56
N GLU A 361 24.70 49.98 -10.00
CA GLU A 361 25.58 48.86 -10.31
C GLU A 361 26.59 49.21 -11.39
N ALA A 362 26.12 49.90 -12.43
CA ALA A 362 27.03 50.35 -13.48
C ALA A 362 28.10 51.28 -12.94
N GLU A 363 27.77 52.04 -11.88
CA GLU A 363 28.72 52.92 -11.20
C GLU A 363 29.58 52.19 -10.19
N GLY A 364 29.38 50.89 -10.00
CA GLY A 364 30.22 50.10 -9.12
C GLY A 364 29.67 49.81 -7.74
N GLU A 365 28.38 50.07 -7.48
CA GLU A 365 27.80 49.90 -6.16
C GLU A 365 26.96 48.63 -6.08
N ASP A 366 27.04 47.95 -4.93
CA ASP A 366 26.24 46.76 -4.69
C ASP A 366 24.76 47.13 -4.63
N TYR A 367 23.90 46.13 -4.90
CA TYR A 367 22.47 46.36 -4.99
C TYR A 367 21.69 45.70 -3.85
N SER A 368 22.35 45.40 -2.74
CA SER A 368 21.67 44.78 -1.61
C SER A 368 20.62 45.72 -1.00
N ASN A 369 20.73 47.02 -1.25
CA ASN A 369 19.76 47.97 -0.71
C ASN A 369 18.35 47.68 -1.18
N LEU A 370 18.19 46.95 -2.29
CA LEU A 370 16.86 46.58 -2.76
C LEU A 370 16.15 45.61 -1.82
N GLY A 371 16.89 44.95 -0.94
CA GLY A 371 16.32 43.90 -0.11
C GLY A 371 16.61 42.52 -0.67
N TYR A 372 17.33 41.70 0.11
CA TYR A 372 17.70 40.38 -0.38
C TYR A 372 16.48 39.53 -0.72
N TRP A 373 15.33 39.85 -0.13
CA TRP A 373 14.08 39.14 -0.37
C TRP A 373 13.41 39.55 -1.67
N ARG A 374 13.95 40.54 -2.37
CA ARG A 374 13.41 41.00 -3.64
C ARG A 374 14.36 40.79 -4.80
N ILE A 375 15.56 40.27 -4.57
CA ILE A 375 16.53 40.05 -5.63
C ILE A 375 16.95 38.59 -5.59
N THR A 376 17.61 38.18 -6.65
CA THR A 376 18.39 36.95 -6.65
C THR A 376 19.81 37.31 -6.25
N LYS A 377 20.26 36.77 -5.13
CA LYS A 377 21.57 37.15 -4.58
C LYS A 377 22.68 36.72 -5.52
N LYS A 378 23.89 37.27 -5.29
CA LYS A 378 24.97 37.08 -6.24
C LYS A 378 25.67 35.75 -6.01
N MET A 379 26.08 35.13 -7.11
CA MET A 379 26.96 33.98 -7.11
C MET A 379 28.26 34.44 -7.74
N CYS A 380 29.36 33.85 -7.32
CA CYS A 380 30.63 34.37 -7.80
C CYS A 380 31.36 33.34 -8.65
N PRO A 381 32.18 33.80 -9.58
CA PRO A 381 33.07 32.89 -10.32
C PRO A 381 34.23 32.43 -9.45
N ILE A 382 34.63 31.18 -9.68
CA ILE A 382 35.78 30.55 -9.06
C ILE A 382 36.75 30.24 -10.19
N ILE A 383 37.92 30.86 -10.15
CA ILE A 383 38.76 30.97 -11.33
C ILE A 383 39.77 29.83 -11.38
N SER A 384 39.67 28.98 -12.39
CA SER A 384 40.56 27.84 -12.57
C SER A 384 41.39 28.03 -13.84
N GLY A 385 42.69 27.80 -13.74
CA GLY A 385 43.60 27.97 -14.85
C GLY A 385 44.88 28.65 -14.42
N GLY A 386 45.73 29.00 -15.39
CA GLY A 386 47.09 29.38 -15.10
C GLY A 386 47.39 30.82 -14.71
N LEU A 387 46.71 31.31 -13.68
CA LEU A 387 47.08 32.60 -13.08
C LEU A 387 48.27 32.43 -12.13
N ASN A 388 48.96 33.53 -11.90
CA ASN A 388 50.14 33.59 -11.03
C ASN A 388 50.26 35.06 -10.64
N PRO A 389 51.20 35.44 -9.76
CA PRO A 389 51.26 36.84 -9.32
C PRO A 389 51.44 37.83 -10.46
N LEU A 390 52.09 37.43 -11.55
CA LEU A 390 52.33 38.37 -12.65
C LEU A 390 51.07 38.63 -13.45
N LEU A 391 50.02 37.85 -13.23
CA LEU A 391 48.83 37.93 -14.05
C LEU A 391 47.58 38.35 -13.31
N ILE A 392 47.60 38.42 -11.99
CA ILE A 392 46.37 38.68 -11.25
C ILE A 392 45.85 40.08 -11.54
N GLY A 393 46.76 41.06 -11.67
CA GLY A 393 46.31 42.40 -12.00
C GLY A 393 45.64 42.46 -13.36
N LYS A 394 46.27 41.87 -14.38
CA LYS A 394 45.66 41.88 -15.70
C LYS A 394 44.31 41.17 -15.66
N PHE A 395 44.20 40.10 -14.88
CA PHE A 395 42.93 39.39 -14.81
C PHE A 395 41.83 40.27 -14.21
N ILE A 396 42.12 40.92 -13.09
CA ILE A 396 41.12 41.82 -12.49
C ILE A 396 40.65 42.84 -13.53
N ASP A 397 41.59 43.42 -14.25
CA ASP A 397 41.26 44.45 -15.22
C ASP A 397 40.43 43.88 -16.38
N THR A 398 40.61 42.60 -16.67
CA THR A 398 39.92 41.97 -17.80
C THR A 398 38.51 41.56 -17.41
N VAL A 399 38.36 40.88 -16.27
CA VAL A 399 37.04 40.42 -15.84
C VAL A 399 36.22 41.58 -15.30
N GLY A 400 36.86 42.68 -14.90
CA GLY A 400 36.15 43.87 -14.53
C GLY A 400 35.48 43.82 -13.17
N THR A 401 35.93 42.93 -12.30
CA THR A 401 35.41 42.84 -10.94
C THR A 401 36.49 42.23 -10.07
N GLN A 402 36.37 42.48 -8.76
CA GLN A 402 37.18 41.78 -7.76
C GLN A 402 36.40 40.70 -7.04
N ASP A 403 35.14 40.49 -7.42
CA ASP A 403 34.28 39.53 -6.73
C ASP A 403 34.48 38.14 -7.34
N PHE A 404 35.67 37.59 -7.10
CA PHE A 404 35.94 36.22 -7.51
C PHE A 404 36.84 35.54 -6.49
N ILE A 405 36.89 34.22 -6.59
CA ILE A 405 37.77 33.36 -5.81
C ILE A 405 38.73 32.69 -6.78
N THR A 406 40.03 32.86 -6.58
CA THR A 406 40.99 32.13 -7.39
C THR A 406 41.26 30.77 -6.75
N THR A 407 41.57 29.78 -7.58
CA THR A 407 42.02 28.46 -7.10
C THR A 407 43.25 28.08 -7.91
N MET A 408 44.37 28.68 -7.50
CA MET A 408 45.65 28.57 -8.20
C MET A 408 46.39 27.33 -7.71
N GLY A 409 47.03 26.64 -8.64
CA GLY A 409 47.90 25.53 -8.30
C GLY A 409 49.33 25.93 -8.56
N ALA A 410 49.78 25.77 -9.80
CA ALA A 410 51.17 26.06 -10.14
C ALA A 410 51.55 27.49 -9.80
N GLY A 411 50.60 28.42 -9.90
CA GLY A 411 50.89 29.81 -9.68
C GLY A 411 51.20 30.16 -8.24
N VAL A 412 51.06 29.21 -7.32
CA VAL A 412 51.59 29.35 -5.96
C VAL A 412 52.56 28.24 -5.60
N HIS A 413 52.26 26.99 -5.93
CA HIS A 413 53.09 25.90 -5.45
C HIS A 413 54.42 25.78 -6.18
N SER A 414 54.54 26.32 -7.38
CA SER A 414 55.81 26.28 -8.09
C SER A 414 56.71 27.45 -7.72
N HIS A 415 56.25 28.35 -6.88
CA HIS A 415 57.08 29.48 -6.48
C HIS A 415 58.42 28.94 -5.92
N PRO A 416 59.55 29.47 -6.38
CA PRO A 416 60.84 28.88 -5.97
C PRO A 416 61.09 28.93 -4.47
N MET A 417 60.42 29.79 -3.72
CA MET A 417 60.56 29.82 -2.27
C MET A 417 59.55 28.95 -1.55
N GLY A 418 58.61 28.36 -2.25
CA GLY A 418 57.64 27.45 -1.67
C GLY A 418 56.24 28.04 -1.67
N THR A 419 55.30 27.18 -1.25
CA THR A 419 53.88 27.53 -1.30
C THR A 419 53.55 28.74 -0.43
N LYS A 420 54.11 28.80 0.78
CA LYS A 420 53.84 29.95 1.63
C LYS A 420 54.27 31.24 0.93
N ALA A 421 55.52 31.28 0.49
CA ALA A 421 55.98 32.46 -0.26
C ALA A 421 55.15 32.69 -1.51
N GLY A 422 54.67 31.62 -2.15
CA GLY A 422 53.85 31.78 -3.35
C GLY A 422 52.55 32.51 -3.07
N ALA A 423 51.90 32.17 -1.96
CA ALA A 423 50.69 32.88 -1.57
C ALA A 423 51.00 34.33 -1.25
N THR A 424 52.11 34.58 -0.57
CA THR A 424 52.49 35.94 -0.25
C THR A 424 52.69 36.74 -1.52
N ALA A 425 53.31 36.12 -2.54
CA ALA A 425 53.59 36.84 -3.78
C ALA A 425 52.31 37.26 -4.47
N VAL A 426 51.26 36.44 -4.40
CA VAL A 426 49.98 36.82 -4.99
C VAL A 426 49.40 38.02 -4.27
N LEU A 427 49.41 38.00 -2.93
CA LEU A 427 48.92 39.17 -2.20
C LEU A 427 49.74 40.41 -2.53
N GLN A 428 51.06 40.26 -2.62
CA GLN A 428 51.90 41.42 -2.93
C GLN A 428 51.60 41.95 -4.31
N ALA A 429 51.38 41.06 -5.28
CA ALA A 429 51.01 41.50 -6.61
C ALA A 429 49.67 42.22 -6.59
N TYR A 430 48.72 41.71 -5.79
CA TYR A 430 47.44 42.40 -5.69
C TYR A 430 47.62 43.81 -5.13
N GLU A 431 48.45 43.96 -4.09
CA GLU A 431 48.71 45.27 -3.52
C GLU A 431 49.30 46.22 -4.55
N ALA A 432 50.24 45.72 -5.37
CA ALA A 432 50.83 46.54 -6.42
C ALA A 432 49.76 47.01 -7.40
N TRP A 433 48.84 46.12 -7.78
CA TRP A 433 47.74 46.50 -8.66
C TRP A 433 46.89 47.57 -8.01
N LYS A 434 46.53 47.36 -6.73
CA LYS A 434 45.65 48.29 -6.04
C LYS A 434 46.29 49.67 -5.91
N GLN A 435 47.58 49.71 -5.56
CA GLN A 435 48.29 50.96 -5.33
C GLN A 435 48.85 51.57 -6.61
N LYS A 436 48.63 50.91 -7.75
CA LYS A 436 49.10 51.40 -9.05
C LYS A 436 50.62 51.56 -9.07
N ILE A 437 51.31 50.53 -8.55
CA ILE A 437 52.77 50.43 -8.58
C ILE A 437 53.11 49.24 -9.47
N SER A 438 54.15 49.41 -10.31
CA SER A 438 54.57 48.30 -11.15
C SER A 438 55.00 47.13 -10.28
N LEU A 439 54.83 45.92 -10.80
CA LEU A 439 55.34 44.74 -10.09
C LEU A 439 56.82 44.91 -9.76
N GLU A 440 57.60 45.34 -10.75
CA GLU A 440 59.05 45.45 -10.57
C GLU A 440 59.39 46.41 -9.44
N ASP A 441 58.72 47.56 -9.41
CA ASP A 441 58.98 48.52 -8.34
C ASP A 441 58.50 48.00 -6.99
N TYR A 442 57.30 47.42 -6.95
CA TYR A 442 56.75 46.92 -5.70
C TYR A 442 57.61 45.79 -5.13
N ALA A 443 58.30 45.05 -6.00
CA ALA A 443 59.09 43.91 -5.60
C ALA A 443 60.51 44.27 -5.16
N LYS A 444 60.93 45.53 -5.31
CA LYS A 444 62.26 45.93 -4.84
C LYS A 444 62.42 45.66 -3.36
N ASP A 445 61.32 45.75 -2.62
CA ASP A 445 61.22 45.62 -1.17
C ASP A 445 60.77 44.23 -0.71
N LYS A 446 60.42 43.34 -1.63
CA LYS A 446 59.58 42.18 -1.31
C LYS A 446 60.09 40.97 -2.08
N GLU A 447 60.81 40.09 -1.38
CA GLU A 447 61.54 39.04 -2.07
C GLU A 447 60.60 38.00 -2.68
N GLU A 448 59.45 37.75 -2.05
CA GLU A 448 58.51 36.80 -2.61
C GLU A 448 58.05 37.23 -4.01
N LEU A 449 57.59 38.47 -4.12
CA LEU A 449 57.17 38.95 -5.43
C LEU A 449 58.35 39.05 -6.39
N ARG A 450 59.50 39.49 -5.90
CA ARG A 450 60.66 39.59 -6.77
C ARG A 450 61.02 38.22 -7.35
N ALA A 451 60.98 37.18 -6.52
CA ALA A 451 61.25 35.82 -7.00
C ALA A 451 60.19 35.38 -7.99
N ALA A 452 58.94 35.79 -7.79
CA ALA A 452 57.87 35.41 -8.71
C ALA A 452 58.06 36.05 -10.08
N ILE A 453 58.52 37.29 -10.11
CA ILE A 453 58.81 37.96 -11.38
C ILE A 453 59.83 37.17 -12.17
N GLN A 454 60.92 36.76 -11.51
CA GLN A 454 61.98 36.04 -12.21
C GLN A 454 61.51 34.67 -12.66
N PHE A 455 60.66 34.03 -11.87
CA PHE A 455 60.32 32.64 -12.12
C PHE A 455 59.16 32.49 -13.12
N TYR A 456 58.07 33.23 -12.94
CA TYR A 456 56.88 32.99 -13.75
C TYR A 456 56.96 33.66 -15.12
N ASP A 457 57.96 34.50 -15.35
CA ASP A 457 58.19 35.01 -16.70
C ASP A 457 58.64 33.90 -17.63
N LYS A 458 59.52 33.02 -17.14
CA LYS A 458 60.28 32.10 -17.96
C LYS A 458 59.97 30.63 -17.74
N HIS A 459 59.52 30.25 -16.55
CA HIS A 459 59.43 28.83 -16.19
C HIS A 459 58.50 28.08 -17.14
N GLU A 460 58.97 26.91 -17.59
CA GLU A 460 58.13 25.97 -18.33
C GLU A 460 57.55 24.99 -17.30
N GLU A 461 56.29 25.18 -16.95
CA GLU A 461 55.70 24.39 -15.88
C GLU A 461 55.54 22.94 -16.31
N PRO A 462 56.12 21.98 -15.58
CA PRO A 462 55.94 20.57 -15.99
C PRO A 462 54.49 20.12 -16.00
N SER A 463 53.68 20.60 -15.07
CA SER A 463 52.28 20.19 -14.98
C SER A 463 51.43 21.43 -14.79
N PRO A 464 51.13 22.14 -15.88
CA PRO A 464 50.33 23.37 -15.75
C PRO A 464 48.95 23.09 -15.16
N ASP A 465 48.43 24.10 -14.47
CA ASP A 465 47.04 24.07 -14.08
C ASP A 465 46.15 23.86 -15.30
N ARG A 466 45.03 23.15 -15.10
CA ARG A 466 44.11 22.82 -16.18
C ARG A 466 42.76 23.48 -15.96
N PRO A 467 41.92 23.55 -16.98
CA PRO A 467 40.60 24.15 -16.81
C PRO A 467 39.69 23.38 -15.86
N VAL A 468 38.68 24.09 -15.38
CA VAL A 468 37.47 23.54 -14.78
C VAL A 468 36.33 24.22 -15.50
N MET B 1 -43.77 -13.97 -6.08
CA MET B 1 -43.62 -12.53 -5.75
C MET B 1 -44.98 -11.85 -5.68
N GLN B 2 -45.16 -11.00 -4.67
CA GLN B 2 -46.42 -10.29 -4.46
C GLN B 2 -46.17 -8.80 -4.56
N LYS B 3 -46.89 -8.14 -5.48
CA LYS B 3 -46.72 -6.73 -5.76
C LYS B 3 -47.00 -5.84 -4.55
N GLU B 4 -47.76 -6.33 -3.57
CA GLU B 4 -48.17 -5.47 -2.47
C GLU B 4 -46.99 -5.00 -1.62
N TYR B 5 -45.85 -5.69 -1.69
CA TYR B 5 -44.66 -5.26 -0.96
C TYR B 5 -43.91 -4.13 -1.66
N ILE B 6 -44.30 -3.77 -2.87
CA ILE B 6 -43.65 -2.71 -3.63
C ILE B 6 -44.51 -1.46 -3.54
N GLN B 7 -44.01 -0.41 -2.89
CA GLN B 7 -44.72 0.87 -2.80
C GLN B 7 -43.73 2.00 -3.09
N ILE B 8 -43.29 2.08 -4.35
CA ILE B 8 -42.28 3.06 -4.71
C ILE B 8 -42.77 4.45 -4.37
N GLY B 9 -41.95 5.20 -3.65
CA GLY B 9 -42.28 6.58 -3.34
C GLY B 9 -43.31 6.77 -2.26
N ASN B 10 -43.65 5.72 -1.52
CA ASN B 10 -44.60 5.89 -0.42
C ASN B 10 -44.08 6.97 0.51
N PRO B 11 -44.83 8.05 0.74
CA PRO B 11 -44.27 9.17 1.51
C PRO B 11 -44.26 8.97 3.01
N ASN B 12 -44.96 7.97 3.53
CA ASN B 12 -45.09 7.83 4.97
C ASN B 12 -43.89 7.14 5.61
N VAL B 13 -42.99 6.58 4.81
CA VAL B 13 -41.89 5.81 5.38
C VAL B 13 -41.04 6.66 6.32
N PHE B 14 -41.17 7.99 6.23
CA PHE B 14 -40.37 8.89 7.06
C PHE B 14 -41.14 9.41 8.27
N ASN B 15 -42.32 8.87 8.55
CA ASN B 15 -43.15 9.44 9.62
C ASN B 15 -42.75 8.95 11.00
N GLY B 16 -41.69 8.14 11.13
CA GLY B 16 -41.23 7.67 12.41
C GLY B 16 -41.74 6.31 12.80
N GLN B 17 -42.69 5.75 12.06
CA GLN B 17 -43.18 4.42 12.35
C GLN B 17 -42.37 3.30 11.69
N TYR B 18 -41.34 3.64 10.91
CA TYR B 18 -40.59 2.64 10.17
C TYR B 18 -39.10 2.70 10.48
N MET B 19 -38.50 1.52 10.66
CA MET B 19 -37.06 1.39 10.56
C MET B 19 -36.74 1.20 9.09
N LEU B 20 -35.76 1.95 8.58
CA LEU B 20 -35.43 1.92 7.17
C LEU B 20 -34.13 1.14 6.97
N ALA B 21 -34.02 0.51 5.81
CA ALA B 21 -32.83 -0.27 5.49
C ALA B 21 -32.56 -0.15 4.00
N VAL B 22 -31.28 -0.13 3.66
CA VAL B 22 -30.82 -0.27 2.28
C VAL B 22 -30.11 -1.60 2.13
N PHE B 23 -30.54 -2.39 1.15
CA PHE B 23 -29.87 -3.62 0.76
C PHE B 23 -29.23 -3.44 -0.61
N ARG B 24 -28.03 -3.97 -0.79
CA ARG B 24 -27.57 -4.37 -2.12
C ARG B 24 -28.22 -5.71 -2.43
N LEU B 25 -29.08 -5.74 -3.45
CA LEU B 25 -29.81 -6.95 -3.78
C LEU B 25 -29.63 -7.28 -5.25
N GLN B 26 -29.46 -8.57 -5.54
CA GLN B 26 -29.47 -9.05 -6.91
C GLN B 26 -30.07 -10.44 -6.93
N GLY B 27 -31.07 -10.62 -7.79
CA GLY B 27 -31.67 -11.94 -7.95
C GLY B 27 -30.87 -12.84 -8.86
N GLU B 28 -31.17 -14.13 -8.75
CA GLU B 28 -30.59 -15.09 -9.68
C GLU B 28 -30.97 -14.72 -11.11
N GLU B 29 -30.24 -15.26 -12.07
CA GLU B 29 -30.56 -15.03 -13.47
C GLU B 29 -32.04 -15.30 -13.72
N GLY B 30 -32.74 -14.30 -14.23
CA GLY B 30 -34.12 -14.44 -14.63
C GLY B 30 -35.10 -13.64 -13.79
N MET B 31 -34.75 -13.33 -12.55
CA MET B 31 -35.67 -12.53 -11.74
C MET B 31 -35.23 -11.07 -11.71
N THR B 32 -36.21 -10.20 -11.84
CA THR B 32 -35.97 -8.77 -11.83
C THR B 32 -35.59 -8.30 -10.44
N LEU B 33 -35.05 -7.09 -10.38
CA LEU B 33 -34.76 -6.50 -9.09
C LEU B 33 -36.03 -6.26 -8.30
N VAL B 34 -37.10 -5.83 -8.97
CA VAL B 34 -38.35 -5.59 -8.26
C VAL B 34 -38.88 -6.89 -7.67
N ASP B 35 -38.81 -7.99 -8.43
CA ASP B 35 -39.28 -9.27 -7.91
C ASP B 35 -38.42 -9.71 -6.72
N THR B 36 -37.10 -9.56 -6.82
CA THR B 36 -36.22 -9.89 -5.71
C THR B 36 -36.52 -9.03 -4.49
N ALA B 37 -36.72 -7.73 -4.70
CA ALA B 37 -37.03 -6.83 -3.60
C ALA B 37 -38.31 -7.24 -2.89
N SER B 38 -39.35 -7.57 -3.65
CA SER B 38 -40.60 -7.98 -3.04
C SER B 38 -40.39 -9.21 -2.16
N GLU B 39 -39.64 -10.19 -2.67
CA GLU B 39 -39.44 -11.41 -1.91
C GLU B 39 -38.60 -11.16 -0.66
N VAL B 40 -37.56 -10.33 -0.76
CA VAL B 40 -36.76 -10.00 0.42
C VAL B 40 -37.61 -9.22 1.42
N ALA B 41 -38.40 -8.26 0.95
CA ALA B 41 -39.27 -7.53 1.87
C ALA B 41 -40.25 -8.47 2.57
N ALA B 42 -40.82 -9.42 1.85
CA ALA B 42 -41.81 -10.29 2.46
C ALA B 42 -41.17 -11.19 3.50
N GLU B 43 -40.07 -11.85 3.14
CA GLU B 43 -39.46 -12.80 4.06
C GLU B 43 -38.85 -12.12 5.27
N SER B 44 -38.56 -10.82 5.18
CA SER B 44 -38.07 -10.06 6.33
C SER B 44 -39.19 -9.32 7.05
N SER B 45 -40.45 -9.64 6.76
CA SER B 45 -41.55 -9.01 7.49
C SER B 45 -42.72 -9.97 7.67
N THR B 46 -43.78 -9.82 6.88
CA THR B 46 -45.01 -10.55 7.12
C THR B 46 -45.11 -11.87 6.36
N GLY B 47 -44.14 -12.17 5.50
CA GLY B 47 -44.10 -13.43 4.79
C GLY B 47 -44.94 -13.45 3.53
N SER B 48 -46.23 -13.15 3.68
CA SER B 48 -47.15 -13.17 2.56
C SER B 48 -48.26 -12.16 2.85
N PHE B 49 -48.91 -11.73 1.78
CA PHE B 49 -50.05 -10.83 1.88
C PHE B 49 -51.31 -11.67 1.78
N VAL B 50 -52.19 -11.56 2.79
CA VAL B 50 -53.51 -12.18 2.79
C VAL B 50 -54.54 -11.05 2.74
N LYS B 51 -55.68 -11.33 2.11
CA LYS B 51 -56.63 -10.25 1.84
C LYS B 51 -57.51 -9.96 3.05
N ILE B 52 -57.92 -10.99 3.79
CA ILE B 52 -58.82 -10.87 4.93
C ILE B 52 -58.09 -11.38 6.16
N GLY B 53 -58.19 -10.63 7.27
CA GLY B 53 -57.73 -11.08 8.56
C GLY B 53 -56.59 -10.21 9.08
N THR B 54 -55.63 -10.87 9.74
CA THR B 54 -54.51 -10.21 10.38
C THR B 54 -54.97 -9.35 11.55
N ALA B 55 -54.13 -9.23 12.57
CA ALA B 55 -54.41 -8.37 13.71
C ALA B 55 -54.55 -6.91 13.30
N THR B 56 -54.18 -6.55 12.07
CA THR B 56 -54.44 -5.21 11.59
C THR B 56 -55.92 -4.90 11.77
N ALA B 57 -56.22 -3.73 12.34
CA ALA B 57 -57.56 -3.18 12.21
C ALA B 57 -57.92 -3.18 10.73
N PHE B 58 -59.21 -3.29 10.43
CA PHE B 58 -59.66 -3.45 9.06
C PHE B 58 -58.75 -2.75 8.05
N SER B 59 -58.41 -1.50 8.31
CA SER B 59 -57.48 -0.74 7.49
C SER B 59 -56.20 -0.50 8.30
N GLU B 60 -55.17 -1.30 8.03
CA GLU B 60 -53.88 -1.23 8.71
C GLU B 60 -52.96 -2.23 8.03
N SER B 61 -51.67 -2.18 8.38
CA SER B 61 -50.69 -3.03 7.72
C SER B 61 -49.37 -3.13 8.49
N LEU B 62 -48.82 -4.35 8.55
CA LEU B 62 -47.50 -4.60 9.12
C LEU B 62 -46.43 -4.89 8.06
N ASP B 63 -46.81 -4.94 6.79
CA ASP B 63 -45.89 -5.35 5.74
C ASP B 63 -44.74 -4.36 5.58
N ALA B 64 -43.54 -4.89 5.36
CA ALA B 64 -42.43 -4.05 4.92
C ALA B 64 -42.75 -3.50 3.55
N LEU B 65 -42.21 -2.32 3.25
CA LEU B 65 -42.53 -1.61 2.01
C LEU B 65 -41.23 -1.28 1.30
N VAL B 66 -41.08 -1.78 0.07
CA VAL B 66 -40.00 -1.35 -0.81
C VAL B 66 -40.41 0.00 -1.36
N TYR B 67 -39.72 1.07 -0.95
CA TYR B 67 -40.11 2.41 -1.39
C TYR B 67 -39.16 3.05 -2.39
N ARG B 68 -38.03 2.42 -2.69
CA ARG B 68 -37.11 2.94 -3.68
C ARG B 68 -36.24 1.81 -4.20
N ILE B 69 -35.98 1.86 -5.51
CA ILE B 69 -35.16 0.86 -6.18
C ILE B 69 -34.22 1.59 -7.13
N ASP B 70 -32.94 1.24 -7.10
CA ASP B 70 -31.92 1.76 -8.00
C ASP B 70 -31.43 0.58 -8.82
N GLU B 71 -31.89 0.48 -10.06
CA GLU B 71 -31.54 -0.67 -10.89
C GLU B 71 -30.07 -0.65 -11.26
N LYS B 72 -29.53 0.54 -11.55
CA LYS B 72 -28.14 0.67 -11.96
C LYS B 72 -27.21 0.14 -10.88
N ASN B 73 -27.48 0.48 -9.61
CA ASN B 73 -26.59 0.15 -8.52
C ASN B 73 -27.08 -1.02 -7.68
N ASN B 74 -28.18 -1.65 -8.09
CA ASN B 74 -28.72 -2.82 -7.37
C ASN B 74 -28.97 -2.50 -5.90
N LEU B 75 -29.57 -1.34 -5.67
CA LEU B 75 -29.91 -0.88 -4.33
C LEU B 75 -31.42 -0.88 -4.15
N VAL B 76 -31.84 -1.35 -2.99
CA VAL B 76 -33.25 -1.48 -2.63
C VAL B 76 -33.43 -0.89 -1.25
N TRP B 77 -34.35 0.07 -1.13
CA TRP B 77 -34.69 0.69 0.14
C TRP B 77 -35.98 0.07 0.68
N ILE B 78 -35.94 -0.41 1.92
CA ILE B 78 -37.09 -1.07 2.52
C ILE B 78 -37.43 -0.41 3.85
N ALA B 79 -38.73 -0.20 4.08
CA ALA B 79 -39.24 0.37 5.32
C ALA B 79 -39.96 -0.70 6.13
N TYR B 80 -39.53 -0.88 7.37
CA TYR B 80 -40.11 -1.88 8.27
C TYR B 80 -40.94 -1.19 9.33
N PRO B 81 -42.25 -1.42 9.44
CA PRO B 81 -42.97 -0.92 10.62
C PRO B 81 -42.35 -1.54 11.84
N TRP B 82 -41.71 -0.73 12.70
CA TRP B 82 -40.94 -1.36 13.77
C TRP B 82 -41.84 -1.95 14.86
N ARG B 83 -43.15 -1.68 14.79
CA ARG B 83 -44.13 -2.42 15.58
C ARG B 83 -44.01 -3.92 15.34
N ILE B 84 -43.48 -4.32 14.18
CA ILE B 84 -43.37 -5.75 13.89
C ILE B 84 -42.31 -6.42 14.73
N PHE B 85 -41.39 -5.67 15.31
CA PHE B 85 -40.31 -6.24 16.09
C PHE B 85 -40.77 -6.59 17.50
N ASP B 86 -40.13 -7.60 18.08
CA ASP B 86 -40.38 -8.00 19.45
C ASP B 86 -40.24 -6.80 20.38
N ARG B 87 -41.13 -6.72 21.37
CA ARG B 87 -41.02 -5.69 22.39
C ARG B 87 -39.89 -6.03 23.35
N GLY B 88 -39.67 -5.15 24.33
CA GLY B 88 -38.60 -5.35 25.28
C GLY B 88 -37.23 -5.04 24.75
N GLY B 89 -37.13 -4.29 23.66
CA GLY B 89 -35.83 -3.89 23.15
C GLY B 89 -34.99 -5.03 22.62
N ASN B 90 -35.62 -6.02 21.97
CA ASN B 90 -34.95 -7.24 21.56
C ASN B 90 -34.21 -7.02 20.25
N VAL B 91 -32.87 -6.95 20.31
CA VAL B 91 -32.10 -6.73 19.09
C VAL B 91 -31.94 -8.02 18.27
N GLN B 92 -31.76 -9.18 18.90
CA GLN B 92 -31.61 -10.37 18.05
C GLN B 92 -32.83 -10.56 17.17
N ASN B 93 -33.99 -10.11 17.64
CA ASN B 93 -35.21 -10.25 16.86
C ASN B 93 -35.14 -9.41 15.59
N ILE B 94 -34.65 -8.17 15.69
CA ILE B 94 -34.53 -7.35 14.49
C ILE B 94 -33.65 -8.06 13.48
N MET B 95 -32.50 -8.55 13.95
CA MET B 95 -31.57 -9.25 13.08
C MET B 95 -32.18 -10.52 12.49
N THR B 96 -33.06 -11.18 13.23
CA THR B 96 -33.74 -12.35 12.69
C THR B 96 -34.65 -11.99 11.52
N PHE B 97 -35.32 -10.82 11.60
CA PHE B 97 -36.15 -10.36 10.48
C PHE B 97 -35.31 -9.96 9.27
N ILE B 98 -34.38 -9.01 9.45
CA ILE B 98 -33.72 -8.39 8.31
C ILE B 98 -32.47 -9.14 7.87
N ALA B 99 -31.91 -9.99 8.73
CA ALA B 99 -30.63 -10.62 8.48
C ALA B 99 -30.74 -12.10 8.80
N GLY B 100 -31.89 -12.69 8.47
CA GLY B 100 -32.15 -14.08 8.79
C GLY B 100 -32.28 -14.94 7.55
N ASN B 101 -33.48 -15.46 7.31
CA ASN B 101 -33.68 -16.34 6.16
C ASN B 101 -33.39 -15.67 4.82
N VAL B 102 -33.47 -14.34 4.73
CA VAL B 102 -33.15 -13.70 3.46
C VAL B 102 -31.73 -14.05 3.01
N PHE B 103 -30.83 -14.32 3.95
CA PHE B 103 -29.48 -14.75 3.61
C PHE B 103 -29.42 -16.19 3.14
N GLY B 104 -30.53 -16.94 3.29
CA GLY B 104 -30.58 -18.34 2.91
C GLY B 104 -31.40 -18.59 1.68
N MET B 105 -31.80 -17.55 0.96
CA MET B 105 -32.63 -17.66 -0.23
C MET B 105 -31.71 -17.75 -1.44
N ALA B 106 -31.59 -18.95 -2.02
CA ALA B 106 -30.67 -19.13 -3.14
C ALA B 106 -31.06 -18.28 -4.34
N SER B 107 -32.33 -17.90 -4.45
CA SER B 107 -32.79 -17.03 -5.51
C SER B 107 -32.23 -15.62 -5.40
N VAL B 108 -31.61 -15.28 -4.27
CA VAL B 108 -31.11 -13.94 -4.01
C VAL B 108 -29.60 -14.07 -3.89
N LYS B 109 -28.89 -13.70 -4.95
CA LYS B 109 -27.46 -13.98 -5.07
C LYS B 109 -26.61 -12.92 -4.39
N VAL B 110 -27.14 -11.71 -4.24
CA VAL B 110 -26.51 -10.64 -3.47
C VAL B 110 -27.55 -10.12 -2.50
N CYS B 111 -27.17 -10.00 -1.23
CA CYS B 111 -28.09 -9.59 -0.20
C CYS B 111 -27.28 -9.03 0.96
N LYS B 112 -26.91 -7.75 0.86
CA LYS B 112 -26.02 -7.09 1.81
C LYS B 112 -26.72 -5.86 2.38
N ILE B 113 -26.93 -5.85 3.68
CA ILE B 113 -27.50 -4.69 4.36
C ILE B 113 -26.40 -3.65 4.48
N LEU B 114 -26.59 -2.51 3.83
CA LEU B 114 -25.59 -1.45 3.80
C LEU B 114 -25.83 -0.35 4.82
N ASP B 115 -27.07 -0.14 5.25
CA ASP B 115 -27.38 0.90 6.21
C ASP B 115 -28.75 0.62 6.79
N VAL B 116 -28.98 1.11 8.00
CA VAL B 116 -30.28 1.08 8.65
C VAL B 116 -30.49 2.41 9.34
N TYR B 117 -31.76 2.74 9.58
CA TYR B 117 -32.17 3.98 10.23
C TYR B 117 -33.14 3.71 11.35
N PHE B 118 -32.84 4.23 12.54
CA PHE B 118 -33.70 4.11 13.71
C PHE B 118 -34.39 5.44 13.96
N PRO B 119 -35.70 5.56 13.79
CA PRO B 119 -36.36 6.84 14.12
C PRO B 119 -36.39 7.05 15.62
N PRO B 120 -36.56 8.29 16.07
CA PRO B 120 -36.50 8.55 17.52
C PRO B 120 -37.51 7.73 18.31
N GLN B 121 -38.72 7.56 17.78
CA GLN B 121 -39.73 6.76 18.48
C GLN B 121 -39.27 5.35 18.70
N MET B 122 -38.47 4.81 17.78
CA MET B 122 -37.95 3.46 17.95
C MET B 122 -36.86 3.43 19.01
N LEU B 123 -35.99 4.44 19.02
CA LEU B 123 -34.87 4.42 19.95
C LEU B 123 -35.34 4.40 21.40
N VAL B 124 -36.55 4.90 21.66
CA VAL B 124 -37.14 4.85 22.99
C VAL B 124 -37.12 3.43 23.54
N GLN B 125 -37.31 2.44 22.67
CA GLN B 125 -37.57 1.08 23.10
C GLN B 125 -36.32 0.26 23.38
N TYR B 126 -35.14 0.81 23.11
CA TYR B 126 -33.89 0.07 23.22
C TYR B 126 -32.98 0.72 24.25
N ASP B 127 -32.12 -0.10 24.84
CA ASP B 127 -31.36 0.35 26.00
C ASP B 127 -30.32 1.41 25.62
N GLY B 128 -29.55 1.16 24.58
CA GLY B 128 -28.34 1.91 24.33
C GLY B 128 -27.33 1.67 25.43
N PRO B 129 -26.14 2.24 25.30
CA PRO B 129 -25.10 2.03 26.31
C PRO B 129 -25.48 2.67 27.63
N GLU B 130 -24.85 2.17 28.70
CA GLU B 130 -24.99 2.78 30.01
C GLU B 130 -23.64 3.16 30.60
N TYR B 131 -22.65 2.29 30.53
CA TYR B 131 -21.30 2.57 31.00
C TYR B 131 -20.44 2.88 29.77
N THR B 132 -19.72 4.00 29.81
CA THR B 132 -19.06 4.46 28.60
C THR B 132 -17.57 4.67 28.84
N ILE B 133 -16.88 5.04 27.75
CA ILE B 133 -15.46 5.37 27.83
C ILE B 133 -15.23 6.53 28.82
N ASP B 134 -16.19 7.45 28.96
CA ASP B 134 -16.04 8.51 29.94
C ASP B 134 -16.01 7.96 31.36
N ASP B 135 -16.85 6.97 31.64
CA ASP B 135 -16.81 6.33 32.95
C ASP B 135 -15.47 5.61 33.18
N MET B 136 -14.95 4.94 32.15
CA MET B 136 -13.66 4.27 32.30
C MET B 136 -12.54 5.28 32.53
N ARG B 137 -12.55 6.40 31.78
CA ARG B 137 -11.56 7.43 32.03
C ARG B 137 -11.63 7.92 33.47
N LYS B 138 -12.85 8.11 33.97
CA LYS B 138 -13.01 8.53 35.36
C LYS B 138 -12.35 7.52 36.30
N TYR B 139 -12.55 6.22 36.05
CA TYR B 139 -11.91 5.24 36.91
C TYR B 139 -10.40 5.28 36.78
N LEU B 140 -9.89 5.41 35.55
CA LEU B 140 -8.44 5.51 35.33
C LEU B 140 -7.86 6.82 35.83
N ASN B 141 -8.71 7.79 36.17
CA ASN B 141 -8.29 9.12 36.60
C ASN B 141 -7.50 9.83 35.50
N ILE B 142 -8.00 9.73 34.26
CA ILE B 142 -7.42 10.44 33.14
C ILE B 142 -8.50 11.26 32.45
N GLN B 143 -8.05 12.23 31.66
CA GLN B 143 -8.90 13.13 30.90
C GLN B 143 -8.45 13.13 29.44
N GLU B 144 -9.43 13.24 28.56
CA GLU B 144 -9.23 13.58 27.15
C GLU B 144 -8.59 12.50 26.29
N ARG B 145 -7.47 11.93 26.73
CA ARG B 145 -6.66 11.11 25.84
C ARG B 145 -7.28 9.75 25.61
N PRO B 146 -6.86 9.07 24.54
CA PRO B 146 -7.34 7.69 24.34
C PRO B 146 -6.86 6.80 25.47
N ILE B 147 -7.55 5.67 25.62
CA ILE B 147 -7.15 4.64 26.57
C ILE B 147 -6.26 3.65 25.82
N PHE B 148 -5.01 3.49 26.26
CA PHE B 148 -4.03 2.70 25.54
C PHE B 148 -3.96 1.31 26.14
N GLY B 149 -4.28 0.31 25.31
CA GLY B 149 -4.40 -1.05 25.77
C GLY B 149 -3.65 -2.02 24.88
N SER B 150 -3.73 -3.29 25.29
CA SER B 150 -3.01 -4.32 24.58
C SER B 150 -3.72 -5.64 24.75
N ILE B 151 -3.48 -6.52 23.77
CA ILE B 151 -3.68 -7.96 23.93
C ILE B 151 -2.39 -8.49 24.58
N ILE B 152 -2.42 -9.74 25.01
CA ILE B 152 -1.25 -10.44 25.53
C ILE B 152 -0.83 -11.45 24.49
N LYS B 153 0.49 -11.62 24.34
CA LYS B 153 1.01 -12.57 23.38
C LYS B 153 2.00 -13.51 24.06
N PRO B 154 1.99 -14.79 23.71
CA PRO B 154 1.05 -15.49 22.79
C PRO B 154 -0.36 -15.42 23.37
N LYS B 155 -1.37 -15.39 22.50
CA LYS B 155 -2.71 -15.05 22.96
C LYS B 155 -3.35 -16.18 23.74
N ILE B 156 -2.97 -17.41 23.46
CA ILE B 156 -3.41 -18.57 24.23
C ILE B 156 -2.20 -19.46 24.50
N GLY B 157 -2.13 -20.00 25.72
CA GLY B 157 -1.10 -20.97 26.10
C GLY B 157 -0.28 -20.55 27.30
N LEU B 158 -0.26 -19.27 27.65
CA LEU B 158 0.39 -18.86 28.89
C LEU B 158 -0.36 -19.40 30.10
N THR B 159 0.39 -19.71 31.15
CA THR B 159 -0.21 -20.00 32.44
C THR B 159 -0.82 -18.72 33.03
N SER B 160 -1.63 -18.89 34.09
CA SER B 160 -2.23 -17.73 34.74
C SER B 160 -1.16 -16.74 35.23
N SER B 161 -0.06 -17.26 35.81
CA SER B 161 0.96 -16.34 36.32
C SER B 161 1.74 -15.68 35.17
N GLU B 162 2.03 -16.43 34.10
CA GLU B 162 2.68 -15.84 32.95
C GLU B 162 1.81 -14.77 32.30
N TYR B 163 0.52 -15.06 32.15
CA TYR B 163 -0.40 -14.07 31.59
C TYR B 163 -0.46 -12.82 32.46
N ALA B 164 -0.64 -13.01 33.76
CA ALA B 164 -0.74 -11.87 34.68
C ALA B 164 0.56 -11.07 34.70
N GLU B 165 1.70 -11.74 34.53
CA GLU B 165 2.95 -11.00 34.61
C GLU B 165 3.12 -10.08 33.41
N LEU B 166 2.65 -10.50 32.23
CA LEU B 166 2.72 -9.60 31.09
C LEU B 166 1.72 -8.45 31.24
N CYS B 167 0.57 -8.69 31.88
CA CYS B 167 -0.30 -7.58 32.23
C CYS B 167 0.42 -6.59 33.14
N TYR B 168 1.09 -7.12 34.18
CA TYR B 168 1.89 -6.29 35.06
C TYR B 168 2.90 -5.48 34.27
N ASP B 169 3.62 -6.13 33.35
CA ASP B 169 4.65 -5.41 32.60
C ASP B 169 4.03 -4.26 31.80
N PHE B 170 2.94 -4.55 31.09
CA PHE B 170 2.29 -3.53 30.28
C PHE B 170 1.77 -2.38 31.12
N TRP B 171 1.03 -2.70 32.18
CA TRP B 171 0.50 -1.64 33.06
C TRP B 171 1.63 -0.86 33.71
N SER B 172 2.71 -1.53 34.10
CA SER B 172 3.83 -0.87 34.76
C SER B 172 4.48 0.16 33.86
N GLY B 173 4.46 -0.05 32.54
CA GLY B 173 5.02 0.91 31.61
C GLY B 173 4.12 2.07 31.29
N GLY B 174 2.95 2.10 31.90
CA GLY B 174 1.99 3.16 31.67
C GLY B 174 0.76 2.74 30.91
N GLY B 175 0.71 1.50 30.39
CA GLY B 175 -0.48 1.05 29.70
C GLY B 175 -1.67 1.05 30.64
N ASP B 176 -2.86 1.28 30.06
CA ASP B 176 -4.09 1.43 30.84
C ASP B 176 -4.91 0.15 30.94
N PHE B 177 -4.91 -0.67 29.91
CA PHE B 177 -6.01 -1.61 29.64
C PHE B 177 -5.45 -2.86 28.98
N VAL B 178 -5.84 -4.01 29.50
CA VAL B 178 -5.47 -5.27 28.88
C VAL B 178 -6.76 -6.08 28.69
N ASN B 180 -8.33 -10.02 27.79
CA ASN B 180 -8.27 -11.42 27.45
C ASN B 180 -8.34 -11.57 25.92
N ASP B 181 -7.77 -12.65 25.40
CA ASP B 181 -8.05 -13.07 24.05
C ASP B 181 -9.53 -13.45 23.94
N GLU B 182 -10.10 -13.22 22.77
CA GLU B 182 -11.53 -13.45 22.63
C GLU B 182 -11.99 -14.87 22.94
N PRO B 183 -11.16 -15.92 22.77
CA PRO B 183 -11.59 -17.26 23.22
C PRO B 183 -10.84 -17.71 24.45
N GLN B 184 -10.21 -16.79 25.18
CA GLN B 184 -9.55 -17.14 26.43
C GLN B 184 -10.62 -17.35 27.50
N ALA B 185 -10.57 -18.49 28.17
CA ALA B 185 -11.64 -18.88 29.07
C ALA B 185 -11.09 -19.80 30.14
N ASP B 186 -11.77 -20.92 30.39
CA ASP B 186 -11.35 -21.85 31.44
C ASP B 186 -10.59 -23.04 30.86
N GLN B 187 -9.55 -22.76 30.08
CA GLN B 187 -8.63 -23.81 29.66
C GLN B 187 -7.86 -24.36 30.86
N ASP B 188 -7.62 -25.67 30.87
CA ASP B 188 -7.01 -26.29 32.05
C ASP B 188 -5.58 -25.79 32.30
N PHE B 189 -4.90 -25.30 31.27
CA PHE B 189 -3.53 -24.79 31.44
C PHE B 189 -3.50 -23.33 31.89
N CYS B 190 -4.65 -22.67 31.94
CA CYS B 190 -4.75 -21.30 32.42
C CYS B 190 -6.12 -21.14 33.06
N PRO B 191 -6.35 -21.86 34.17
CA PRO B 191 -7.72 -21.97 34.68
C PRO B 191 -8.31 -20.61 35.02
N TYR B 192 -9.60 -20.46 34.73
CA TYR B 192 -10.23 -19.15 34.80
C TYR B 192 -10.10 -18.54 36.20
N ASP B 193 -10.32 -19.36 37.23
CA ASP B 193 -10.29 -18.80 38.58
C ASP B 193 -8.89 -18.31 38.93
N LYS B 194 -7.86 -19.05 38.52
CA LYS B 194 -6.49 -18.60 38.79
C LYS B 194 -6.13 -17.39 37.93
N MET B 195 -6.61 -17.37 36.69
CA MET B 195 -6.34 -16.23 35.81
C MET B 195 -6.88 -14.94 36.43
N VAL B 196 -8.08 -14.98 36.98
CA VAL B 196 -8.64 -13.78 37.61
C VAL B 196 -7.84 -13.42 38.85
N GLN B 197 -7.50 -14.42 39.67
CA GLN B 197 -6.74 -14.20 40.89
C GLN B 197 -5.38 -13.58 40.61
N ASP B 198 -4.66 -14.12 39.61
CA ASP B 198 -3.33 -13.62 39.31
C ASP B 198 -3.39 -12.25 38.64
N VAL B 199 -4.45 -11.98 37.86
CA VAL B 199 -4.64 -10.63 37.33
C VAL B 199 -4.83 -9.63 38.46
N ARG B 200 -5.66 -9.98 39.45
CA ARG B 200 -5.83 -9.09 40.60
C ARG B 200 -4.49 -8.83 41.29
N HIS B 201 -3.70 -9.88 41.52
CA HIS B 201 -2.42 -9.73 42.18
C HIS B 201 -1.49 -8.84 41.36
N ALA B 202 -1.47 -9.03 40.04
CA ALA B 202 -0.64 -8.18 39.19
C ALA B 202 -1.10 -6.73 39.24
N MET B 203 -2.41 -6.51 39.20
CA MET B 203 -2.91 -5.15 39.23
C MET B 203 -2.59 -4.49 40.57
N ASP B 204 -2.69 -5.24 41.67
CA ASP B 204 -2.38 -4.69 42.98
C ASP B 204 -0.93 -4.19 43.02
N ARG B 205 -0.01 -4.97 42.46
CA ARG B 205 1.39 -4.54 42.47
C ARG B 205 1.56 -3.24 41.71
N VAL B 206 0.93 -3.12 40.53
CA VAL B 206 1.05 -1.89 39.77
C VAL B 206 0.49 -0.71 40.56
N GLU B 207 -0.69 -0.88 41.17
CA GLU B 207 -1.26 0.20 41.96
C GLU B 207 -0.32 0.62 43.09
N GLN B 208 0.24 -0.36 43.81
CA GLN B 208 1.15 -0.06 44.90
C GLN B 208 2.41 0.67 44.42
N GLU B 209 2.92 0.27 43.25
CA GLU B 209 4.20 0.80 42.78
C GLU B 209 4.05 2.12 42.01
N THR B 210 2.89 2.36 41.39
CA THR B 210 2.68 3.55 40.59
C THR B 210 1.59 4.47 41.13
N GLY B 211 0.75 3.99 42.03
CA GLY B 211 -0.41 4.75 42.48
C GLY B 211 -1.50 4.89 41.46
N LYS B 212 -1.44 4.19 40.33
CA LYS B 212 -2.40 4.32 39.25
C LYS B 212 -3.33 3.12 39.15
N THR B 213 -4.59 3.40 38.85
CA THR B 213 -5.54 2.35 38.56
C THR B 213 -5.36 1.86 37.12
N LYS B 214 -5.88 0.66 36.87
CA LYS B 214 -5.77 -0.02 35.60
C LYS B 214 -7.05 -0.81 35.37
N VAL B 215 -7.25 -1.26 34.14
CA VAL B 215 -8.44 -2.02 33.77
C VAL B 215 -8.05 -3.31 33.06
N HIS B 216 -8.70 -4.40 33.43
CA HIS B 216 -8.56 -5.65 32.71
C HIS B 216 -9.92 -6.09 32.19
N SER B 217 -9.98 -6.47 30.92
CA SER B 217 -11.24 -6.91 30.30
C SER B 217 -11.27 -8.42 30.23
N PHE B 218 -12.23 -9.04 30.91
CA PHE B 218 -12.30 -10.50 31.03
C PHE B 218 -13.31 -11.07 30.06
N ASN B 219 -12.91 -12.10 29.30
CA ASN B 219 -13.87 -12.83 28.49
C ASN B 219 -14.77 -13.66 29.41
N ILE B 220 -16.07 -13.35 29.42
CA ILE B 220 -17.04 -14.15 30.17
C ILE B 220 -17.92 -14.98 29.25
N SER B 221 -17.66 -14.98 27.95
CA SER B 221 -18.37 -15.86 27.03
C SER B 221 -18.24 -17.29 27.52
N SER B 222 -19.35 -18.02 27.51
CA SER B 222 -19.37 -19.31 28.16
C SER B 222 -20.26 -20.30 27.42
N SER B 223 -20.22 -21.55 27.91
CA SER B 223 -21.12 -22.57 27.41
C SER B 223 -22.57 -22.13 27.56
N ASP B 224 -22.92 -21.54 28.71
CA ASP B 224 -24.31 -21.21 28.96
C ASP B 224 -24.43 -19.99 29.86
N TYR B 225 -25.67 -19.55 30.01
CA TYR B 225 -26.00 -18.34 30.77
C TYR B 225 -25.52 -18.41 32.21
N ASP B 226 -25.85 -19.50 32.89
CA ASP B 226 -25.49 -19.62 34.30
C ASP B 226 -23.98 -19.55 34.48
N THR B 227 -23.22 -20.16 33.57
CA THR B 227 -21.77 -20.15 33.70
C THR B 227 -21.21 -18.74 33.50
N MET B 228 -21.75 -18.02 32.51
CA MET B 228 -21.31 -16.64 32.27
C MET B 228 -21.61 -15.76 33.48
N ILE B 229 -22.79 -15.94 34.08
CA ILE B 229 -23.12 -15.15 35.26
C ILE B 229 -22.21 -15.51 36.42
N LYS B 230 -21.92 -16.80 36.60
CA LYS B 230 -21.01 -17.19 37.68
C LYS B 230 -19.65 -16.54 37.49
N LYS B 231 -19.17 -16.48 36.25
CA LYS B 231 -17.88 -15.85 35.99
C LYS B 231 -17.93 -14.37 36.33
N ALA B 232 -18.99 -13.69 35.90
CA ALA B 232 -19.13 -12.26 36.15
C ALA B 232 -19.17 -11.99 37.65
N ASP B 233 -19.97 -12.77 38.38
CA ASP B 233 -20.07 -12.60 39.82
C ASP B 233 -18.74 -12.88 40.48
N TYR B 234 -18.02 -13.91 40.01
CA TYR B 234 -16.70 -14.19 40.56
C TYR B 234 -15.76 -13.03 40.35
N ILE B 235 -15.73 -12.47 39.14
CA ILE B 235 -14.87 -11.33 38.86
C ILE B 235 -15.22 -10.16 39.78
N GLN B 236 -16.52 -9.89 39.97
CA GLN B 236 -16.92 -8.79 40.84
C GLN B 236 -16.47 -9.01 42.27
N SER B 237 -16.39 -10.28 42.70
CA SER B 237 -15.95 -10.59 44.05
C SER B 237 -14.45 -10.48 44.22
N MET B 238 -13.70 -10.49 43.11
CA MET B 238 -12.25 -10.62 43.11
C MET B 238 -11.53 -9.35 42.67
N MET B 239 -12.23 -8.43 42.02
CA MET B 239 -11.64 -7.26 41.38
C MET B 239 -12.33 -6.02 41.93
N LYS B 240 -11.57 -4.95 42.12
CA LYS B 240 -12.17 -3.73 42.66
C LYS B 240 -13.12 -3.12 41.63
N PRO B 241 -14.24 -2.55 42.08
CA PRO B 241 -15.18 -1.92 41.15
C PRO B 241 -14.47 -0.92 40.25
N GLY B 242 -14.76 -1.02 38.95
CA GLY B 242 -14.19 -0.16 37.95
C GLY B 242 -13.00 -0.74 37.23
N SER B 243 -12.30 -1.69 37.84
CA SER B 243 -11.03 -2.18 37.36
C SER B 243 -11.19 -3.29 36.32
N TYR B 244 -12.43 -3.67 36.01
CA TYR B 244 -12.67 -4.76 35.09
C TYR B 244 -13.77 -4.41 34.11
N ALA B 245 -13.63 -4.95 32.90
CA ALA B 245 -14.66 -4.91 31.88
C ALA B 245 -15.06 -6.36 31.57
N PHE B 246 -16.25 -6.51 30.98
CA PHE B 246 -16.74 -7.82 30.57
C PHE B 246 -16.71 -7.91 29.05
N LEU B 247 -15.87 -8.79 28.54
CA LEU B 247 -15.75 -9.07 27.11
C LEU B 247 -16.71 -10.20 26.76
N VAL B 248 -17.58 -9.95 25.78
CA VAL B 248 -18.52 -10.93 25.27
C VAL B 248 -18.28 -11.09 23.78
N ASP B 249 -18.14 -12.34 23.34
CA ASP B 249 -18.04 -12.66 21.92
C ASP B 249 -19.42 -12.46 21.31
N GLY B 250 -19.73 -11.25 20.86
CA GLY B 250 -21.11 -10.94 20.50
C GLY B 250 -21.64 -11.77 19.36
N ILE B 251 -20.79 -12.08 18.39
CA ILE B 251 -21.26 -12.82 17.23
C ILE B 251 -21.45 -14.30 17.56
N THR B 252 -20.48 -14.94 18.20
CA THR B 252 -20.60 -16.38 18.44
C THR B 252 -21.42 -16.70 19.70
N ALA B 253 -21.20 -16.00 20.80
CA ALA B 253 -22.03 -16.21 21.98
C ALA B 253 -23.44 -15.71 21.75
N GLY B 254 -23.57 -14.56 21.10
CA GLY B 254 -24.84 -14.13 20.60
C GLY B 254 -25.25 -12.75 21.08
N TRP B 255 -26.18 -12.17 20.32
CA TRP B 255 -26.74 -10.88 20.70
C TRP B 255 -27.42 -10.95 22.07
N MET B 256 -28.03 -12.08 22.40
CA MET B 256 -28.68 -12.20 23.71
C MET B 256 -27.68 -12.04 24.85
N ALA B 257 -26.45 -12.52 24.66
CA ALA B 257 -25.44 -12.42 25.70
C ALA B 257 -25.06 -10.96 25.93
N ILE B 258 -24.97 -10.19 24.84
CA ILE B 258 -24.68 -8.76 24.93
C ILE B 258 -25.74 -8.06 25.77
N GLN B 259 -27.01 -8.26 25.42
CA GLN B 259 -28.06 -7.55 26.13
C GLN B 259 -28.16 -7.99 27.58
N THR B 260 -27.93 -9.28 27.83
CA THR B 260 -28.00 -9.78 29.19
C THR B 260 -26.98 -9.08 30.08
N ILE B 261 -25.74 -8.97 29.61
CA ILE B 261 -24.71 -8.36 30.44
C ILE B 261 -24.97 -6.86 30.57
N ARG B 262 -25.41 -6.21 29.49
CA ARG B 262 -25.81 -4.82 29.55
C ARG B 262 -26.82 -4.58 30.66
N ARG B 263 -27.77 -5.52 30.84
CA ARG B 263 -28.87 -5.28 31.77
C ARG B 263 -28.57 -5.77 33.17
N LYS B 264 -27.82 -6.87 33.29
CA LYS B 264 -27.53 -7.41 34.60
C LYS B 264 -26.37 -6.70 35.28
N TYR B 265 -25.40 -6.19 34.51
CA TYR B 265 -24.25 -5.48 35.04
C TYR B 265 -24.14 -4.12 34.37
N PRO B 266 -25.12 -3.25 34.56
CA PRO B 266 -25.15 -2.01 33.78
C PRO B 266 -24.00 -1.07 34.10
N ASN B 267 -23.36 -1.22 35.26
CA ASN B 267 -22.27 -0.33 35.66
C ASN B 267 -20.90 -0.92 35.40
N VAL B 268 -20.81 -1.85 34.45
CA VAL B 268 -19.56 -2.47 34.05
C VAL B 268 -19.41 -2.27 32.55
N PHE B 269 -18.20 -1.86 32.12
CA PHE B 269 -17.95 -1.68 30.70
C PHE B 269 -18.21 -2.98 29.94
N LEU B 270 -19.06 -2.90 28.93
CA LEU B 270 -19.45 -4.06 28.14
C LEU B 270 -18.66 -4.02 26.83
N HIS B 271 -17.76 -4.97 26.68
CA HIS B 271 -16.79 -5.02 25.60
C HIS B 271 -17.28 -6.04 24.57
N PHE B 272 -17.79 -5.54 23.44
CA PHE B 272 -18.31 -6.35 22.35
C PHE B 272 -17.12 -6.77 21.49
N HIS B 273 -16.74 -8.04 21.60
CA HIS B 273 -15.75 -8.63 20.71
C HIS B 273 -16.48 -9.22 19.51
N ARG B 274 -16.15 -8.75 18.31
CA ARG B 274 -16.93 -9.09 17.14
C ARG B 274 -16.35 -10.27 16.36
N ALA B 275 -15.50 -11.09 16.98
CA ALA B 275 -14.96 -12.28 16.32
C ALA B 275 -16.06 -13.06 15.60
N GLY B 276 -15.86 -13.30 14.31
CA GLY B 276 -16.83 -13.97 13.48
C GLY B 276 -17.64 -13.05 12.58
N HIS B 277 -17.61 -11.75 12.85
CA HIS B 277 -18.41 -10.81 12.09
C HIS B 277 -18.05 -10.83 10.61
N GLY B 278 -16.82 -11.23 10.27
CA GLY B 278 -16.38 -11.14 8.88
C GLY B 278 -17.26 -11.88 7.90
N ALA B 279 -17.86 -13.00 8.32
CA ALA B 279 -18.75 -13.71 7.41
C ALA B 279 -19.92 -12.82 7.00
N PHE B 280 -20.38 -11.97 7.91
CA PHE B 280 -21.43 -11.01 7.56
C PHE B 280 -20.89 -9.80 6.83
N THR B 281 -19.74 -9.26 7.27
CA THR B 281 -19.33 -7.90 6.93
C THR B 281 -18.29 -7.77 5.81
N ARG B 282 -17.56 -8.83 5.48
CA ARG B 282 -16.49 -8.70 4.49
C ARG B 282 -17.04 -8.34 3.11
N ASP B 283 -16.34 -7.45 2.42
CA ASP B 283 -16.78 -7.07 1.08
C ASP B 283 -16.81 -8.26 0.14
N GLU B 284 -15.95 -9.25 0.39
CA GLU B 284 -15.85 -10.44 -0.45
C GLU B 284 -17.11 -11.29 -0.41
N ASN B 285 -17.92 -11.15 0.64
CA ASN B 285 -19.12 -11.93 0.86
C ASN B 285 -20.30 -11.11 0.35
N PRO B 286 -20.94 -11.50 -0.75
CA PRO B 286 -22.08 -10.69 -1.25
C PRO B 286 -23.30 -10.73 -0.34
N ILE B 287 -23.33 -11.63 0.66
CA ILE B 287 -24.49 -11.86 1.51
C ILE B 287 -24.09 -11.55 2.95
N GLY B 288 -24.82 -10.62 3.58
CA GLY B 288 -24.53 -10.26 4.96
C GLY B 288 -24.97 -8.82 5.27
N TYR B 289 -24.20 -8.19 6.15
CA TYR B 289 -24.43 -6.79 6.55
C TYR B 289 -23.09 -6.16 6.90
N THR B 290 -22.99 -4.85 6.71
CA THR B 290 -21.69 -4.21 6.77
C THR B 290 -21.28 -3.88 8.20
N VAL B 291 -19.99 -3.51 8.31
CA VAL B 291 -19.45 -3.11 9.61
C VAL B 291 -20.20 -1.93 10.17
N PRO B 292 -20.52 -0.87 9.41
CA PRO B 292 -21.33 0.22 9.97
C PRO B 292 -22.65 -0.26 10.53
N VAL B 293 -23.32 -1.19 9.85
CA VAL B 293 -24.59 -1.71 10.33
C VAL B 293 -24.38 -2.48 11.63
N LEU B 294 -23.36 -3.35 11.67
CA LEU B 294 -23.03 -4.04 12.91
C LEU B 294 -22.86 -3.04 14.04
N THR B 295 -22.10 -1.97 13.79
CA THR B 295 -21.79 -1.02 14.84
C THR B 295 -23.05 -0.34 15.36
N LYS B 296 -23.96 0.04 14.45
CA LYS B 296 -25.20 0.67 14.88
C LYS B 296 -26.00 -0.25 15.78
N PHE B 297 -26.12 -1.52 15.44
CA PHE B 297 -26.87 -2.45 16.28
C PHE B 297 -26.17 -2.72 17.60
N ALA B 298 -24.83 -2.72 17.60
CA ALA B 298 -24.12 -2.86 18.87
C ALA B 298 -24.43 -1.71 19.82
N ARG B 299 -24.49 -0.47 19.29
CA ARG B 299 -24.82 0.65 20.15
C ARG B 299 -26.25 0.54 20.65
N LEU B 300 -27.16 0.18 19.75
CA LEU B 300 -28.55 0.00 20.14
C LEU B 300 -28.68 -1.03 21.26
N ALA B 301 -27.93 -2.14 21.16
CA ALA B 301 -27.96 -3.20 22.16
C ALA B 301 -27.30 -2.80 23.47
N GLY B 302 -26.45 -1.80 23.45
CA GLY B 302 -25.88 -1.25 24.65
C GLY B 302 -24.43 -1.60 24.93
N ALA B 303 -23.69 -2.08 23.96
CA ALA B 303 -22.27 -2.28 24.13
C ALA B 303 -21.61 -0.95 24.49
N SER B 304 -20.67 -1.00 25.44
CA SER B 304 -19.86 0.17 25.78
C SER B 304 -18.77 0.42 24.76
N GLY B 305 -18.27 -0.63 24.13
CA GLY B 305 -17.32 -0.48 23.04
C GLY B 305 -17.42 -1.69 22.14
N ILE B 306 -16.98 -1.50 20.90
CA ILE B 306 -16.90 -2.58 19.93
C ILE B 306 -15.64 -2.36 19.12
N HIS B 307 -15.05 -3.45 18.64
CA HIS B 307 -13.82 -3.35 17.88
C HIS B 307 -14.05 -2.76 16.50
N THR B 308 -13.07 -1.99 16.05
CA THR B 308 -12.94 -1.57 14.67
C THR B 308 -11.49 -1.81 14.25
N GLY B 309 -11.21 -1.60 12.97
CA GLY B 309 -9.86 -1.58 12.47
C GLY B 309 -9.22 -0.22 12.68
N THR B 310 -8.10 -0.02 11.98
CA THR B 310 -7.24 1.15 12.18
C THR B 310 -7.49 2.26 11.17
N ALA B 311 -8.63 2.25 10.49
CA ALA B 311 -8.94 3.32 9.54
C ALA B 311 -7.85 3.49 8.49
N GLY B 312 -7.32 2.37 8.02
CA GLY B 312 -6.33 2.36 6.97
C GLY B 312 -4.94 2.72 7.40
N ILE B 313 -4.70 2.88 8.69
CA ILE B 313 -3.40 3.27 9.20
C ILE B 313 -2.59 2.01 9.49
N GLY B 314 -1.37 1.95 9.01
CA GLY B 314 -0.55 0.79 9.31
C GLY B 314 0.29 0.31 8.15
N LYS B 315 1.54 0.76 8.10
CA LYS B 315 2.50 0.48 7.03
C LYS B 315 1.98 0.99 5.69
N MET B 316 0.72 0.73 5.37
CA MET B 316 0.08 1.32 4.19
C MET B 316 -1.12 2.15 4.63
N ALA B 317 -1.40 3.21 3.88
CA ALA B 317 -2.55 4.08 4.13
C ALA B 317 -3.74 3.57 3.33
N GLY B 318 -4.57 2.75 3.98
CA GLY B 318 -5.77 2.24 3.37
C GLY B 318 -6.94 3.18 3.54
N SER B 319 -8.09 2.74 3.07
CA SER B 319 -9.27 3.58 3.14
C SER B 319 -9.74 3.74 4.58
N PRO B 320 -9.81 4.97 5.11
CA PRO B 320 -10.34 5.15 6.47
C PRO B 320 -11.85 5.12 6.56
N LYS B 321 -12.54 5.09 5.43
CA LYS B 321 -14.01 5.29 5.40
C LYS B 321 -14.78 4.39 6.35
N GLU B 322 -14.51 3.11 6.37
CA GLU B 322 -15.37 2.21 7.14
C GLU B 322 -15.17 2.41 8.63
N ASP B 323 -13.91 2.48 9.08
CA ASP B 323 -13.65 2.60 10.51
C ASP B 323 -13.99 4.00 11.02
N VAL B 324 -13.84 5.03 10.18
CA VAL B 324 -14.26 6.36 10.59
C VAL B 324 -15.78 6.40 10.75
N MET B 325 -16.51 5.82 9.79
CA MET B 325 -17.97 5.78 9.88
C MET B 325 -18.41 5.01 11.12
N ALA B 326 -17.75 3.87 11.38
CA ALA B 326 -18.07 3.11 12.59
C ALA B 326 -17.83 3.95 13.83
N ALA B 327 -16.72 4.69 13.88
CA ALA B 327 -16.46 5.52 15.05
C ALA B 327 -17.50 6.62 15.20
N ARG B 328 -17.98 7.15 14.08
CA ARG B 328 -19.02 8.17 14.17
C ARG B 328 -20.34 7.57 14.64
N HIS B 329 -20.73 6.42 14.09
CA HIS B 329 -21.95 5.76 14.55
C HIS B 329 -21.86 5.39 16.03
N ALA B 330 -20.65 5.04 16.49
CA ALA B 330 -20.52 4.59 17.87
C ALA B 330 -20.62 5.75 18.84
N LEU B 331 -19.94 6.86 18.52
CA LEU B 331 -19.69 7.93 19.50
C LEU B 331 -20.62 9.12 19.44
N LYS B 332 -21.16 9.46 18.26
CA LYS B 332 -21.70 10.79 18.08
C LYS B 332 -23.20 10.87 18.34
N LEU B 333 -23.66 12.10 18.65
CA LEU B 333 -25.08 12.39 18.69
C LEU B 333 -25.67 12.34 17.29
N TYR B 334 -24.90 12.79 16.30
CA TYR B 334 -25.33 12.85 14.91
C TYR B 334 -24.28 12.14 14.07
N SER B 335 -24.68 11.06 13.41
CA SER B 335 -23.77 10.32 12.55
C SER B 335 -24.41 10.08 11.20
N GLU B 336 -23.59 9.85 10.20
CA GLU B 336 -24.07 9.64 8.84
C GLU B 336 -23.55 8.31 8.34
N GLY B 337 -24.47 7.48 7.86
CA GLY B 337 -24.14 6.30 7.11
C GLY B 337 -24.05 6.61 5.63
N ASP B 338 -23.97 5.58 4.81
CA ASP B 338 -23.89 5.76 3.34
C ASP B 338 -25.25 6.21 2.81
N TYR B 339 -26.34 5.94 3.54
CA TYR B 339 -27.67 6.23 3.04
C TYR B 339 -28.59 6.94 4.01
N PHE B 340 -28.34 6.86 5.32
CA PHE B 340 -29.22 7.47 6.30
C PHE B 340 -28.44 8.31 7.29
N LYS B 341 -28.98 9.48 7.59
CA LYS B 341 -28.53 10.29 8.71
C LYS B 341 -29.17 9.76 9.99
N GLN B 342 -28.38 9.70 11.06
CA GLN B 342 -28.86 9.15 12.33
C GLN B 342 -28.66 10.16 13.45
N ILE B 343 -29.74 10.57 14.08
CA ILE B 343 -29.66 11.27 15.37
C ILE B 343 -29.88 10.22 16.45
N TRP B 344 -28.94 10.14 17.38
CA TRP B 344 -28.95 9.14 18.44
C TRP B 344 -29.66 9.68 19.68
N SER B 345 -30.94 9.96 19.50
CA SER B 345 -31.76 10.55 20.55
C SER B 345 -33.22 10.32 20.20
N GLU B 346 -34.03 10.08 21.24
CA GLU B 346 -35.48 10.05 21.08
C GLU B 346 -36.09 11.44 20.95
N ILE B 347 -35.30 12.49 21.11
CA ILE B 347 -35.87 13.85 21.02
C ILE B 347 -36.26 14.13 19.57
N PRO B 348 -37.45 14.65 19.30
CA PRO B 348 -37.79 14.94 17.90
C PRO B 348 -36.83 15.94 17.28
N GLU B 349 -36.55 15.74 16.00
CA GLU B 349 -35.55 16.53 15.30
C GLU B 349 -35.82 18.02 15.41
N LYS B 350 -37.09 18.42 15.54
CA LYS B 350 -37.47 19.82 15.58
C LYS B 350 -37.04 20.53 16.86
N ASP B 351 -36.62 19.79 17.88
CA ASP B 351 -36.32 20.37 19.19
C ASP B 351 -35.10 21.28 19.11
N ALA B 352 -35.26 22.50 19.62
CA ALA B 352 -34.17 23.48 19.54
C ALA B 352 -32.97 23.05 20.37
N ASP B 353 -33.20 22.45 21.54
CA ASP B 353 -32.09 22.00 22.37
C ASP B 353 -31.30 20.91 21.66
N LEU B 354 -32.00 20.00 20.99
CA LEU B 354 -31.33 18.93 20.26
C LEU B 354 -30.47 19.52 19.13
N GLN B 355 -31.04 20.43 18.36
CA GLN B 355 -30.29 21.02 17.25
C GLN B 355 -29.06 21.79 17.77
N LEU B 356 -29.22 22.51 18.87
CA LEU B 356 -28.07 23.21 19.43
C LEU B 356 -26.97 22.22 19.82
N ALA B 357 -27.34 21.08 20.39
CA ALA B 357 -26.33 20.09 20.78
C ALA B 357 -25.62 19.52 19.55
N ILE B 358 -26.38 19.29 18.46
CA ILE B 358 -25.77 18.79 17.23
C ILE B 358 -24.78 19.81 16.70
N GLN B 359 -25.16 21.09 16.72
CA GLN B 359 -24.26 22.15 16.27
C GLN B 359 -23.01 22.21 17.13
N LYS B 360 -23.18 22.17 18.46
CA LYS B 360 -22.02 22.23 19.35
C LYS B 360 -21.13 21.01 19.18
N GLU B 361 -21.72 19.85 18.89
CA GLU B 361 -20.91 18.67 18.58
C GLU B 361 -20.05 18.94 17.35
N ALA B 362 -20.60 19.63 16.35
CA ALA B 362 -19.78 19.99 15.19
C ALA B 362 -18.60 20.87 15.60
N GLU B 363 -18.78 21.68 16.64
CA GLU B 363 -17.72 22.54 17.16
C GLU B 363 -16.82 21.85 18.16
N GLY B 364 -17.09 20.59 18.50
CA GLY B 364 -16.21 19.82 19.36
C GLY B 364 -16.68 19.59 20.79
N GLU B 365 -17.94 19.89 21.12
CA GLU B 365 -18.43 19.81 22.49
C GLU B 365 -19.28 18.56 22.69
N ASP B 366 -19.17 17.98 23.89
CA ASP B 366 -19.95 16.80 24.25
C ASP B 366 -21.42 17.18 24.47
N TYR B 367 -22.30 16.19 24.30
CA TYR B 367 -23.74 16.43 24.29
C TYR B 367 -24.46 15.84 25.50
N SER B 368 -23.75 15.54 26.58
CA SER B 368 -24.38 14.97 27.77
C SER B 368 -25.36 15.92 28.42
N ASN B 369 -25.24 17.23 28.15
CA ASN B 369 -26.14 18.21 28.74
C ASN B 369 -27.59 18.00 28.33
N LEU B 370 -27.82 17.26 27.25
CA LEU B 370 -29.19 16.95 26.85
C LEU B 370 -29.89 16.10 27.90
N GLY B 371 -29.14 15.27 28.62
CA GLY B 371 -29.74 14.34 29.57
C GLY B 371 -29.68 12.91 29.07
N TYR B 372 -28.95 12.06 29.80
CA TYR B 372 -28.74 10.69 29.34
C TYR B 372 -30.05 9.95 29.09
N TRP B 373 -31.11 10.32 29.81
CA TRP B 373 -32.38 9.63 29.67
C TRP B 373 -33.09 9.96 28.36
N ARG B 374 -32.60 10.94 27.59
CA ARG B 374 -33.21 11.30 26.33
C ARG B 374 -32.30 11.03 25.14
N ILE B 375 -31.12 10.46 25.36
CA ILE B 375 -30.18 10.22 24.27
C ILE B 375 -29.72 8.78 24.35
N THR B 376 -29.12 8.33 23.26
CA THR B 376 -28.41 7.06 23.22
C THR B 376 -26.96 7.35 23.54
N LYS B 377 -26.47 6.83 24.66
CA LYS B 377 -25.13 7.18 25.14
C LYS B 377 -24.06 6.65 24.18
N LYS B 378 -22.84 7.12 24.37
CA LYS B 378 -21.78 6.84 23.41
C LYS B 378 -21.14 5.47 23.63
N MET B 379 -20.90 4.78 22.53
CA MET B 379 -20.10 3.56 22.45
C MET B 379 -18.77 3.93 21.82
N CYS B 380 -17.66 3.27 22.28
CA CYS B 380 -16.39 3.66 21.69
C CYS B 380 -15.79 2.55 20.83
N PRO B 381 -15.00 2.93 19.82
CA PRO B 381 -14.23 1.92 19.09
C PRO B 381 -13.10 1.38 19.96
N ILE B 382 -12.78 0.11 19.72
CA ILE B 382 -11.65 -0.58 20.36
C ILE B 382 -10.77 -1.01 19.20
N ILE B 383 -9.58 -0.44 19.11
CA ILE B 383 -8.82 -0.49 17.87
C ILE B 383 -7.95 -1.74 17.82
N SER B 384 -8.23 -2.60 16.85
CA SER B 384 -7.43 -3.78 16.57
C SER B 384 -6.67 -3.55 15.27
N GLY B 385 -5.40 -3.91 15.27
CA GLY B 385 -4.56 -3.82 14.10
C GLY B 385 -3.25 -3.14 14.39
N GLY B 386 -2.48 -2.92 13.33
CA GLY B 386 -1.07 -2.60 13.45
C GLY B 386 -0.74 -1.19 13.84
N LEU B 387 -1.42 -0.63 14.84
CA LEU B 387 -0.92 0.62 15.40
C LEU B 387 0.35 0.35 16.22
N ASN B 388 1.13 1.40 16.43
CA ASN B 388 2.37 1.39 17.19
C ASN B 388 2.65 2.86 17.50
N PRO B 389 3.71 3.17 18.26
CA PRO B 389 3.93 4.57 18.64
C PRO B 389 4.09 5.52 17.47
N LEU B 390 4.60 5.06 16.33
CA LEU B 390 4.80 5.93 15.19
C LEU B 390 3.52 6.23 14.44
N LEU B 391 2.44 5.52 14.72
CA LEU B 391 1.19 5.65 13.99
C LEU B 391 0.04 6.15 14.84
N ILE B 392 0.22 6.32 16.15
CA ILE B 392 -0.93 6.68 16.98
C ILE B 392 -1.38 8.10 16.69
N GLY B 393 -0.44 9.04 16.52
CA GLY B 393 -0.83 10.39 16.14
C GLY B 393 -1.58 10.43 14.83
N LYS B 394 -1.04 9.78 13.80
CA LYS B 394 -1.73 9.76 12.52
C LYS B 394 -3.12 9.15 12.67
N PHE B 395 -3.25 8.11 13.50
CA PHE B 395 -4.56 7.51 13.69
C PHE B 395 -5.53 8.49 14.32
N ILE B 396 -5.10 9.17 15.39
CA ILE B 396 -5.97 10.16 16.03
C ILE B 396 -6.44 11.19 15.01
N ASP B 397 -5.51 11.70 14.20
CA ASP B 397 -5.87 12.71 13.20
C ASP B 397 -6.84 12.14 12.16
N THR B 398 -6.68 10.86 11.81
CA THR B 398 -7.52 10.23 10.81
C THR B 398 -8.95 9.99 11.31
N VAL B 399 -9.08 9.42 12.51
CA VAL B 399 -10.42 9.15 13.04
C VAL B 399 -11.08 10.40 13.61
N GLY B 400 -10.31 11.45 13.89
CA GLY B 400 -10.91 12.70 14.30
C GLY B 400 -11.45 12.71 15.70
N THR B 401 -10.95 11.83 16.57
CA THR B 401 -11.39 11.79 17.94
C THR B 401 -10.33 11.07 18.76
N GLN B 402 -10.38 11.29 20.07
CA GLN B 402 -9.55 10.56 21.02
C GLN B 402 -10.36 9.58 21.84
N ASP B 403 -11.65 9.43 21.55
CA ASP B 403 -12.53 8.56 22.34
C ASP B 403 -12.45 7.13 21.81
N PHE B 404 -11.28 6.51 21.99
CA PHE B 404 -11.15 5.11 21.66
C PHE B 404 -10.20 4.42 22.62
N ILE B 405 -10.29 3.09 22.63
CA ILE B 405 -9.38 2.20 23.35
C ILE B 405 -8.55 1.47 22.30
N THR B 406 -7.22 1.50 22.46
CA THR B 406 -6.40 0.70 21.57
C THR B 406 -6.17 -0.66 22.22
N THR B 407 -6.07 -1.70 21.41
CA THR B 407 -5.63 -3.02 21.88
C THR B 407 -4.53 -3.45 20.92
N MET B 408 -3.34 -2.91 21.12
CA MET B 408 -2.19 -3.21 20.29
C MET B 408 -1.63 -4.57 20.64
N GLY B 409 -0.98 -5.19 19.67
CA GLY B 409 -0.23 -6.40 19.90
C GLY B 409 1.23 -6.12 19.66
N ALA B 410 1.68 -6.34 18.42
CA ALA B 410 3.08 -6.13 18.11
C ALA B 410 3.51 -4.68 18.37
N GLY B 411 2.60 -3.74 18.21
CA GLY B 411 2.93 -2.34 18.41
C GLY B 411 3.33 -1.99 19.82
N VAL B 412 3.13 -2.91 20.77
CA VAL B 412 3.66 -2.83 22.12
C VAL B 412 4.69 -3.92 22.37
N HIS B 413 4.34 -5.18 22.09
CA HIS B 413 5.16 -6.30 22.55
C HIS B 413 6.42 -6.52 21.74
N SER B 414 6.46 -6.05 20.51
CA SER B 414 7.66 -6.16 19.68
C SER B 414 8.64 -5.02 19.95
N HIS B 415 8.32 -4.12 20.87
CA HIS B 415 9.25 -3.04 21.16
C HIS B 415 10.59 -3.66 21.56
N PRO B 416 11.70 -3.12 21.06
CA PRO B 416 13.00 -3.80 21.23
C PRO B 416 13.57 -3.68 22.63
N MET B 417 12.88 -3.01 23.55
CA MET B 417 13.21 -3.07 24.96
C MET B 417 12.16 -3.83 25.77
N GLY B 418 11.15 -4.38 25.12
CA GLY B 418 10.17 -5.22 25.78
C GLY B 418 8.85 -4.51 26.02
N THR B 419 7.93 -5.28 26.62
CA THR B 419 6.53 -4.87 26.72
C THR B 419 6.35 -3.60 27.56
N LYS B 420 7.03 -3.52 28.71
CA LYS B 420 6.88 -2.35 29.57
C LYS B 420 7.32 -1.08 28.84
N ALA B 421 8.48 -1.14 28.20
CA ALA B 421 8.96 -0.01 27.42
C ALA B 421 8.06 0.26 26.23
N GLY B 422 7.47 -0.78 25.63
CA GLY B 422 6.55 -0.58 24.53
C GLY B 422 5.35 0.26 24.94
N ALA B 423 4.80 0.00 26.12
CA ALA B 423 3.70 0.83 26.61
C ALA B 423 4.15 2.26 26.81
N THR B 424 5.33 2.44 27.40
CA THR B 424 5.85 3.78 27.63
C THR B 424 6.00 4.54 26.31
N ALA B 425 6.46 3.84 25.26
CA ALA B 425 6.68 4.49 23.97
C ALA B 425 5.37 5.02 23.39
N VAL B 426 4.30 4.23 23.53
CA VAL B 426 2.99 4.67 23.04
C VAL B 426 2.58 5.96 23.73
N LEU B 427 2.72 6.01 25.04
CA LEU B 427 2.34 7.21 25.78
C LEU B 427 3.21 8.40 25.38
N GLN B 428 4.51 8.17 25.17
CA GLN B 428 5.40 9.24 24.75
C GLN B 428 5.02 9.77 23.38
N ALA B 429 4.65 8.86 22.48
CA ALA B 429 4.18 9.27 21.16
C ALA B 429 2.90 10.06 21.28
N TYR B 430 2.01 9.66 22.20
CA TYR B 430 0.80 10.44 22.42
C TYR B 430 1.15 11.86 22.89
N GLU B 431 2.07 11.96 23.85
CA GLU B 431 2.50 13.27 24.32
C GLU B 431 3.01 14.13 23.18
N ALA B 432 3.84 13.56 22.30
CA ALA B 432 4.34 14.30 21.16
C ALA B 432 3.20 14.84 20.31
N TRP B 433 2.22 13.98 19.99
CA TRP B 433 1.05 14.42 19.23
C TRP B 433 0.33 15.57 19.92
N LYS B 434 0.07 15.41 21.22
CA LYS B 434 -0.68 16.41 21.97
C LYS B 434 0.04 17.74 22.00
N GLN B 435 1.37 17.73 22.20
CA GLN B 435 2.16 18.95 22.30
C GLN B 435 2.61 19.49 20.95
N LYS B 436 2.26 18.81 19.86
CA LYS B 436 2.61 19.26 18.51
C LYS B 436 4.12 19.23 18.29
N ILE B 437 4.75 18.14 18.72
CA ILE B 437 6.18 17.93 18.56
C ILE B 437 6.38 16.70 17.70
N SER B 438 7.32 16.77 16.76
CA SER B 438 7.57 15.61 15.92
C SER B 438 8.09 14.45 16.77
N LEU B 439 7.80 13.22 16.32
CA LEU B 439 8.34 12.05 17.02
C LEU B 439 9.86 12.14 17.17
N GLU B 440 10.54 12.51 16.09
CA GLU B 440 12.00 12.59 16.15
C GLU B 440 12.45 13.56 17.23
N ASP B 441 11.79 14.72 17.32
CA ASP B 441 12.23 15.73 18.28
C ASP B 441 11.85 15.34 19.71
N TYR B 442 10.66 14.77 19.90
CA TYR B 442 10.24 14.35 21.24
C TYR B 442 11.09 13.22 21.78
N ALA B 443 11.67 12.40 20.89
CA ALA B 443 12.43 11.22 21.27
C ALA B 443 13.89 11.52 21.58
N LYS B 444 14.37 12.73 21.30
CA LYS B 444 15.76 13.03 21.63
C LYS B 444 16.04 12.85 23.12
N ASP B 445 14.99 12.92 23.93
CA ASP B 445 15.02 12.89 25.39
C ASP B 445 14.58 11.53 25.95
N LYS B 446 14.12 10.60 25.12
CA LYS B 446 13.24 9.53 25.59
C LYS B 446 13.61 8.26 24.83
N GLU B 447 14.35 7.37 25.51
CA GLU B 447 14.93 6.23 24.83
C GLU B 447 13.87 5.25 24.34
N GLU B 448 12.73 5.14 25.04
CA GLU B 448 11.71 4.21 24.60
C GLU B 448 11.12 4.62 23.26
N LEU B 449 10.73 5.88 23.12
CA LEU B 449 10.24 6.35 21.82
C LEU B 449 11.36 6.32 20.78
N ARG B 450 12.57 6.68 21.19
CA ARG B 450 13.68 6.72 20.23
C ARG B 450 13.91 5.33 19.64
N ALA B 451 13.88 4.30 20.50
CA ALA B 451 14.02 2.92 20.02
C ALA B 451 12.85 2.52 19.15
N ALA B 452 11.64 3.00 19.50
CA ALA B 452 10.47 2.67 18.70
C ALA B 452 10.56 3.26 17.30
N ILE B 453 11.08 4.49 17.18
CA ILE B 453 11.29 5.09 15.87
C ILE B 453 12.19 4.19 15.02
N GLN B 454 13.28 3.70 15.62
CA GLN B 454 14.21 2.85 14.88
C GLN B 454 13.55 1.55 14.45
N PHE B 455 12.78 0.95 15.35
CA PHE B 455 12.28 -0.40 15.12
C PHE B 455 11.04 -0.43 14.22
N TYR B 456 10.05 0.42 14.50
CA TYR B 456 8.78 0.34 13.80
C TYR B 456 8.80 0.99 12.43
N ASP B 457 9.88 1.65 12.05
CA ASP B 457 10.06 2.12 10.68
C ASP B 457 10.39 0.93 9.79
N SER B 463 12.24 -11.50 8.85
CA SER B 463 13.26 -11.40 9.88
C SER B 463 13.60 -12.78 10.41
N PRO B 464 14.81 -12.95 10.93
CA PRO B 464 15.20 -14.25 11.50
C PRO B 464 14.65 -14.52 12.89
N ASP B 465 13.94 -13.56 13.48
CA ASP B 465 13.46 -13.72 14.85
C ASP B 465 12.35 -14.76 14.91
N ARG B 466 12.42 -15.63 15.92
CA ARG B 466 11.37 -16.61 16.17
C ARG B 466 10.32 -15.98 17.06
N PRO B 467 9.06 -15.87 16.63
CA PRO B 467 8.06 -15.20 17.46
C PRO B 467 7.70 -16.02 18.70
N VAL B 468 7.06 -15.33 19.65
CA VAL B 468 6.51 -16.00 20.83
C VAL B 468 5.41 -16.96 20.38
N GLU C 4 -6.85 -39.20 5.78
CA GLU C 4 -6.22 -40.32 5.11
C GLU C 4 -4.74 -40.44 5.52
N TYR C 5 -3.99 -39.34 5.42
CA TYR C 5 -2.57 -39.38 5.73
C TYR C 5 -2.08 -38.02 6.23
N ILE C 6 -0.95 -38.06 6.92
CA ILE C 6 -0.29 -36.86 7.41
C ILE C 6 0.79 -36.52 6.38
N GLN C 7 0.51 -35.50 5.56
CA GLN C 7 1.42 -35.12 4.48
C GLN C 7 2.60 -34.33 5.01
N ILE C 8 2.37 -33.48 6.00
CA ILE C 8 3.37 -32.59 6.58
C ILE C 8 3.79 -33.14 7.93
N GLY C 9 5.10 -33.37 8.10
CA GLY C 9 5.65 -33.92 9.33
C GLY C 9 5.02 -33.37 10.58
N ASN C 10 4.56 -34.26 11.47
CA ASN C 10 3.78 -33.79 12.60
C ASN C 10 3.64 -34.89 13.66
N PRO C 11 3.17 -34.56 14.86
CA PRO C 11 2.61 -35.59 15.73
C PRO C 11 1.43 -36.26 15.05
N ASN C 12 0.99 -37.37 15.61
CA ASN C 12 -0.11 -38.14 15.02
C ASN C 12 -1.42 -37.42 15.29
N VAL C 13 -1.85 -36.60 14.34
CA VAL C 13 -3.07 -35.81 14.53
C VAL C 13 -4.31 -36.70 14.58
N PHE C 14 -4.18 -37.97 14.25
CA PHE C 14 -5.29 -38.91 14.31
C PHE C 14 -5.36 -39.67 15.64
N ASN C 15 -4.62 -39.23 16.65
CA ASN C 15 -4.53 -39.98 17.90
C ASN C 15 -5.65 -39.68 18.89
N GLY C 16 -6.62 -38.85 18.51
CA GLY C 16 -7.75 -38.52 19.35
C GLY C 16 -7.60 -37.24 20.14
N GLN C 17 -6.43 -36.63 20.10
CA GLN C 17 -6.18 -35.40 20.85
C GLN C 17 -6.54 -34.16 20.06
N TYR C 18 -6.95 -34.30 18.80
CA TYR C 18 -7.16 -33.14 17.95
C TYR C 18 -8.53 -33.18 17.30
N MET C 19 -9.18 -32.03 17.27
CA MET C 19 -10.28 -31.78 16.34
C MET C 19 -9.66 -31.41 15.00
N LEU C 20 -10.12 -32.04 13.95
CA LEU C 20 -9.61 -31.81 12.60
C LEU C 20 -10.57 -30.93 11.83
N ALA C 21 -10.01 -30.12 10.91
CA ALA C 21 -10.81 -29.23 10.09
C ALA C 21 -10.17 -29.14 8.71
N VAL C 22 -11.02 -29.00 7.70
CA VAL C 22 -10.58 -28.64 6.35
C VAL C 22 -11.13 -27.26 6.05
N PHE C 23 -10.24 -26.36 5.65
CA PHE C 23 -10.59 -25.05 5.16
C PHE C 23 -10.28 -24.97 3.66
N ARG C 24 -11.15 -24.30 2.91
CA ARG C 24 -10.78 -23.73 1.62
C ARG C 24 -10.16 -22.38 1.94
N LEU C 25 -8.90 -22.19 1.56
CA LEU C 25 -8.16 -20.98 1.90
C LEU C 25 -7.52 -20.40 0.65
N GLN C 26 -7.52 -19.07 0.57
CA GLN C 26 -6.72 -18.38 -0.43
C GLN C 26 -6.26 -17.06 0.19
N GLY C 27 -4.95 -16.81 0.15
CA GLY C 27 -4.42 -15.56 0.65
C GLY C 27 -4.54 -14.43 -0.35
N GLU C 28 -4.35 -13.22 0.16
CA GLU C 28 -4.25 -12.07 -0.73
C GLU C 28 -3.09 -12.25 -1.69
N GLU C 29 -3.12 -11.48 -2.79
CA GLU C 29 -2.06 -11.53 -3.78
C GLU C 29 -0.70 -11.50 -3.09
N GLY C 30 0.17 -12.44 -3.46
CA GLY C 30 1.52 -12.48 -2.98
C GLY C 30 1.78 -13.55 -1.95
N MET C 31 0.80 -13.88 -1.11
CA MET C 31 1.08 -14.87 -0.09
C MET C 31 0.71 -16.26 -0.58
N THR C 32 1.61 -17.20 -0.31
CA THR C 32 1.43 -18.58 -0.72
C THR C 32 0.33 -19.24 0.10
N LEU C 33 -0.14 -20.39 -0.40
CA LEU C 33 -1.14 -21.14 0.36
C LEU C 33 -0.57 -21.59 1.69
N VAL C 34 0.71 -21.96 1.73
CA VAL C 34 1.33 -22.40 2.97
C VAL C 34 1.34 -21.26 3.99
N ASP C 35 1.75 -20.06 3.57
CA ASP C 35 1.77 -18.97 4.52
C ASP C 35 0.36 -18.59 4.97
N THR C 36 -0.61 -18.66 4.06
CA THR C 36 -1.99 -18.38 4.46
C THR C 36 -2.45 -19.39 5.49
N ALA C 37 -2.12 -20.66 5.26
CA ALA C 37 -2.51 -21.71 6.20
C ALA C 37 -1.89 -21.45 7.57
N SER C 38 -0.62 -21.11 7.62
CA SER C 38 0.01 -20.88 8.92
C SER C 38 -0.59 -19.67 9.64
N GLU C 39 -0.90 -18.61 8.91
CA GLU C 39 -1.53 -17.45 9.54
C GLU C 39 -2.91 -17.81 10.08
N VAL C 40 -3.69 -18.58 9.31
CA VAL C 40 -5.02 -18.94 9.75
C VAL C 40 -4.94 -19.88 10.95
N ALA C 41 -4.02 -20.84 10.90
CA ALA C 41 -3.84 -21.77 12.03
C ALA C 41 -3.41 -21.01 13.28
N ALA C 42 -2.52 -20.03 13.14
CA ALA C 42 -2.10 -19.23 14.29
C ALA C 42 -3.27 -18.46 14.91
N GLU C 43 -4.02 -17.74 14.08
CA GLU C 43 -5.04 -16.84 14.62
C GLU C 43 -6.25 -17.60 15.12
N SER C 44 -6.41 -18.87 14.74
CA SER C 44 -7.46 -19.73 15.28
C SER C 44 -6.94 -20.62 16.40
N SER C 45 -5.75 -20.35 16.92
CA SER C 45 -5.25 -21.10 18.08
C SER C 45 -4.45 -20.21 19.03
N THR C 46 -3.12 -20.35 19.04
CA THR C 46 -2.27 -19.73 20.05
C THR C 46 -1.67 -18.40 19.62
N GLY C 47 -1.87 -18.01 18.38
CA GLY C 47 -1.26 -16.79 17.89
C GLY C 47 0.18 -16.91 17.50
N SER C 48 0.76 -18.11 17.53
CA SER C 48 2.15 -18.28 17.15
C SER C 48 2.25 -18.87 15.75
N PHE C 49 2.96 -18.19 14.85
CA PHE C 49 3.19 -18.71 13.51
C PHE C 49 4.15 -19.90 13.60
N VAL C 50 3.65 -21.08 13.25
CA VAL C 50 4.43 -22.32 13.31
C VAL C 50 4.86 -22.67 11.88
N LYS C 51 6.16 -22.76 11.63
CA LYS C 51 6.63 -23.19 10.33
C LYS C 51 6.23 -24.64 10.10
N ILE C 52 5.72 -24.94 8.90
CA ILE C 52 5.15 -26.26 8.68
C ILE C 52 6.24 -27.31 8.90
N GLY C 53 5.85 -28.43 9.50
CA GLY C 53 6.75 -29.54 9.71
C GLY C 53 7.63 -29.46 10.93
N THR C 54 7.49 -28.41 11.74
CA THR C 54 8.37 -28.23 12.89
C THR C 54 7.77 -28.72 14.20
N ALA C 55 6.49 -29.09 14.23
CA ALA C 55 5.94 -29.64 15.45
C ALA C 55 6.69 -30.92 15.79
N THR C 56 6.72 -31.25 17.07
CA THR C 56 7.40 -32.47 17.52
C THR C 56 6.38 -33.47 18.05
N ALA C 57 6.75 -34.75 17.96
CA ALA C 57 5.89 -35.80 18.49
C ALA C 57 5.47 -35.52 19.93
N PHE C 58 6.40 -35.01 20.75
CA PHE C 58 6.15 -34.68 22.16
C PHE C 58 5.58 -33.27 22.25
N SER C 59 6.01 -32.50 23.24
CA SER C 59 5.88 -31.03 23.28
C SER C 59 4.62 -30.50 23.94
N GLU C 60 3.45 -31.01 23.56
CA GLU C 60 2.19 -30.64 24.20
C GLU C 60 1.83 -29.17 23.99
N SER C 61 2.29 -28.61 22.87
CA SER C 61 1.88 -27.26 22.50
C SER C 61 0.41 -27.25 22.10
N LEU C 62 -0.24 -26.12 22.30
CA LEU C 62 -1.62 -25.96 21.88
C LEU C 62 -1.74 -25.39 20.47
N ASP C 63 -0.61 -25.21 19.78
CA ASP C 63 -0.65 -24.65 18.44
C ASP C 63 -1.47 -25.53 17.50
N ALA C 64 -2.30 -24.91 16.67
CA ALA C 64 -2.93 -25.64 15.58
C ALA C 64 -1.89 -26.05 14.55
N LEU C 65 -2.06 -27.24 13.97
CA LEU C 65 -1.08 -27.84 13.09
C LEU C 65 -1.64 -28.02 11.70
N VAL C 66 -1.03 -27.35 10.72
CA VAL C 66 -1.30 -27.64 9.32
C VAL C 66 -0.64 -28.96 8.98
N TYR C 67 -1.44 -29.96 8.63
CA TYR C 67 -0.88 -31.28 8.35
C TYR C 67 -1.07 -31.77 6.93
N ARG C 68 -1.83 -31.07 6.09
CA ARG C 68 -1.98 -31.43 4.70
C ARG C 68 -2.41 -30.19 3.94
N ILE C 69 -1.95 -30.09 2.70
CA ILE C 69 -2.32 -29.01 1.80
C ILE C 69 -2.56 -29.62 0.43
N ASP C 70 -3.59 -29.12 -0.26
CA ASP C 70 -3.89 -29.48 -1.65
C ASP C 70 -3.88 -28.16 -2.41
N GLU C 71 -2.74 -27.84 -3.04
CA GLU C 71 -2.58 -26.55 -3.70
C GLU C 71 -3.59 -26.37 -4.83
N LYS C 72 -3.81 -27.43 -5.60
CA LYS C 72 -4.69 -27.34 -6.76
C LYS C 72 -6.09 -26.91 -6.37
N ASN C 73 -6.60 -27.44 -5.25
CA ASN C 73 -7.96 -27.17 -4.83
C ASN C 73 -8.04 -26.17 -3.68
N ASN C 74 -6.91 -25.56 -3.30
CA ASN C 74 -6.87 -24.57 -2.23
C ASN C 74 -7.45 -25.11 -0.94
N LEU C 75 -7.13 -26.36 -0.62
CA LEU C 75 -7.60 -27.01 0.59
C LEU C 75 -6.48 -27.13 1.61
N VAL C 76 -6.81 -26.93 2.87
CA VAL C 76 -5.84 -26.97 3.97
C VAL C 76 -6.47 -27.75 5.12
N TRP C 77 -5.73 -28.75 5.63
CA TRP C 77 -6.14 -29.55 6.76
C TRP C 77 -5.40 -29.06 8.01
N ILE C 78 -6.16 -28.76 9.06
CA ILE C 78 -5.61 -28.21 10.29
C ILE C 78 -6.11 -29.03 11.46
N ALA C 79 -5.21 -29.39 12.35
CA ALA C 79 -5.50 -30.14 13.57
C ALA C 79 -5.43 -29.20 14.76
N TYR C 80 -6.52 -29.11 15.50
CA TYR C 80 -6.59 -28.28 16.69
C TYR C 80 -6.54 -29.17 17.92
N PRO C 81 -5.55 -29.04 18.80
CA PRO C 81 -5.60 -29.80 20.06
C PRO C 81 -6.81 -29.34 20.86
N TRP C 82 -7.77 -30.25 21.09
CA TRP C 82 -9.03 -29.76 21.66
C TRP C 82 -8.87 -29.33 23.11
N ARG C 83 -7.73 -29.63 23.73
CA ARG C 83 -7.40 -29.04 25.03
C ARG C 83 -7.42 -27.52 24.98
N ILE C 84 -7.30 -26.93 23.79
CA ILE C 84 -7.26 -25.48 23.71
C ILE C 84 -8.62 -24.86 23.93
N PHE C 85 -9.69 -25.65 23.76
CA PHE C 85 -11.04 -25.13 23.86
C PHE C 85 -11.45 -25.00 25.32
N ASP C 86 -12.34 -24.05 25.57
CA ASP C 86 -12.90 -23.84 26.89
C ASP C 86 -13.50 -25.14 27.40
N ARG C 87 -13.34 -25.36 28.70
CA ARG C 87 -13.94 -26.52 29.33
C ARG C 87 -15.44 -26.31 29.48
N GLY C 88 -16.11 -27.29 30.07
CA GLY C 88 -17.53 -27.18 30.24
C GLY C 88 -18.35 -27.33 28.97
N GLY C 89 -17.78 -27.93 27.93
CA GLY C 89 -18.55 -28.17 26.72
C GLY C 89 -19.01 -26.94 25.99
N ASN C 90 -18.18 -25.90 25.96
CA ASN C 90 -18.58 -24.60 25.43
C ASN C 90 -18.43 -24.58 23.91
N VAL C 91 -19.56 -24.58 23.19
CA VAL C 91 -19.48 -24.63 21.74
C VAL C 91 -19.22 -23.26 21.14
N GLN C 92 -19.78 -22.19 21.72
CA GLN C 92 -19.45 -20.87 21.16
C GLN C 92 -17.95 -20.63 21.16
N ASN C 93 -17.24 -21.18 22.14
CA ASN C 93 -15.79 -21.00 22.21
C ASN C 93 -15.10 -21.64 21.02
N ILE C 94 -15.51 -22.85 20.65
CA ILE C 94 -14.92 -23.50 19.48
C ILE C 94 -15.09 -22.62 18.25
N MET C 95 -16.33 -22.14 18.06
CA MET C 95 -16.66 -21.30 16.93
C MET C 95 -15.87 -20.00 16.95
N THR C 96 -15.55 -19.49 18.14
CA THR C 96 -14.73 -18.29 18.26
C THR C 96 -13.30 -18.54 17.79
N PHE C 97 -12.73 -19.71 18.11
CA PHE C 97 -11.39 -20.04 17.63
C PHE C 97 -11.38 -20.22 16.11
N ILE C 98 -12.24 -21.11 15.60
CA ILE C 98 -12.07 -21.56 14.22
C ILE C 98 -12.89 -20.74 13.23
N ALA C 99 -13.90 -20.03 13.70
CA ALA C 99 -14.84 -19.29 12.87
C ALA C 99 -15.03 -17.88 13.40
N GLY C 100 -13.93 -17.28 13.85
CA GLY C 100 -13.96 -15.97 14.46
C GLY C 100 -13.16 -14.96 13.68
N ASN C 101 -12.09 -14.45 14.31
CA ASN C 101 -11.22 -13.46 13.68
C ASN C 101 -10.67 -13.91 12.34
N VAL C 102 -10.53 -15.21 12.09
CA VAL C 102 -10.01 -15.64 10.79
C VAL C 102 -10.86 -15.10 9.65
N PHE C 103 -12.17 -14.93 9.86
CA PHE C 103 -13.04 -14.38 8.84
C PHE C 103 -12.85 -12.89 8.61
N GLY C 104 -12.11 -12.21 9.48
CA GLY C 104 -11.85 -10.78 9.38
C GLY C 104 -10.43 -10.45 8.95
N MET C 105 -9.62 -11.45 8.63
CA MET C 105 -8.24 -11.20 8.24
C MET C 105 -8.22 -10.73 6.79
N ALA C 106 -7.83 -9.48 6.58
CA ALA C 106 -7.84 -8.91 5.23
C ALA C 106 -6.90 -9.67 4.31
N SER C 107 -5.86 -10.30 4.87
CA SER C 107 -4.91 -11.08 4.09
C SER C 107 -5.45 -12.43 3.64
N VAL C 108 -6.66 -12.80 4.05
CA VAL C 108 -7.24 -14.10 3.72
C VAL C 108 -8.53 -13.81 2.95
N LYS C 109 -8.49 -14.02 1.64
CA LYS C 109 -9.60 -13.67 0.75
C LYS C 109 -10.65 -14.78 0.62
N VAL C 110 -10.25 -16.03 0.84
CA VAL C 110 -11.16 -17.17 0.88
C VAL C 110 -10.84 -17.92 2.16
N CYS C 111 -11.88 -18.23 2.94
CA CYS C 111 -11.66 -18.87 4.24
C CYS C 111 -12.99 -19.53 4.63
N LYS C 112 -13.17 -20.78 4.18
CA LYS C 112 -14.44 -21.49 4.30
C LYS C 112 -14.17 -22.83 4.96
N ILE C 113 -14.73 -23.04 6.14
CA ILE C 113 -14.61 -24.32 6.81
C ILE C 113 -15.53 -25.31 6.12
N LEU C 114 -14.94 -26.37 5.55
CA LEU C 114 -15.69 -27.33 4.76
C LEU C 114 -16.10 -28.57 5.54
N ASP C 115 -15.35 -28.94 6.58
CA ASP C 115 -15.63 -30.15 7.34
C ASP C 115 -14.85 -30.04 8.66
N VAL C 116 -15.35 -30.71 9.68
CA VAL C 116 -14.68 -30.79 10.97
C VAL C 116 -14.87 -32.22 11.49
N TYR C 117 -13.92 -32.66 12.32
CA TYR C 117 -13.96 -34.01 12.88
C TYR C 117 -13.84 -33.92 14.39
N PHE C 118 -14.74 -34.58 15.11
CA PHE C 118 -14.72 -34.64 16.57
C PHE C 118 -14.25 -36.02 17.00
N PRO C 119 -13.07 -36.18 17.59
CA PRO C 119 -12.68 -37.50 18.10
C PRO C 119 -13.54 -37.89 19.29
N PRO C 120 -13.62 -39.18 19.60
CA PRO C 120 -14.48 -39.61 20.72
C PRO C 120 -14.11 -38.94 22.02
N GLN C 121 -12.81 -38.76 22.27
CA GLN C 121 -12.36 -38.14 23.51
C GLN C 121 -12.84 -36.69 23.61
N MET C 122 -13.08 -36.04 22.47
CA MET C 122 -13.66 -34.71 22.48
C MET C 122 -15.17 -34.75 22.64
N LEU C 123 -15.86 -35.67 21.96
CA LEU C 123 -17.31 -35.77 22.07
C LEU C 123 -17.76 -35.96 23.52
N VAL C 124 -16.97 -36.71 24.31
CA VAL C 124 -17.26 -36.93 25.74
C VAL C 124 -17.48 -35.62 26.47
N GLN C 125 -16.84 -34.55 26.03
CA GLN C 125 -16.81 -33.30 26.77
C GLN C 125 -18.01 -32.40 26.46
N TYR C 126 -18.88 -32.79 25.54
CA TYR C 126 -19.98 -31.97 25.08
C TYR C 126 -21.28 -32.72 25.31
N ASP C 127 -22.37 -31.96 25.39
CA ASP C 127 -23.65 -32.52 25.80
C ASP C 127 -24.18 -33.51 24.77
N GLY C 128 -24.25 -33.10 23.51
CA GLY C 128 -25.05 -33.78 22.52
C GLY C 128 -26.52 -33.61 22.85
N PRO C 129 -27.40 -34.09 21.97
CA PRO C 129 -28.84 -33.96 22.26
C PRO C 129 -29.26 -34.83 23.42
N GLU C 130 -30.37 -34.45 24.04
CA GLU C 130 -30.99 -35.26 25.10
C GLU C 130 -32.43 -35.64 24.78
N TYR C 131 -33.17 -34.79 24.07
CA TYR C 131 -34.55 -35.05 23.68
C TYR C 131 -34.58 -35.17 22.17
N THR C 132 -35.13 -36.26 21.65
CA THR C 132 -35.01 -36.54 20.22
C THR C 132 -36.38 -36.66 19.56
N ILE C 133 -36.31 -36.82 18.24
CA ILE C 133 -37.52 -37.06 17.45
C ILE C 133 -38.21 -38.33 17.91
N ASP C 134 -37.46 -39.30 18.44
CA ASP C 134 -38.08 -40.50 18.97
C ASP C 134 -38.93 -40.18 20.19
N ASP C 135 -38.45 -39.27 21.04
CA ASP C 135 -39.24 -38.85 22.19
C ASP C 135 -40.51 -38.11 21.75
N MET C 136 -40.39 -37.25 20.74
CA MET C 136 -41.57 -36.56 20.23
C MET C 136 -42.59 -37.54 19.66
N ARG C 137 -42.12 -38.54 18.90
CA ARG C 137 -43.03 -39.57 18.40
C ARG C 137 -43.76 -40.25 19.55
N LYS C 138 -43.04 -40.55 20.63
CA LYS C 138 -43.69 -41.18 21.78
C LYS C 138 -44.79 -40.30 22.32
N TYR C 139 -44.54 -39.00 22.48
CA TYR C 139 -45.61 -38.11 22.92
C TYR C 139 -46.77 -38.11 21.92
N LEU C 140 -46.48 -38.03 20.62
CA LEU C 140 -47.52 -38.04 19.60
C LEU C 140 -48.22 -39.39 19.49
N ASN C 141 -47.66 -40.42 20.12
CA ASN C 141 -48.16 -41.79 20.03
C ASN C 141 -48.18 -42.30 18.61
N ILE C 142 -47.08 -42.06 17.89
CA ILE C 142 -46.89 -42.58 16.55
C ILE C 142 -45.57 -43.33 16.47
N GLN C 143 -45.45 -44.15 15.44
CA GLN C 143 -44.26 -44.94 15.21
C GLN C 143 -43.80 -44.79 13.76
N GLU C 144 -42.49 -44.72 13.59
CA GLU C 144 -41.81 -44.86 12.30
C GLU C 144 -41.90 -43.65 11.39
N ARG C 145 -43.11 -43.13 11.17
CA ARG C 145 -43.32 -42.18 10.10
C ARG C 145 -42.71 -40.82 10.42
N PRO C 146 -42.52 -39.97 9.41
CA PRO C 146 -42.10 -38.60 9.68
C PRO C 146 -43.17 -37.84 10.46
N ILE C 147 -42.74 -36.78 11.12
CA ILE C 147 -43.62 -35.86 11.83
C ILE C 147 -44.01 -34.74 10.86
N PHE C 148 -45.29 -34.59 10.59
CA PHE C 148 -45.75 -33.66 9.57
C PHE C 148 -46.19 -32.37 10.23
N GLY C 149 -45.49 -31.27 9.92
CA GLY C 149 -45.70 -30.01 10.58
C GLY C 149 -45.97 -28.91 9.58
N SER C 150 -46.18 -27.72 10.12
CA SER C 150 -46.47 -26.59 9.27
C SER C 150 -46.00 -25.29 9.90
N ILE C 151 -45.78 -24.31 9.03
CA ILE C 151 -45.70 -22.91 9.38
C ILE C 151 -47.04 -22.27 9.09
N ILE C 152 -47.35 -21.22 9.83
CA ILE C 152 -48.60 -20.48 9.66
C ILE C 152 -48.34 -19.30 8.72
N LYS C 153 -49.34 -18.98 7.89
CA LYS C 153 -49.27 -17.89 6.94
C LYS C 153 -50.51 -17.01 7.05
N PRO C 154 -50.34 -15.67 7.02
CA PRO C 154 -49.08 -14.92 6.95
C PRO C 154 -48.26 -15.19 8.20
N LYS C 155 -46.93 -15.20 8.08
CA LYS C 155 -46.09 -15.68 9.17
C LYS C 155 -46.10 -14.73 10.35
N ILE C 156 -46.32 -13.44 10.09
CA ILE C 156 -46.44 -12.42 11.13
C ILE C 156 -47.62 -11.54 10.76
N GLY C 157 -48.46 -11.22 11.74
CA GLY C 157 -49.55 -10.29 11.52
C GLY C 157 -50.87 -10.77 12.07
N LEU C 158 -50.97 -12.08 12.31
CA LEU C 158 -52.22 -12.64 12.80
C LEU C 158 -52.37 -12.37 14.29
N THR C 159 -53.62 -12.18 14.72
CA THR C 159 -53.91 -12.14 16.14
C THR C 159 -53.61 -13.50 16.78
N SER C 160 -53.53 -13.51 18.11
CA SER C 160 -53.31 -14.78 18.81
C SER C 160 -54.42 -15.78 18.49
N SER C 161 -55.67 -15.31 18.48
CA SER C 161 -56.77 -16.24 18.21
C SER C 161 -56.74 -16.72 16.76
N GLU C 162 -56.44 -15.84 15.81
CA GLU C 162 -56.35 -16.23 14.41
C GLU C 162 -55.18 -17.19 14.20
N TYR C 163 -54.02 -16.88 14.77
CA TYR C 163 -52.88 -17.79 14.71
C TYR C 163 -53.25 -19.15 15.28
N ALA C 164 -53.84 -19.17 16.48
CA ALA C 164 -54.17 -20.44 17.11
C ALA C 164 -55.24 -21.19 16.31
N GLU C 165 -56.14 -20.49 15.63
CA GLU C 165 -57.19 -21.18 14.90
C GLU C 165 -56.62 -21.92 13.69
N LEU C 166 -55.61 -21.35 13.03
CA LEU C 166 -54.97 -22.08 11.94
C LEU C 166 -54.17 -23.26 12.47
N CYS C 167 -53.57 -23.13 13.66
CA CYS C 167 -53.01 -24.31 14.32
C CYS C 167 -54.07 -25.38 14.50
N TYR C 168 -55.23 -24.99 15.01
CA TYR C 168 -56.32 -25.94 15.21
C TYR C 168 -56.69 -26.62 13.90
N ASP C 169 -56.82 -25.85 12.82
CA ASP C 169 -57.22 -26.44 11.55
C ASP C 169 -56.19 -27.47 11.09
N PHE C 170 -54.91 -27.12 11.16
CA PHE C 170 -53.86 -28.03 10.72
C PHE C 170 -53.87 -29.29 11.57
N TRP C 171 -53.85 -29.13 12.89
CA TRP C 171 -53.88 -30.29 13.77
C TRP C 171 -55.14 -31.13 13.55
N SER C 172 -56.28 -30.47 13.32
CA SER C 172 -57.54 -31.18 13.16
C SER C 172 -57.51 -32.12 11.97
N GLY C 173 -56.79 -31.74 10.92
CA GLY C 173 -56.67 -32.56 9.74
C GLY C 173 -55.68 -33.70 9.85
N GLY C 174 -55.07 -33.86 11.02
CA GLY C 174 -54.09 -34.90 11.24
C GLY C 174 -52.67 -34.43 11.30
N GLY C 175 -52.40 -33.16 11.00
CA GLY C 175 -51.05 -32.64 11.16
C GLY C 175 -50.58 -32.77 12.60
N ASP C 176 -49.27 -32.89 12.76
CA ASP C 176 -48.70 -33.17 14.08
C ASP C 176 -48.14 -31.96 14.81
N PHE C 177 -47.59 -30.99 14.08
CA PHE C 177 -46.59 -30.08 14.60
C PHE C 177 -46.76 -28.72 13.94
N VAL C 178 -46.74 -27.67 14.74
CA VAL C 178 -46.74 -26.31 14.21
C VAL C 178 -45.60 -25.54 14.87
N ASN C 180 -44.03 -21.59 15.62
CA ASN C 180 -43.96 -20.12 15.52
C ASN C 180 -43.05 -19.79 14.32
N ASP C 181 -43.29 -18.64 13.69
CA ASP C 181 -42.28 -18.03 12.83
C ASP C 181 -41.03 -17.73 13.64
N GLU C 182 -39.86 -17.81 13.00
CA GLU C 182 -38.62 -17.63 13.75
C GLU C 182 -38.52 -16.30 14.52
N PRO C 183 -39.16 -15.19 14.08
CA PRO C 183 -39.10 -13.95 14.87
C PRO C 183 -40.44 -13.62 15.51
N GLN C 184 -41.33 -14.60 15.56
CA GLN C 184 -42.60 -14.41 16.25
C GLN C 184 -42.36 -14.36 17.75
N ALA C 185 -42.83 -13.31 18.41
CA ALA C 185 -42.47 -13.08 19.80
C ALA C 185 -43.56 -12.29 20.49
N ASP C 186 -43.20 -11.26 21.24
CA ASP C 186 -44.17 -10.48 22.00
C ASP C 186 -44.55 -9.19 21.27
N GLN C 187 -44.97 -9.34 20.02
CA GLN C 187 -45.50 -8.20 19.28
C GLN C 187 -46.86 -7.80 19.86
N ASP C 188 -47.13 -6.49 19.87
CA ASP C 188 -48.31 -5.98 20.56
C ASP C 188 -49.61 -6.46 19.93
N PHE C 189 -49.60 -6.81 18.65
CA PHE C 189 -50.80 -7.29 17.96
C PHE C 189 -50.99 -8.79 18.10
N CYS C 190 -50.01 -9.49 18.70
CA CYS C 190 -50.12 -10.92 18.97
C CYS C 190 -49.31 -11.21 20.22
N PRO C 191 -49.74 -10.67 21.36
CA PRO C 191 -48.87 -10.72 22.56
C PRO C 191 -48.54 -12.14 22.95
N TYR C 192 -47.33 -12.31 23.49
CA TYR C 192 -46.79 -13.65 23.68
C TYR C 192 -47.66 -14.48 24.62
N ASP C 193 -48.04 -13.92 25.75
CA ASP C 193 -48.85 -14.68 26.71
C ASP C 193 -50.18 -15.10 26.11
N LYS C 194 -50.83 -14.20 25.38
CA LYS C 194 -52.09 -14.56 24.74
C LYS C 194 -51.86 -15.63 23.67
N MET C 195 -50.74 -15.53 22.95
CA MET C 195 -50.44 -16.53 21.93
C MET C 195 -50.26 -17.89 22.56
N VAL C 196 -49.54 -17.96 23.68
CA VAL C 196 -49.41 -19.24 24.38
C VAL C 196 -50.78 -19.74 24.84
N GLN C 197 -51.57 -18.86 25.47
CA GLN C 197 -52.88 -19.26 25.96
C GLN C 197 -53.76 -19.79 24.84
N ASP C 198 -53.80 -19.09 23.71
CA ASP C 198 -54.72 -19.49 22.64
C ASP C 198 -54.21 -20.75 21.94
N VAL C 199 -52.90 -20.94 21.86
CA VAL C 199 -52.38 -22.21 21.34
C VAL C 199 -52.81 -23.36 22.24
N ARG C 200 -52.76 -23.16 23.57
CA ARG C 200 -53.19 -24.20 24.49
C ARG C 200 -54.68 -24.49 24.30
N HIS C 201 -55.50 -23.43 24.23
CA HIS C 201 -56.94 -23.65 24.04
C HIS C 201 -57.20 -24.41 22.74
N ALA C 202 -56.51 -24.03 21.67
CA ALA C 202 -56.71 -24.70 20.38
C ALA C 202 -56.30 -26.17 20.46
N MET C 203 -55.19 -26.47 21.12
CA MET C 203 -54.73 -27.86 21.17
C MET C 203 -55.66 -28.70 22.05
N ASP C 204 -56.16 -28.12 23.15
CA ASP C 204 -57.18 -28.81 23.95
C ASP C 204 -58.37 -29.22 23.08
N ARG C 205 -58.80 -28.33 22.19
CA ARG C 205 -59.97 -28.61 21.36
C ARG C 205 -59.68 -29.79 20.42
N VAL C 206 -58.51 -29.79 19.78
CA VAL C 206 -58.16 -30.90 18.89
C VAL C 206 -58.04 -32.19 19.68
N GLU C 207 -57.39 -32.14 20.84
CA GLU C 207 -57.28 -33.33 21.68
C GLU C 207 -58.64 -33.93 21.99
N GLN C 208 -59.57 -33.10 22.45
CA GLN C 208 -60.90 -33.59 22.81
C GLN C 208 -61.61 -34.21 21.62
N GLU C 209 -61.48 -33.57 20.44
CA GLU C 209 -62.27 -33.94 19.28
C GLU C 209 -61.68 -35.11 18.52
N THR C 210 -60.37 -35.31 18.59
CA THR C 210 -59.68 -36.34 17.84
C THR C 210 -59.08 -37.43 18.71
N GLY C 211 -58.91 -37.18 20.00
CA GLY C 211 -58.19 -38.11 20.84
C GLY C 211 -56.70 -38.16 20.63
N LYS C 212 -56.13 -37.25 19.84
CA LYS C 212 -54.72 -37.30 19.50
C LYS C 212 -53.97 -36.14 20.15
N THR C 213 -52.71 -36.38 20.46
CA THR C 213 -51.83 -35.33 20.94
C THR C 213 -51.21 -34.56 19.78
N LYS C 214 -50.73 -33.36 20.08
CA LYS C 214 -50.15 -32.47 19.09
C LYS C 214 -49.00 -31.69 19.73
N VAL C 215 -48.17 -31.09 18.91
CA VAL C 215 -46.99 -30.35 19.37
C VAL C 215 -46.96 -28.97 18.74
N HIS C 216 -46.64 -27.96 19.55
CA HIS C 216 -46.36 -26.62 19.07
C HIS C 216 -44.97 -26.19 19.51
N SER C 217 -44.21 -25.62 18.57
CA SER C 217 -42.87 -25.15 18.84
C SER C 217 -42.91 -23.63 19.01
N PHE C 218 -42.58 -23.16 20.21
CA PHE C 218 -42.65 -21.75 20.56
C PHE C 218 -41.28 -21.11 20.41
N ASN C 219 -41.22 -19.99 19.71
CA ASN C 219 -40.01 -19.17 19.72
C ASN C 219 -39.85 -18.52 21.09
N ILE C 220 -38.75 -18.84 21.77
CA ILE C 220 -38.43 -18.22 23.05
C ILE C 220 -37.22 -17.29 22.94
N SER C 221 -36.66 -17.15 21.76
CA SER C 221 -35.59 -16.18 21.53
C SER C 221 -36.06 -14.81 22.02
N SER C 222 -35.17 -14.11 22.74
CA SER C 222 -35.62 -12.93 23.44
C SER C 222 -34.53 -11.87 23.48
N SER C 223 -34.89 -10.74 24.09
CA SER C 223 -33.90 -9.69 24.36
C SER C 223 -32.78 -10.21 25.25
N ASP C 224 -33.13 -10.92 26.31
CA ASP C 224 -32.10 -11.35 27.26
C ASP C 224 -32.48 -12.71 27.83
N TYR C 225 -31.56 -13.25 28.64
CA TYR C 225 -31.76 -14.61 29.12
C TYR C 225 -32.89 -14.71 30.12
N ASP C 226 -33.03 -13.73 31.00
CA ASP C 226 -34.15 -13.75 31.95
C ASP C 226 -35.48 -13.77 31.21
N THR C 227 -35.60 -13.03 30.12
CA THR C 227 -36.86 -13.01 29.39
C THR C 227 -37.13 -14.35 28.73
N MET C 228 -36.09 -14.95 28.16
CA MET C 228 -36.24 -16.26 27.52
C MET C 228 -36.67 -17.31 28.55
N ILE C 229 -36.03 -17.28 29.72
CA ILE C 229 -36.37 -18.25 30.77
C ILE C 229 -37.81 -18.02 31.25
N LYS C 230 -38.23 -16.76 31.37
CA LYS C 230 -39.61 -16.50 31.78
C LYS C 230 -40.60 -17.04 30.76
N LYS C 231 -40.29 -16.91 29.46
CA LYS C 231 -41.16 -17.48 28.44
C LYS C 231 -41.18 -19.00 28.55
N ALA C 232 -40.01 -19.62 28.68
CA ALA C 232 -39.92 -21.07 28.79
C ALA C 232 -40.69 -21.57 30.00
N ASP C 233 -40.51 -20.91 31.15
CA ASP C 233 -41.22 -21.34 32.35
C ASP C 233 -42.72 -21.13 32.20
N TYR C 234 -43.12 -20.05 31.54
CA TYR C 234 -44.54 -19.81 31.34
C TYR C 234 -45.15 -20.90 30.47
N ILE C 235 -44.47 -21.25 29.37
CA ILE C 235 -44.93 -22.33 28.52
C ILE C 235 -45.03 -23.63 29.31
N GLN C 236 -44.02 -23.93 30.13
CA GLN C 236 -44.06 -25.16 30.92
C GLN C 236 -45.23 -25.17 31.90
N SER C 237 -45.64 -24.00 32.37
CA SER C 237 -46.76 -23.91 33.29
C SER C 237 -48.10 -24.00 32.59
N MET C 238 -48.11 -23.87 31.25
CA MET C 238 -49.37 -23.82 30.51
C MET C 238 -49.61 -24.99 29.57
N MET C 239 -48.56 -25.70 29.15
CA MET C 239 -48.67 -26.77 28.16
C MET C 239 -48.29 -28.10 28.79
N LYS C 240 -49.02 -29.15 28.43
CA LYS C 240 -48.69 -30.48 28.91
C LYS C 240 -47.28 -30.89 28.50
N PRO C 241 -46.54 -31.57 29.36
CA PRO C 241 -45.19 -32.01 28.97
C PRO C 241 -45.22 -32.87 27.72
N GLY C 242 -44.36 -32.52 26.76
CA GLY C 242 -44.28 -33.20 25.48
C GLY C 242 -44.97 -32.47 24.36
N SER C 243 -45.95 -31.62 24.68
CA SER C 243 -46.75 -30.93 23.68
C SER C 243 -46.13 -29.64 23.19
N TYR C 244 -44.99 -29.25 23.73
CA TYR C 244 -44.33 -28.02 23.29
C TYR C 244 -42.85 -28.29 23.02
N ALA C 245 -42.33 -27.55 22.04
CA ALA C 245 -40.90 -27.48 21.77
C ALA C 245 -40.45 -26.05 21.98
N PHE C 246 -39.14 -25.87 22.14
CA PHE C 246 -38.55 -24.55 22.32
C PHE C 246 -37.73 -24.23 21.06
N LEU C 247 -38.22 -23.27 20.26
CA LEU C 247 -37.52 -22.75 19.09
C LEU C 247 -36.58 -21.63 19.52
N VAL C 248 -35.31 -21.76 19.15
CA VAL C 248 -34.28 -20.78 19.45
C VAL C 248 -33.61 -20.37 18.14
N ASP C 249 -33.54 -19.06 17.89
CA ASP C 249 -32.84 -18.54 16.73
C ASP C 249 -31.34 -18.69 16.97
N GLY C 250 -30.78 -19.85 16.64
CA GLY C 250 -29.43 -20.17 17.09
C GLY C 250 -28.38 -19.19 16.61
N ILE C 251 -28.53 -18.70 15.37
CA ILE C 251 -27.49 -17.84 14.79
C ILE C 251 -27.60 -16.42 15.35
N THR C 252 -28.81 -15.87 15.44
CA THR C 252 -28.94 -14.49 15.88
C THR C 252 -29.00 -14.36 17.40
N ALA C 253 -29.73 -15.26 18.08
CA ALA C 253 -29.72 -15.24 19.54
C ALA C 253 -28.40 -15.75 20.10
N GLY C 254 -27.79 -16.75 19.44
CA GLY C 254 -26.45 -17.20 19.71
C GLY C 254 -26.33 -18.64 20.17
N TRP C 255 -25.11 -19.18 20.04
CA TRP C 255 -24.85 -20.55 20.50
C TRP C 255 -25.12 -20.69 22.00
N MET C 256 -24.87 -19.65 22.78
CA MET C 256 -25.10 -19.75 24.22
C MET C 256 -26.57 -19.99 24.53
N ALA C 257 -27.46 -19.44 23.71
CA ALA C 257 -28.89 -19.63 23.94
C ALA C 257 -29.28 -21.08 23.70
N ILE C 258 -28.76 -21.67 22.63
CA ILE C 258 -28.96 -23.09 22.36
C ILE C 258 -28.53 -23.92 23.56
N GLN C 259 -27.30 -23.71 24.05
CA GLN C 259 -26.80 -24.56 25.12
C GLN C 259 -27.57 -24.33 26.43
N THR C 260 -27.94 -23.09 26.70
CA THR C 260 -28.68 -22.80 27.92
C THR C 260 -30.00 -23.58 27.97
N ILE C 261 -30.72 -23.62 26.86
CA ILE C 261 -32.00 -24.31 26.82
C ILE C 261 -31.79 -25.82 26.87
N ARG C 262 -30.77 -26.31 26.15
CA ARG C 262 -30.41 -27.74 26.21
C ARG C 262 -30.20 -28.18 27.65
N ARG C 263 -29.57 -27.34 28.47
CA ARG C 263 -29.21 -27.74 29.83
C ARG C 263 -30.28 -27.41 30.85
N LYS C 264 -31.02 -26.31 30.64
CA LYS C 264 -32.02 -25.92 31.61
C LYS C 264 -33.34 -26.67 31.40
N TYR C 265 -33.63 -27.07 30.17
CA TYR C 265 -34.85 -27.82 29.83
C TYR C 265 -34.46 -29.05 29.02
N PRO C 266 -33.70 -29.96 29.63
CA PRO C 266 -33.17 -31.10 28.85
C PRO C 266 -34.24 -32.01 28.28
N ASN C 267 -35.43 -32.03 28.88
CA ASN C 267 -36.49 -32.93 28.43
C ASN C 267 -37.52 -32.22 27.56
N VAL C 268 -37.10 -31.18 26.85
CA VAL C 268 -37.92 -30.45 25.89
C VAL C 268 -37.19 -30.43 24.56
N PHE C 269 -37.91 -30.72 23.48
CA PHE C 269 -37.31 -30.67 22.14
C PHE C 269 -36.74 -29.29 21.87
N LEU C 270 -35.45 -29.24 21.53
CA LEU C 270 -34.74 -28.01 21.28
C LEU C 270 -34.65 -27.84 19.76
N HIS C 271 -35.36 -26.84 19.25
CA HIS C 271 -35.58 -26.59 17.84
C HIS C 271 -34.64 -25.44 17.46
N PHE C 272 -33.54 -25.79 16.79
CA PHE C 272 -32.54 -24.84 16.32
C PHE C 272 -33.05 -24.25 15.02
N HIS C 273 -33.53 -23.02 15.09
CA HIS C 273 -33.92 -22.32 13.88
C HIS C 273 -32.70 -21.55 13.37
N ARG C 274 -32.23 -21.90 12.17
CA ARG C 274 -30.93 -21.44 11.71
C ARG C 274 -30.99 -20.14 10.88
N ALA C 275 -32.10 -19.40 10.94
CA ALA C 275 -32.20 -18.12 10.27
C ALA C 275 -30.94 -17.29 10.47
N GLY C 276 -30.34 -16.85 9.37
CA GLY C 276 -29.14 -16.07 9.39
C GLY C 276 -27.90 -16.83 8.99
N HIS C 277 -27.98 -18.16 8.98
CA HIS C 277 -26.82 -19.02 8.71
C HIS C 277 -26.21 -18.75 7.34
N GLY C 278 -27.01 -18.25 6.39
CA GLY C 278 -26.55 -18.15 5.02
C GLY C 278 -25.31 -17.29 4.87
N ALA C 279 -25.15 -16.27 5.71
CA ALA C 279 -23.93 -15.48 5.64
C ALA C 279 -22.71 -16.33 5.91
N PHE C 280 -22.84 -17.34 6.76
CA PHE C 280 -21.73 -18.25 6.97
C PHE C 280 -21.64 -19.28 5.86
N THR C 281 -22.78 -19.84 5.45
CA THR C 281 -22.80 -21.11 4.74
C THR C 281 -22.96 -21.01 3.23
N ARG C 282 -23.48 -19.91 2.71
CA ARG C 282 -23.79 -19.86 1.28
C ARG C 282 -22.53 -20.01 0.43
N ASP C 283 -22.66 -20.74 -0.69
CA ASP C 283 -21.55 -20.91 -1.61
C ASP C 283 -21.04 -19.58 -2.15
N GLU C 284 -21.94 -18.61 -2.30
CA GLU C 284 -21.57 -17.32 -2.85
C GLU C 284 -20.65 -16.55 -1.93
N ASN C 285 -20.60 -16.89 -0.64
CA ASN C 285 -19.74 -16.21 0.32
C ASN C 285 -18.45 -17.01 0.47
N PRO C 286 -17.30 -16.52 -0.03
CA PRO C 286 -16.06 -17.29 0.09
C PRO C 286 -15.55 -17.42 1.53
N ILE C 287 -16.09 -16.66 2.47
CA ILE C 287 -15.69 -16.68 3.87
C ILE C 287 -16.85 -17.19 4.71
N GLY C 288 -16.59 -18.22 5.52
CA GLY C 288 -17.60 -18.72 6.46
C GLY C 288 -17.38 -20.19 6.78
N TYR C 289 -18.49 -20.91 7.01
CA TYR C 289 -18.45 -22.34 7.24
C TYR C 289 -19.71 -22.94 6.67
N THR C 290 -19.62 -24.20 6.24
CA THR C 290 -20.68 -24.78 5.41
C THR C 290 -21.82 -25.34 6.27
N VAL C 291 -22.92 -25.64 5.57
CA VAL C 291 -24.09 -26.21 6.25
C VAL C 291 -23.73 -27.50 6.99
N PRO C 292 -22.96 -28.43 6.42
CA PRO C 292 -22.65 -29.65 7.19
C PRO C 292 -21.89 -29.34 8.48
N VAL C 293 -20.97 -28.36 8.44
CA VAL C 293 -20.23 -27.97 9.64
C VAL C 293 -21.19 -27.40 10.68
N LEU C 294 -22.04 -26.46 10.26
CA LEU C 294 -23.09 -25.96 11.15
C LEU C 294 -23.86 -27.08 11.81
N THR C 295 -24.27 -28.07 11.01
CA THR C 295 -25.11 -29.15 11.50
C THR C 295 -24.36 -29.98 12.54
N LYS C 296 -23.08 -30.28 12.29
CA LYS C 296 -22.31 -31.05 13.27
C LYS C 296 -22.20 -30.29 14.59
N PHE C 297 -22.00 -28.98 14.53
CA PHE C 297 -21.90 -28.24 15.78
C PHE C 297 -23.24 -28.11 16.48
N ALA C 298 -24.34 -28.06 15.72
CA ALA C 298 -25.66 -28.05 16.35
C ALA C 298 -25.91 -29.34 17.15
N ARG C 299 -25.52 -30.49 16.58
CA ARG C 299 -25.65 -31.75 17.31
C ARG C 299 -24.77 -31.77 18.54
N LEU C 300 -23.52 -31.30 18.41
CA LEU C 300 -22.62 -31.23 19.54
C LEU C 300 -23.23 -30.40 20.67
N ALA C 301 -23.84 -29.27 20.31
CA ALA C 301 -24.42 -28.36 21.29
C ALA C 301 -25.70 -28.91 21.91
N GLY C 302 -26.33 -29.88 21.27
CA GLY C 302 -27.46 -30.56 21.85
C GLY C 302 -28.80 -30.26 21.23
N ALA C 303 -28.83 -29.59 20.07
CA ALA C 303 -30.12 -29.35 19.43
C ALA C 303 -30.80 -30.68 19.12
N SER C 304 -32.12 -30.71 19.29
CA SER C 304 -32.94 -31.87 18.95
C SER C 304 -33.26 -31.91 17.46
N GLY C 305 -33.34 -30.75 16.84
CA GLY C 305 -33.56 -30.65 15.41
C GLY C 305 -33.00 -29.34 14.90
N ILE C 306 -32.69 -29.34 13.60
CA ILE C 306 -32.21 -28.15 12.92
C ILE C 306 -32.74 -28.21 11.49
N HIS C 307 -32.96 -27.04 10.91
CA HIS C 307 -33.57 -26.97 9.59
C HIS C 307 -32.59 -27.38 8.50
N THR C 308 -33.16 -27.96 7.45
CA THR C 308 -32.53 -28.14 6.15
C THR C 308 -33.55 -27.78 5.07
N GLY C 309 -33.12 -27.89 3.81
CA GLY C 309 -34.02 -27.82 2.68
C GLY C 309 -34.58 -29.19 2.33
N THR C 310 -35.08 -29.29 1.10
CA THR C 310 -35.86 -30.43 0.62
C THR C 310 -35.04 -31.38 -0.25
N ALA C 311 -33.72 -31.35 -0.15
CA ALA C 311 -32.85 -32.31 -0.83
C ALA C 311 -33.13 -32.32 -2.32
N GLY C 312 -33.30 -31.13 -2.89
CA GLY C 312 -33.50 -30.98 -4.30
C GLY C 312 -34.91 -31.21 -4.80
N ILE C 313 -35.84 -31.53 -3.91
CA ILE C 313 -37.16 -31.97 -4.35
C ILE C 313 -38.09 -30.80 -4.63
N GLY C 314 -38.09 -29.76 -3.80
CA GLY C 314 -38.91 -28.60 -4.09
C GLY C 314 -38.61 -28.01 -5.47
N LYS C 315 -39.61 -27.28 -6.00
CA LYS C 315 -39.41 -26.57 -7.26
C LYS C 315 -38.21 -25.64 -7.19
N MET C 316 -37.98 -25.04 -6.02
CA MET C 316 -36.93 -24.05 -5.83
C MET C 316 -35.64 -24.64 -5.30
N ALA C 317 -35.57 -25.96 -5.14
CA ALA C 317 -34.38 -26.59 -4.60
C ALA C 317 -33.34 -26.82 -5.68
N GLY C 318 -32.08 -26.85 -5.28
CA GLY C 318 -31.00 -27.14 -6.19
C GLY C 318 -30.44 -28.54 -5.97
N SER C 319 -29.20 -28.62 -5.54
CA SER C 319 -28.58 -29.90 -5.34
C SER C 319 -28.98 -30.50 -3.99
N PRO C 320 -29.10 -31.83 -3.92
CA PRO C 320 -29.43 -32.46 -2.63
C PRO C 320 -28.24 -32.61 -1.69
N LYS C 321 -27.02 -32.30 -2.14
CA LYS C 321 -25.84 -32.70 -1.40
C LYS C 321 -25.89 -32.23 0.05
N GLU C 322 -26.10 -30.93 0.28
CA GLU C 322 -25.98 -30.40 1.61
C GLU C 322 -27.07 -30.92 2.54
N ASP C 323 -28.31 -30.98 2.02
CA ASP C 323 -29.44 -31.42 2.84
C ASP C 323 -29.27 -32.87 3.28
N VAL C 324 -28.82 -33.73 2.37
CA VAL C 324 -28.65 -35.15 2.71
C VAL C 324 -27.48 -35.32 3.67
N MET C 325 -26.37 -34.65 3.39
CA MET C 325 -25.23 -34.76 4.30
C MET C 325 -25.60 -34.22 5.67
N ALA C 326 -26.40 -33.16 5.72
CA ALA C 326 -26.85 -32.64 7.01
C ALA C 326 -27.71 -33.65 7.74
N ALA C 327 -28.65 -34.29 7.04
CA ALA C 327 -29.48 -35.33 7.64
C ALA C 327 -28.63 -36.46 8.19
N ARG C 328 -27.55 -36.80 7.49
CA ARG C 328 -26.68 -37.88 7.96
C ARG C 328 -25.92 -37.48 9.21
N HIS C 329 -25.29 -36.30 9.19
CA HIS C 329 -24.59 -35.81 10.36
C HIS C 329 -25.54 -35.67 11.54
N ALA C 330 -26.79 -35.34 11.26
CA ALA C 330 -27.73 -35.10 12.35
C ALA C 330 -28.14 -36.40 13.02
N LEU C 331 -28.51 -37.39 12.22
CA LEU C 331 -29.24 -38.55 12.67
C LEU C 331 -28.39 -39.76 12.97
N LYS C 332 -27.26 -39.92 12.30
CA LYS C 332 -26.62 -41.22 12.22
C LYS C 332 -25.51 -41.41 13.24
N LEU C 333 -25.26 -42.70 13.54
CA LEU C 333 -24.10 -43.07 14.34
C LEU C 333 -22.81 -42.90 13.55
N TYR C 334 -22.85 -43.22 12.26
CA TYR C 334 -21.72 -43.06 11.35
C TYR C 334 -22.16 -42.13 10.23
N SER C 335 -21.49 -40.99 10.10
CA SER C 335 -21.80 -40.05 9.02
C SER C 335 -20.52 -39.66 8.31
N GLU C 336 -20.64 -39.36 7.03
CA GLU C 336 -19.48 -38.99 6.23
C GLU C 336 -19.60 -37.55 5.74
N GLY C 337 -18.63 -36.72 6.11
CA GLY C 337 -18.48 -35.42 5.50
C GLY C 337 -17.72 -35.52 4.19
N ASP C 338 -17.38 -34.34 3.65
CA ASP C 338 -16.60 -34.31 2.42
C ASP C 338 -15.19 -34.81 2.66
N TYR C 339 -14.66 -34.65 3.87
CA TYR C 339 -13.28 -34.99 4.17
C TYR C 339 -13.10 -35.91 5.37
N PHE C 340 -14.06 -35.98 6.29
CA PHE C 340 -13.89 -36.76 7.50
C PHE C 340 -15.07 -37.71 7.72
N LYS C 341 -14.75 -38.95 8.10
CA LYS C 341 -15.74 -39.89 8.58
C LYS C 341 -15.94 -39.67 10.07
N GLN C 342 -17.20 -39.62 10.51
CA GLN C 342 -17.54 -39.32 11.89
C GLN C 342 -18.26 -40.50 12.52
N ILE C 343 -17.70 -41.05 13.59
CA ILE C 343 -18.43 -41.93 14.50
C ILE C 343 -18.91 -41.07 15.66
N TRP C 344 -20.21 -41.05 15.89
CA TRP C 344 -20.81 -40.23 16.94
C TRP C 344 -20.88 -41.04 18.22
N SER C 345 -19.70 -41.38 18.72
CA SER C 345 -19.60 -42.18 19.93
C SER C 345 -18.54 -41.61 20.83
N GLU C 346 -18.78 -41.73 22.13
CA GLU C 346 -17.93 -41.17 23.17
C GLU C 346 -16.84 -42.13 23.60
N ILE C 347 -16.68 -43.23 22.86
CA ILE C 347 -15.63 -44.20 23.12
C ILE C 347 -14.96 -44.52 21.79
N LEU C 354 -19.39 -51.34 18.83
CA LEU C 354 -20.08 -50.45 17.91
C LEU C 354 -20.20 -51.03 16.52
N GLN C 355 -19.37 -52.03 16.21
CA GLN C 355 -19.36 -52.60 14.87
C GLN C 355 -20.74 -53.10 14.47
N LEU C 356 -21.43 -53.78 15.39
CA LEU C 356 -22.77 -54.28 15.09
C LEU C 356 -23.74 -53.13 14.86
N ALA C 357 -23.66 -52.07 15.67
CA ALA C 357 -24.56 -50.94 15.51
C ALA C 357 -24.35 -50.25 14.18
N ILE C 358 -23.09 -50.13 13.75
CA ILE C 358 -22.81 -49.44 12.48
C ILE C 358 -23.30 -50.28 11.30
N GLN C 359 -23.09 -51.59 11.36
CA GLN C 359 -23.62 -52.47 10.32
C GLN C 359 -25.14 -52.44 10.30
N LYS C 360 -25.77 -52.60 11.46
CA LYS C 360 -27.23 -52.55 11.51
C LYS C 360 -27.75 -51.24 10.94
N GLU C 361 -27.04 -50.14 11.19
CA GLU C 361 -27.43 -48.86 10.61
C GLU C 361 -27.29 -48.86 9.10
N ALA C 362 -26.25 -49.49 8.58
CA ALA C 362 -26.07 -49.58 7.13
C ALA C 362 -27.18 -50.40 6.48
N GLU C 363 -27.73 -51.36 7.21
CA GLU C 363 -28.80 -52.22 6.70
C GLU C 363 -30.18 -51.68 6.99
N GLY C 364 -30.29 -50.53 7.64
CA GLY C 364 -31.59 -49.93 7.92
C GLY C 364 -32.30 -50.45 9.14
N GLU C 365 -31.61 -51.19 10.00
CA GLU C 365 -32.23 -51.76 11.19
C GLU C 365 -32.02 -50.86 12.40
N ASP C 366 -32.87 -51.06 13.41
CA ASP C 366 -32.80 -50.28 14.64
C ASP C 366 -31.63 -50.77 15.50
N TYR C 367 -30.82 -49.83 15.98
CA TYR C 367 -29.66 -50.14 16.80
C TYR C 367 -29.69 -49.42 18.15
N SER C 368 -30.87 -48.96 18.58
CA SER C 368 -30.97 -48.25 19.85
C SER C 368 -30.52 -49.10 21.02
N ASN C 369 -30.56 -50.42 20.88
CA ASN C 369 -30.12 -51.32 21.95
C ASN C 369 -28.63 -51.24 22.20
N LEU C 370 -27.87 -50.62 21.32
CA LEU C 370 -26.41 -50.62 21.40
C LEU C 370 -25.93 -49.26 21.92
N GLY C 371 -24.88 -49.31 22.76
CA GLY C 371 -24.25 -48.12 23.28
C GLY C 371 -25.16 -47.03 23.80
N TYR C 372 -26.02 -47.36 24.77
CA TYR C 372 -26.98 -46.37 25.25
C TYR C 372 -26.28 -45.10 25.75
N TRP C 373 -25.32 -45.26 26.65
CA TRP C 373 -24.66 -44.17 27.36
C TRP C 373 -23.41 -43.66 26.67
N ARG C 374 -23.07 -44.22 25.52
CA ARG C 374 -21.84 -43.85 24.83
C ARG C 374 -22.07 -43.20 23.49
N ILE C 375 -23.29 -43.23 22.95
CA ILE C 375 -23.59 -42.79 21.60
C ILE C 375 -24.20 -41.39 21.69
N THR C 376 -23.75 -40.48 20.82
CA THR C 376 -24.41 -39.19 20.68
C THR C 376 -25.84 -39.41 20.20
N LYS C 377 -26.80 -38.82 20.89
CA LYS C 377 -28.19 -38.99 20.49
C LYS C 377 -28.42 -38.29 19.15
N LYS C 378 -29.49 -38.69 18.47
CA LYS C 378 -29.78 -38.17 17.15
C LYS C 378 -30.44 -36.80 17.23
N MET C 379 -30.06 -35.93 16.30
CA MET C 379 -30.78 -34.71 16.02
C MET C 379 -31.40 -34.89 14.65
N CYS C 380 -32.59 -34.28 14.43
CA CYS C 380 -33.30 -34.55 13.20
C CYS C 380 -33.38 -33.32 12.30
N PRO C 381 -33.44 -33.51 10.99
CA PRO C 381 -33.69 -32.37 10.10
C PRO C 381 -35.13 -31.90 10.21
N ILE C 382 -35.31 -30.59 10.06
CA ILE C 382 -36.63 -29.97 10.00
C ILE C 382 -36.74 -29.34 8.61
N ILE C 383 -37.66 -29.83 7.80
CA ILE C 383 -37.63 -29.63 6.35
C ILE C 383 -38.43 -28.38 5.99
N SER C 384 -37.73 -27.36 5.50
CA SER C 384 -38.34 -26.13 5.05
C SER C 384 -38.23 -26.02 3.54
N GLY C 385 -39.33 -25.67 2.87
CA GLY C 385 -39.36 -25.60 1.43
C GLY C 385 -40.66 -26.14 0.88
N GLY C 386 -40.72 -26.25 -0.45
CA GLY C 386 -41.97 -26.55 -1.14
C GLY C 386 -42.36 -28.00 -1.25
N LEU C 387 -42.34 -28.73 -0.15
CA LEU C 387 -42.93 -30.06 -0.13
C LEU C 387 -44.44 -29.95 -0.09
N ASN C 388 -45.11 -31.01 -0.50
CA ASN C 388 -46.55 -31.07 -0.56
C ASN C 388 -46.91 -32.54 -0.73
N PRO C 389 -48.19 -32.91 -0.78
CA PRO C 389 -48.52 -34.35 -0.91
C PRO C 389 -47.91 -35.01 -2.13
N LEU C 390 -47.71 -34.28 -3.23
CA LEU C 390 -47.17 -34.89 -4.43
C LEU C 390 -45.69 -35.26 -4.30
N LEU C 391 -44.97 -34.61 -3.38
CA LEU C 391 -43.53 -34.76 -3.31
C LEU C 391 -43.04 -35.48 -2.06
N ILE C 392 -43.91 -35.74 -1.08
CA ILE C 392 -43.41 -36.24 0.19
C ILE C 392 -42.80 -37.62 0.02
N GLY C 393 -43.41 -38.47 -0.81
CA GLY C 393 -42.84 -39.78 -1.03
C GLY C 393 -41.47 -39.74 -1.67
N LYS C 394 -41.32 -38.94 -2.73
CA LYS C 394 -40.01 -38.84 -3.39
C LYS C 394 -38.97 -38.23 -2.46
N PHE C 395 -39.40 -37.36 -1.54
CA PHE C 395 -38.45 -36.80 -0.58
C PHE C 395 -37.94 -37.89 0.38
N ILE C 396 -38.85 -38.71 0.91
CA ILE C 396 -38.43 -39.80 1.78
C ILE C 396 -37.42 -40.68 1.07
N ASP C 397 -37.69 -41.05 -0.19
CA ASP C 397 -36.79 -41.92 -0.93
C ASP C 397 -35.49 -41.23 -1.27
N THR C 398 -35.47 -39.90 -1.31
CA THR C 398 -34.24 -39.16 -1.61
C THR C 398 -33.38 -39.03 -0.37
N VAL C 399 -33.97 -38.62 0.75
CA VAL C 399 -33.20 -38.41 1.97
C VAL C 399 -32.89 -39.73 2.68
N GLY C 400 -33.63 -40.80 2.38
CA GLY C 400 -33.28 -42.11 2.89
C GLY C 400 -33.64 -42.35 4.34
N THR C 401 -34.59 -41.62 4.89
CA THR C 401 -34.98 -41.76 6.29
C THR C 401 -36.37 -41.19 6.45
N GLN C 402 -37.07 -41.65 7.49
CA GLN C 402 -38.32 -41.02 7.92
C GLN C 402 -38.15 -40.20 9.18
N ASP C 403 -36.92 -40.02 9.65
CA ASP C 403 -36.65 -39.31 10.90
C ASP C 403 -36.47 -37.82 10.62
N PHE C 404 -37.57 -37.18 10.20
CA PHE C 404 -37.57 -35.73 9.99
C PHE C 404 -38.92 -35.15 10.37
N ILE C 405 -38.94 -33.83 10.55
CA ILE C 405 -40.14 -33.03 10.78
C ILE C 405 -40.28 -32.11 9.58
N THR C 406 -41.44 -32.13 8.93
CA THR C 406 -41.70 -31.15 7.87
C THR C 406 -42.34 -29.91 8.50
N THR C 407 -42.01 -28.74 7.94
CA THR C 407 -42.75 -27.53 8.28
C THR C 407 -43.21 -26.86 6.97
N MET C 408 -44.31 -27.38 6.42
CA MET C 408 -44.85 -26.86 5.17
C MET C 408 -45.80 -25.70 5.40
N GLY C 409 -45.79 -24.76 4.47
CA GLY C 409 -46.81 -23.72 4.43
C GLY C 409 -47.75 -23.93 3.26
N ALA C 410 -47.36 -23.47 2.08
CA ALA C 410 -48.25 -23.56 0.93
C ALA C 410 -48.69 -25.00 0.66
N GLY C 411 -47.83 -25.97 0.95
CA GLY C 411 -48.13 -27.37 0.73
C GLY C 411 -49.25 -27.93 1.59
N VAL C 412 -49.74 -27.16 2.55
CA VAL C 412 -50.98 -27.50 3.23
C VAL C 412 -51.98 -26.35 3.15
N HIS C 413 -51.52 -25.10 3.36
CA HIS C 413 -52.48 -24.01 3.48
C HIS C 413 -53.09 -23.61 2.14
N SER C 414 -52.40 -23.87 1.03
CA SER C 414 -52.98 -23.55 -0.27
C SER C 414 -53.93 -24.62 -0.78
N HIS C 415 -54.07 -25.73 -0.07
CA HIS C 415 -54.93 -26.80 -0.53
C HIS C 415 -56.31 -26.23 -0.83
N PRO C 416 -56.91 -26.56 -1.98
CA PRO C 416 -58.16 -25.88 -2.35
C PRO C 416 -59.32 -26.18 -1.41
N MET C 417 -59.25 -27.22 -0.58
CA MET C 417 -60.29 -27.48 0.40
C MET C 417 -59.95 -26.94 1.78
N GLY C 418 -58.81 -26.29 1.94
CA GLY C 418 -58.44 -25.63 3.19
C GLY C 418 -57.31 -26.34 3.90
N THR C 419 -56.88 -25.72 5.01
CA THR C 419 -55.73 -26.19 5.75
C THR C 419 -55.96 -27.58 6.35
N LYS C 420 -57.14 -27.81 6.91
CA LYS C 420 -57.42 -29.13 7.49
C LYS C 420 -57.29 -30.21 6.44
N ALA C 421 -57.97 -30.03 5.30
CA ALA C 421 -57.85 -30.97 4.19
C ALA C 421 -56.40 -31.07 3.71
N GLY C 422 -55.68 -29.94 3.71
CA GLY C 422 -54.28 -29.98 3.32
C GLY C 422 -53.45 -30.91 4.18
N ALA C 423 -53.65 -30.87 5.50
CA ALA C 423 -52.93 -31.79 6.39
C ALA C 423 -53.34 -33.22 6.09
N THR C 424 -54.63 -33.45 5.88
CA THR C 424 -55.11 -34.80 5.60
C THR C 424 -54.46 -35.34 4.33
N ALA C 425 -54.32 -34.50 3.30
CA ALA C 425 -53.75 -34.96 2.04
C ALA C 425 -52.31 -35.40 2.24
N VAL C 426 -51.56 -34.70 3.08
CA VAL C 426 -50.18 -35.06 3.36
C VAL C 426 -50.12 -36.44 4.00
N LEU C 427 -50.97 -36.67 5.00
CA LEU C 427 -50.99 -37.98 5.65
C LEU C 427 -51.43 -39.07 4.68
N GLN C 428 -52.40 -38.78 3.82
CA GLN C 428 -52.83 -39.77 2.84
C GLN C 428 -51.71 -40.08 1.86
N ALA C 429 -50.99 -39.05 1.42
CA ALA C 429 -49.82 -39.26 0.57
C ALA C 429 -48.80 -40.14 1.27
N TYR C 430 -48.55 -39.89 2.56
CA TYR C 430 -47.60 -40.74 3.28
C TYR C 430 -48.08 -42.19 3.30
N GLU C 431 -49.38 -42.41 3.55
CA GLU C 431 -49.90 -43.78 3.59
C GLU C 431 -49.71 -44.48 2.24
N ALA C 432 -49.94 -43.77 1.14
CA ALA C 432 -49.68 -44.36 -0.16
C ALA C 432 -48.22 -44.77 -0.31
N TRP C 433 -47.29 -43.88 0.06
CA TRP C 433 -45.88 -44.24 0.02
C TRP C 433 -45.63 -45.49 0.86
N LYS C 434 -46.14 -45.52 2.09
CA LYS C 434 -45.85 -46.60 3.01
C LYS C 434 -46.38 -47.92 2.49
N GLN C 435 -47.58 -47.90 1.88
CA GLN C 435 -48.21 -49.11 1.38
C GLN C 435 -47.78 -49.46 -0.05
N LYS C 436 -46.92 -48.65 -0.66
CA LYS C 436 -46.49 -48.85 -2.05
C LYS C 436 -47.70 -48.85 -2.98
N ILE C 437 -48.58 -47.87 -2.78
CA ILE C 437 -49.73 -47.65 -3.62
C ILE C 437 -49.54 -46.33 -4.37
N SER C 438 -49.82 -46.35 -5.67
CA SER C 438 -49.84 -45.13 -6.47
C SER C 438 -50.67 -44.05 -5.81
N LEU C 439 -50.19 -42.81 -5.92
CA LEU C 439 -51.00 -41.68 -5.46
C LEU C 439 -52.36 -41.67 -6.15
N GLU C 440 -52.37 -41.79 -7.48
CA GLU C 440 -53.64 -41.80 -8.20
C GLU C 440 -54.53 -42.93 -7.72
N ASP C 441 -53.97 -44.13 -7.53
CA ASP C 441 -54.79 -45.24 -7.06
C ASP C 441 -55.28 -44.98 -5.64
N TYR C 442 -54.41 -44.43 -4.78
CA TYR C 442 -54.78 -44.24 -3.38
C TYR C 442 -55.81 -43.13 -3.21
N ALA C 443 -55.84 -42.18 -4.14
CA ALA C 443 -56.75 -41.04 -4.06
C ALA C 443 -58.12 -41.35 -4.65
N LYS C 444 -58.33 -42.54 -5.21
CA LYS C 444 -59.59 -42.80 -5.90
C LYS C 444 -60.78 -42.62 -4.96
N ASP C 445 -60.59 -42.86 -3.67
CA ASP C 445 -61.65 -42.72 -2.68
C ASP C 445 -61.33 -41.65 -1.63
N LYS C 446 -60.37 -40.78 -1.91
CA LYS C 446 -59.87 -39.83 -0.91
C LYS C 446 -59.78 -38.44 -1.56
N GLU C 447 -60.80 -37.63 -1.33
CA GLU C 447 -60.92 -36.38 -2.06
C GLU C 447 -59.79 -35.42 -1.74
N GLU C 448 -59.31 -35.43 -0.49
CA GLU C 448 -58.25 -34.50 -0.11
C GLU C 448 -56.98 -34.74 -0.94
N LEU C 449 -56.52 -35.99 -0.99
CA LEU C 449 -55.36 -36.30 -1.82
C LEU C 449 -55.66 -36.12 -3.29
N ARG C 450 -56.86 -36.52 -3.73
CA ARG C 450 -57.22 -36.38 -5.13
C ARG C 450 -57.14 -34.93 -5.58
N ALA C 451 -57.63 -34.01 -4.73
CA ALA C 451 -57.51 -32.60 -5.05
C ALA C 451 -56.05 -32.16 -5.07
N ALA C 452 -55.27 -32.66 -4.11
CA ALA C 452 -53.88 -32.21 -3.98
C ALA C 452 -53.05 -32.64 -5.19
N ILE C 453 -53.29 -33.85 -5.70
CA ILE C 453 -52.52 -34.36 -6.83
C ILE C 453 -52.64 -33.43 -8.03
N GLN C 454 -53.85 -32.98 -8.33
CA GLN C 454 -54.02 -32.11 -9.48
C GLN C 454 -53.58 -30.69 -9.15
N PHE C 455 -53.85 -30.22 -7.94
CA PHE C 455 -53.63 -28.82 -7.60
C PHE C 455 -52.15 -28.48 -7.53
N TYR C 456 -51.36 -29.29 -6.83
CA TYR C 456 -49.95 -28.96 -6.64
C TYR C 456 -49.11 -29.28 -7.87
N ASP C 457 -49.70 -29.89 -8.89
CA ASP C 457 -49.04 -29.99 -10.19
C ASP C 457 -49.24 -28.75 -11.05
N LYS C 458 -50.27 -27.95 -10.78
CA LYS C 458 -50.69 -26.87 -11.68
C LYS C 458 -50.75 -25.50 -11.03
N HIS C 459 -51.02 -25.41 -9.74
CA HIS C 459 -51.27 -24.13 -9.11
C HIS C 459 -50.04 -23.25 -9.11
N GLU C 460 -50.19 -22.02 -9.57
CA GLU C 460 -49.13 -21.01 -9.47
C GLU C 460 -49.27 -20.35 -8.10
N GLU C 461 -48.43 -20.74 -7.18
CA GLU C 461 -48.57 -20.29 -5.80
C GLU C 461 -48.23 -18.81 -5.68
N PRO C 462 -49.14 -17.96 -5.17
CA PRO C 462 -48.81 -16.54 -5.05
C PRO C 462 -47.65 -16.25 -4.10
N SER C 463 -47.46 -17.04 -3.05
CA SER C 463 -46.35 -16.84 -2.12
C SER C 463 -45.74 -18.18 -1.78
N PRO C 464 -44.86 -18.69 -2.64
CA PRO C 464 -44.22 -19.99 -2.36
C PRO C 464 -43.46 -19.96 -1.05
N ASP C 465 -43.38 -21.13 -0.42
CA ASP C 465 -42.54 -21.28 0.75
C ASP C 465 -41.11 -20.91 0.41
N ARG C 466 -40.41 -20.38 1.38
CA ARG C 466 -39.03 -19.96 1.25
C ARG C 466 -38.12 -20.86 2.08
N PRO C 467 -36.84 -20.89 1.75
CA PRO C 467 -35.92 -21.76 2.49
C PRO C 467 -35.71 -21.28 3.93
N VAL C 468 -35.21 -22.20 4.74
CA VAL C 468 -34.63 -21.88 6.04
C VAL C 468 -33.25 -22.53 6.04
N MET D 1 53.27 18.49 -20.13
CA MET D 1 52.93 17.05 -19.93
C MET D 1 54.04 16.36 -19.15
N GLN D 2 53.68 15.28 -18.46
CA GLN D 2 54.65 14.47 -17.73
C GLN D 2 54.64 13.07 -18.31
N LYS D 3 55.84 12.57 -18.63
CA LYS D 3 56.00 11.26 -19.26
C LYS D 3 55.62 10.12 -18.33
N GLU D 4 55.60 10.37 -17.01
CA GLU D 4 55.31 9.30 -16.07
C GLU D 4 53.93 8.70 -16.32
N TYR D 5 53.02 9.45 -16.94
CA TYR D 5 51.71 8.89 -17.22
C TYR D 5 51.68 8.05 -18.49
N ILE D 6 52.75 8.04 -19.28
CA ILE D 6 52.83 7.21 -20.47
C ILE D 6 53.64 5.97 -20.12
N GLN D 7 52.98 4.82 -20.12
CA GLN D 7 53.63 3.54 -19.82
C GLN D 7 53.16 2.50 -20.83
N ILE D 8 53.46 2.76 -22.10
CA ILE D 8 52.99 1.89 -23.18
C ILE D 8 53.60 0.51 -23.01
N GLY D 9 52.74 -0.50 -23.00
CA GLY D 9 53.16 -1.88 -22.87
C GLY D 9 53.31 -2.38 -21.45
N ASN D 10 52.99 -1.56 -20.46
CA ASN D 10 53.06 -2.00 -19.08
C ASN D 10 52.15 -3.21 -18.90
N PRO D 11 52.70 -4.39 -18.58
CA PRO D 11 51.83 -5.58 -18.46
C PRO D 11 50.99 -5.61 -17.21
N ASN D 12 51.25 -4.76 -16.23
CA ASN D 12 50.56 -4.87 -14.95
C ASN D 12 49.15 -4.31 -14.97
N VAL D 13 48.77 -3.57 -16.01
CA VAL D 13 47.42 -3.03 -16.05
C VAL D 13 46.36 -4.12 -16.04
N PHE D 14 46.74 -5.34 -16.39
CA PHE D 14 45.80 -6.46 -16.43
C PHE D 14 45.79 -7.27 -15.15
N ASN D 15 46.36 -6.75 -14.07
CA ASN D 15 46.51 -7.53 -12.85
C ASN D 15 45.32 -7.44 -11.91
N GLY D 16 44.25 -6.76 -12.31
CA GLY D 16 43.04 -6.69 -11.50
C GLY D 16 42.95 -5.47 -10.62
N GLN D 17 44.01 -4.68 -10.53
CA GLN D 17 44.02 -3.46 -9.72
C GLN D 17 43.57 -2.23 -10.51
N TYR D 18 43.25 -2.39 -11.80
CA TYR D 18 42.97 -1.24 -12.66
C TYR D 18 41.61 -1.38 -13.34
N MET D 19 40.84 -0.30 -13.30
CA MET D 19 39.77 -0.09 -14.27
C MET D 19 40.37 0.37 -15.58
N LEU D 20 39.97 -0.26 -16.67
CA LEU D 20 40.51 0.10 -17.97
C LEU D 20 39.49 0.93 -18.73
N ALA D 21 39.99 1.83 -19.57
CA ALA D 21 39.13 2.67 -20.39
C ALA D 21 39.76 2.88 -21.75
N VAL D 22 38.93 2.96 -22.79
CA VAL D 22 39.36 3.41 -24.10
C VAL D 22 38.71 4.73 -24.39
N PHE D 23 39.52 5.72 -24.74
CA PHE D 23 39.05 7.01 -25.21
C PHE D 23 39.32 7.13 -26.71
N ARG D 24 38.36 7.66 -27.46
CA ARG D 24 38.66 8.33 -28.72
C ARG D 24 39.21 9.68 -28.31
N LEU D 25 40.47 9.96 -28.64
CA LEU D 25 41.16 11.11 -28.09
C LEU D 25 41.90 11.82 -29.22
N GLN D 26 41.76 13.14 -29.27
CA GLN D 26 42.53 13.93 -30.21
C GLN D 26 42.83 15.28 -29.56
N GLY D 27 44.09 15.68 -29.59
CA GLY D 27 44.44 17.00 -29.14
C GLY D 27 43.97 18.04 -30.12
N GLU D 28 43.86 19.26 -29.60
CA GLU D 28 43.72 20.38 -30.50
C GLU D 28 44.88 20.39 -31.49
N GLU D 29 44.64 21.01 -32.64
CA GLU D 29 45.67 21.12 -33.66
C GLU D 29 46.98 21.60 -33.04
N GLY D 30 48.05 20.89 -33.34
CA GLY D 30 49.37 21.21 -32.81
C GLY D 30 49.79 20.41 -31.59
N MET D 31 48.89 19.62 -30.99
CA MET D 31 49.24 18.77 -29.86
C MET D 31 49.33 17.32 -30.33
N THR D 32 50.42 16.64 -29.96
CA THR D 32 50.55 15.23 -30.30
C THR D 32 49.59 14.40 -29.45
N LEU D 33 49.30 13.20 -29.94
CA LEU D 33 48.37 12.34 -29.20
C LEU D 33 48.98 11.87 -27.88
N VAL D 34 50.29 11.61 -27.86
CA VAL D 34 50.94 11.16 -26.63
C VAL D 34 50.85 12.24 -25.55
N ASP D 35 51.11 13.50 -25.93
CA ASP D 35 50.99 14.60 -24.96
C ASP D 35 49.55 14.75 -24.51
N THR D 36 48.60 14.66 -25.43
CA THR D 36 47.20 14.75 -25.06
C THR D 36 46.80 13.63 -24.11
N ALA D 37 47.25 12.41 -24.41
CA ALA D 37 46.95 11.25 -23.57
C ALA D 37 47.55 11.43 -22.17
N SER D 38 48.77 11.94 -22.08
CA SER D 38 49.36 12.13 -20.76
C SER D 38 48.54 13.12 -19.94
N GLU D 39 48.09 14.21 -20.55
CA GLU D 39 47.37 15.22 -19.80
C GLU D 39 46.00 14.71 -19.36
N VAL D 40 45.34 13.95 -20.23
CA VAL D 40 44.04 13.39 -19.89
C VAL D 40 44.16 12.35 -18.77
N ALA D 41 45.18 11.48 -18.86
CA ALA D 41 45.44 10.53 -17.78
C ALA D 41 45.71 11.26 -16.46
N ALA D 42 46.52 12.31 -16.50
CA ALA D 42 46.83 13.06 -15.28
C ALA D 42 45.57 13.71 -14.71
N GLU D 43 44.80 14.39 -15.55
CA GLU D 43 43.68 15.15 -15.00
C GLU D 43 42.52 14.25 -14.57
N SER D 44 42.48 13.01 -15.04
CA SER D 44 41.50 12.03 -14.57
C SER D 44 42.07 11.12 -13.48
N SER D 45 43.21 11.48 -12.87
CA SER D 45 43.73 10.70 -11.75
C SER D 45 44.45 11.60 -10.76
N THR D 46 45.79 11.59 -10.75
CA THR D 46 46.57 12.23 -9.68
C THR D 46 46.94 13.68 -9.97
N GLY D 47 46.64 14.20 -11.16
CA GLY D 47 46.84 15.59 -11.46
C GLY D 47 48.25 15.88 -11.92
N SER D 48 49.22 15.51 -11.08
CA SER D 48 50.62 15.70 -11.45
C SER D 48 51.43 14.63 -10.74
N PHE D 49 52.58 14.35 -11.29
CA PHE D 49 53.45 13.33 -10.73
C PHE D 49 54.46 13.95 -9.76
N VAL D 50 54.63 13.28 -8.62
CA VAL D 50 55.65 13.63 -7.63
C VAL D 50 56.30 12.32 -7.19
N PHE D 58 55.90 2.71 -0.76
CA PHE D 58 57.04 2.89 -1.66
C PHE D 58 56.91 2.06 -2.92
N SER D 59 56.03 1.05 -2.92
CA SER D 59 55.87 0.16 -4.06
C SER D 59 54.58 0.41 -4.84
N GLU D 60 53.75 1.35 -4.40
CA GLU D 60 52.41 1.56 -4.96
C GLU D 60 52.35 2.89 -5.69
N SER D 61 51.27 3.08 -6.45
CA SER D 61 51.08 4.28 -7.24
C SER D 61 49.61 4.43 -7.60
N LEU D 62 49.15 5.68 -7.63
CA LEU D 62 47.77 5.98 -7.94
C LEU D 62 47.60 6.60 -9.31
N ASP D 63 48.70 6.77 -10.06
CA ASP D 63 48.61 7.43 -11.36
C ASP D 63 47.90 6.55 -12.37
N ALA D 64 47.02 7.17 -13.16
CA ALA D 64 46.49 6.51 -14.34
C ALA D 64 47.59 6.36 -15.38
N LEU D 65 47.60 5.22 -16.05
CA LEU D 65 48.66 4.83 -16.96
C LEU D 65 48.10 4.70 -18.37
N VAL D 66 48.66 5.46 -19.30
CA VAL D 66 48.38 5.26 -20.72
C VAL D 66 49.20 4.05 -21.17
N TYR D 67 48.54 2.96 -21.55
CA TYR D 67 49.29 1.74 -21.87
C TYR D 67 49.19 1.31 -23.33
N ARG D 68 48.37 1.98 -24.14
CA ARG D 68 48.30 1.69 -25.57
C ARG D 68 47.80 2.94 -26.27
N ILE D 69 48.37 3.21 -27.45
CA ILE D 69 47.95 4.34 -28.28
C ILE D 69 47.88 3.85 -29.73
N ASP D 70 46.75 4.12 -30.39
CA ASP D 70 46.55 3.85 -31.81
C ASP D 70 46.48 5.22 -32.47
N GLU D 71 47.60 5.66 -33.05
CA GLU D 71 47.64 6.98 -33.66
C GLU D 71 46.66 7.08 -34.83
N LYS D 72 46.63 6.06 -35.68
CA LYS D 72 45.82 6.11 -36.88
C LYS D 72 44.35 6.29 -36.54
N ASN D 73 43.87 5.63 -35.50
CA ASN D 73 42.46 5.64 -35.15
C ASN D 73 42.15 6.54 -33.96
N ASN D 74 43.13 7.28 -33.44
CA ASN D 74 42.94 8.19 -32.32
C ASN D 74 42.29 7.48 -31.13
N LEU D 75 42.85 6.33 -30.79
CA LEU D 75 42.41 5.57 -29.63
C LEU D 75 43.51 5.55 -28.59
N VAL D 76 43.12 5.71 -27.33
CA VAL D 76 44.02 5.74 -26.19
C VAL D 76 43.45 4.84 -25.11
N TRP D 77 44.24 3.90 -24.63
CA TRP D 77 43.86 2.99 -23.55
C TRP D 77 44.49 3.48 -22.26
N ILE D 78 43.68 3.68 -21.24
CA ILE D 78 44.15 4.22 -19.97
C ILE D 78 43.73 3.27 -18.86
N ALA D 79 44.67 2.98 -17.95
CA ALA D 79 44.41 2.14 -16.78
C ALA D 79 44.33 2.99 -15.53
N TYR D 80 43.21 2.89 -14.81
CA TYR D 80 43.00 3.66 -13.56
C TYR D 80 43.13 2.72 -12.38
N PRO D 81 44.10 2.89 -11.48
CA PRO D 81 44.07 2.10 -10.25
C PRO D 81 42.79 2.39 -9.48
N TRP D 82 41.89 1.42 -9.33
CA TRP D 82 40.57 1.78 -8.82
C TRP D 82 40.60 2.10 -7.34
N ARG D 83 41.74 1.87 -6.67
CA ARG D 83 41.92 2.38 -5.31
C ARG D 83 41.80 3.91 -5.26
N ILE D 84 41.99 4.58 -6.40
CA ILE D 84 41.90 6.03 -6.40
C ILE D 84 40.46 6.49 -6.24
N PHE D 85 39.50 5.61 -6.49
CA PHE D 85 38.11 6.04 -6.43
C PHE D 85 37.62 6.09 -4.99
N ASP D 86 36.65 6.95 -4.75
CA ASP D 86 36.01 7.04 -3.44
C ASP D 86 35.51 5.67 -3.00
N ARG D 87 35.59 5.44 -1.69
CA ARG D 87 35.06 4.22 -1.09
C ARG D 87 33.54 4.33 -1.08
N GLY D 88 32.89 3.36 -0.45
CA GLY D 88 31.44 3.41 -0.40
C GLY D 88 30.72 3.15 -1.71
N GLY D 89 31.41 2.59 -2.71
CA GLY D 89 30.76 2.29 -3.96
C GLY D 89 30.24 3.51 -4.68
N ASN D 90 30.95 4.63 -4.60
CA ASN D 90 30.48 5.91 -5.12
C ASN D 90 30.70 6.00 -6.63
N VAL D 91 29.62 5.93 -7.39
CA VAL D 91 29.72 5.95 -8.84
C VAL D 91 29.88 7.38 -9.38
N GLN D 92 29.22 8.38 -8.76
CA GLN D 92 29.43 9.74 -9.24
C GLN D 92 30.91 10.11 -9.20
N ASN D 93 31.64 9.58 -8.21
CA ASN D 93 33.06 9.89 -8.08
C ASN D 93 33.86 9.35 -9.27
N ILE D 94 33.55 8.13 -9.70
CA ILE D 94 34.25 7.58 -10.87
C ILE D 94 34.04 8.50 -12.06
N MET D 95 32.78 8.87 -12.30
CA MET D 95 32.49 9.73 -13.44
C MET D 95 33.14 11.10 -13.30
N THR D 96 33.37 11.55 -12.07
CA THR D 96 34.04 12.83 -11.88
C THR D 96 35.51 12.73 -12.28
N PHE D 97 36.14 11.58 -12.03
CA PHE D 97 37.52 11.38 -12.46
C PHE D 97 37.62 11.27 -13.98
N ILE D 98 36.86 10.34 -14.58
CA ILE D 98 37.13 9.96 -15.98
C ILE D 98 36.29 10.77 -16.96
N ALA D 99 35.24 11.43 -16.50
CA ALA D 99 34.26 12.13 -17.32
C ALA D 99 33.97 13.49 -16.73
N GLY D 100 35.01 14.14 -16.21
CA GLY D 100 34.88 15.40 -15.52
C GLY D 100 35.58 16.52 -16.28
N ASN D 101 36.61 17.09 -15.65
CA ASN D 101 37.34 18.21 -16.25
C ASN D 101 37.97 17.85 -17.59
N VAL D 102 38.21 16.57 -17.87
CA VAL D 102 38.84 16.24 -19.16
C VAL D 102 37.94 16.73 -20.30
N PHE D 103 36.63 16.74 -20.08
CA PHE D 103 35.70 17.24 -21.08
C PHE D 103 35.74 18.76 -21.20
N GLY D 104 36.42 19.46 -20.30
CA GLY D 104 36.48 20.91 -20.29
C GLY D 104 37.83 21.42 -20.71
N MET D 105 38.68 20.55 -21.25
CA MET D 105 40.06 20.88 -21.63
C MET D 105 40.01 21.28 -23.10
N ALA D 106 40.11 22.57 -23.37
CA ALA D 106 40.07 23.05 -24.76
C ALA D 106 41.23 22.49 -25.57
N SER D 107 42.30 22.05 -24.92
CA SER D 107 43.42 21.38 -25.58
C SER D 107 43.09 19.98 -26.06
N VAL D 108 41.90 19.48 -25.78
CA VAL D 108 41.50 18.13 -26.14
C VAL D 108 40.20 18.27 -26.95
N LYS D 109 40.28 18.14 -28.28
CA LYS D 109 39.14 18.44 -29.15
C LYS D 109 38.23 17.24 -29.38
N VAL D 110 38.73 16.02 -29.19
CA VAL D 110 37.92 14.82 -29.17
C VAL D 110 38.26 14.09 -27.87
N CYS D 111 37.24 13.71 -27.12
CA CYS D 111 37.44 13.04 -25.84
C CYS D 111 36.18 12.25 -25.50
N LYS D 112 36.09 11.03 -26.04
CA LYS D 112 34.88 10.22 -26.00
C LYS D 112 35.25 8.88 -25.39
N ILE D 113 34.72 8.60 -24.21
CA ILE D 113 34.95 7.29 -23.59
C ILE D 113 34.13 6.26 -24.36
N LEU D 114 34.82 5.29 -24.95
CA LEU D 114 34.18 4.30 -25.80
C LEU D 114 33.86 3.00 -25.08
N ASP D 115 34.64 2.67 -24.05
CA ASP D 115 34.46 1.42 -23.33
C ASP D 115 35.18 1.55 -21.99
N VAL D 116 34.70 0.82 -21.00
CA VAL D 116 35.36 0.72 -19.71
C VAL D 116 35.33 -0.75 -19.32
N TYR D 117 36.30 -1.15 -18.49
CA TYR D 117 36.36 -2.51 -17.95
C TYR D 117 36.49 -2.50 -16.43
N PHE D 118 35.62 -3.27 -15.76
CA PHE D 118 35.61 -3.40 -14.31
C PHE D 118 36.21 -4.73 -13.93
N PRO D 119 37.38 -4.78 -13.32
CA PRO D 119 37.93 -6.08 -12.88
C PRO D 119 37.15 -6.64 -11.71
N PRO D 120 37.30 -7.95 -11.43
CA PRO D 120 36.42 -8.61 -10.45
C PRO D 120 36.46 -7.97 -9.08
N GLN D 121 37.65 -7.61 -8.60
CA GLN D 121 37.76 -7.08 -7.24
C GLN D 121 37.24 -5.65 -7.14
N MET D 122 37.20 -4.92 -8.27
CA MET D 122 36.52 -3.64 -8.29
C MET D 122 35.01 -3.84 -8.11
N LEU D 123 34.44 -4.82 -8.81
CA LEU D 123 33.00 -5.03 -8.73
C LEU D 123 32.53 -5.32 -7.31
N VAL D 124 33.39 -5.93 -6.49
CA VAL D 124 33.10 -6.17 -5.09
C VAL D 124 32.64 -4.91 -4.39
N GLN D 125 33.19 -3.77 -4.78
CA GLN D 125 32.99 -2.54 -4.04
C GLN D 125 31.69 -1.82 -4.38
N TYR D 126 30.94 -2.29 -5.38
CA TYR D 126 29.76 -1.57 -5.85
C TYR D 126 28.52 -2.44 -5.70
N ASP D 127 27.38 -1.76 -5.60
CA ASP D 127 26.13 -2.44 -5.27
C ASP D 127 25.69 -3.40 -6.37
N GLY D 128 25.68 -2.94 -7.61
CA GLY D 128 24.94 -3.63 -8.65
C GLY D 128 23.44 -3.60 -8.35
N PRO D 129 22.62 -4.13 -9.27
CA PRO D 129 21.18 -4.12 -9.03
C PRO D 129 20.78 -5.07 -7.91
N GLU D 130 19.64 -4.81 -7.31
CA GLU D 130 19.07 -5.71 -6.33
C GLU D 130 17.71 -6.24 -6.77
N TYR D 131 16.83 -5.37 -7.23
CA TYR D 131 15.51 -5.74 -7.71
C TYR D 131 15.54 -5.76 -9.24
N THR D 132 15.12 -6.88 -9.83
CA THR D 132 15.31 -7.08 -11.25
C THR D 132 13.99 -7.30 -11.97
N ILE D 133 14.08 -7.37 -13.31
CA ILE D 133 12.93 -7.71 -14.11
C ILE D 133 12.33 -9.05 -13.69
N ASP D 134 13.18 -9.98 -13.22
CA ASP D 134 12.67 -11.27 -12.74
C ASP D 134 11.77 -11.08 -11.53
N ASP D 135 12.15 -10.17 -10.62
CA ASP D 135 11.30 -9.85 -9.48
C ASP D 135 9.99 -9.22 -9.94
N MET D 136 10.05 -8.33 -10.93
CA MET D 136 8.82 -7.72 -11.41
C MET D 136 7.92 -8.76 -12.07
N ARG D 137 8.50 -9.68 -12.84
CA ARG D 137 7.68 -10.75 -13.42
C ARG D 137 6.96 -11.53 -12.33
N LYS D 138 7.66 -11.83 -11.24
CA LYS D 138 7.05 -12.56 -10.13
C LYS D 138 5.86 -11.81 -9.57
N TYR D 139 5.99 -10.49 -9.38
CA TYR D 139 4.86 -9.71 -8.92
C TYR D 139 3.71 -9.75 -9.94
N LEU D 140 4.02 -9.64 -11.23
CA LEU D 140 3.00 -9.67 -12.27
C LEU D 140 2.41 -11.05 -12.48
N ASN D 141 3.01 -12.09 -11.92
CA ASN D 141 2.53 -13.46 -12.09
C ASN D 141 2.69 -13.93 -13.53
N ILE D 142 3.80 -13.59 -14.15
CA ILE D 142 4.09 -14.02 -15.50
C ILE D 142 5.50 -14.62 -15.54
N GLN D 143 5.76 -15.34 -16.61
CA GLN D 143 7.05 -15.97 -16.87
C GLN D 143 7.48 -15.69 -18.31
N GLU D 144 8.78 -15.54 -18.47
CA GLU D 144 9.47 -15.56 -19.75
C GLU D 144 9.28 -14.30 -20.59
N ARG D 145 8.01 -13.93 -20.83
CA ARG D 145 7.75 -12.93 -21.85
C ARG D 145 8.21 -11.54 -21.43
N PRO D 146 8.36 -10.63 -22.38
CA PRO D 146 8.67 -9.24 -22.03
C PRO D 146 7.52 -8.65 -21.24
N ILE D 147 7.83 -7.57 -20.53
CA ILE D 147 6.84 -6.79 -19.81
C ILE D 147 6.40 -5.67 -20.74
N PHE D 148 5.11 -5.62 -21.04
CA PHE D 148 4.61 -4.67 -22.03
C PHE D 148 4.04 -3.44 -21.34
N GLY D 149 4.62 -2.28 -21.64
CA GLY D 149 4.31 -1.07 -20.92
C GLY D 149 3.97 0.07 -21.87
N SER D 150 3.66 1.21 -21.26
CA SER D 150 3.15 2.35 -22.00
C SER D 150 3.58 3.64 -21.33
N ILE D 151 3.73 4.67 -22.17
CA ILE D 151 3.70 6.07 -21.76
C ILE D 151 2.29 6.58 -22.03
N ILE D 152 1.90 7.60 -21.30
CA ILE D 152 0.59 8.22 -21.48
C ILE D 152 0.76 9.44 -22.38
N LYS D 153 -0.24 9.69 -23.23
CA LYS D 153 -0.22 10.84 -24.11
C LYS D 153 -1.54 11.59 -23.98
N PRO D 154 -1.52 12.92 -23.94
CA PRO D 154 -0.33 13.80 -23.96
C PRO D 154 0.49 13.56 -22.71
N LYS D 155 1.82 13.65 -22.81
CA LYS D 155 2.67 13.25 -21.70
C LYS D 155 2.55 14.19 -20.51
N ILE D 156 2.27 15.47 -20.73
CA ILE D 156 2.05 16.42 -19.65
C ILE D 156 0.78 17.19 -19.99
N GLY D 157 -0.10 17.33 -19.01
CA GLY D 157 -1.26 18.18 -19.22
C GLY D 157 -2.56 17.57 -18.79
N LEU D 158 -2.60 16.25 -18.66
CA LEU D 158 -3.82 15.60 -18.19
C LEU D 158 -4.03 15.82 -16.70
N THR D 159 -5.30 15.84 -16.30
CA THR D 159 -5.61 15.79 -14.87
C THR D 159 -5.19 14.45 -14.28
N SER D 160 -5.13 14.39 -12.95
CA SER D 160 -4.77 13.14 -12.30
C SER D 160 -5.77 12.04 -12.67
N SER D 161 -7.06 12.38 -12.74
CA SER D 161 -8.06 11.37 -13.07
C SER D 161 -7.95 10.93 -14.53
N GLU D 162 -7.70 11.88 -15.44
CA GLU D 162 -7.54 11.55 -16.86
C GLU D 162 -6.32 10.67 -17.07
N TYR D 163 -5.21 11.03 -16.43
CA TYR D 163 -3.99 10.23 -16.51
C TYR D 163 -4.24 8.82 -16.02
N ALA D 164 -4.83 8.70 -14.83
CA ALA D 164 -5.12 7.38 -14.27
C ALA D 164 -6.08 6.58 -15.13
N GLU D 165 -7.05 7.22 -15.79
CA GLU D 165 -8.00 6.47 -16.58
C GLU D 165 -7.34 5.86 -17.80
N LEU D 166 -6.34 6.53 -18.39
CA LEU D 166 -5.61 5.91 -19.48
C LEU D 166 -4.73 4.77 -18.99
N CYS D 167 -4.16 4.89 -17.79
CA CYS D 167 -3.54 3.74 -17.14
C CYS D 167 -4.52 2.59 -17.05
N TYR D 168 -5.72 2.88 -16.52
CA TYR D 168 -6.77 1.87 -16.40
C TYR D 168 -7.03 1.19 -17.75
N ASP D 169 -7.17 1.98 -18.82
CA ASP D 169 -7.48 1.40 -20.12
C ASP D 169 -6.38 0.46 -20.58
N PHE D 170 -5.12 0.91 -20.47
CA PHE D 170 -4.00 0.10 -20.92
C PHE D 170 -3.89 -1.18 -20.13
N TRP D 171 -3.90 -1.08 -18.80
CA TRP D 171 -3.82 -2.26 -17.95
C TRP D 171 -5.01 -3.19 -18.19
N SER D 172 -6.20 -2.63 -18.40
CA SER D 172 -7.40 -3.42 -18.62
C SER D 172 -7.30 -4.27 -19.88
N GLY D 173 -6.59 -3.78 -20.90
CA GLY D 173 -6.38 -4.54 -22.11
C GLY D 173 -5.31 -5.60 -22.03
N GLY D 174 -4.67 -5.76 -20.87
CA GLY D 174 -3.61 -6.71 -20.68
C GLY D 174 -2.24 -6.10 -20.52
N GLY D 175 -2.10 -4.80 -20.73
CA GLY D 175 -0.82 -4.16 -20.49
C GLY D 175 -0.36 -4.33 -19.05
N ASP D 176 0.96 -4.39 -18.87
CA ASP D 176 1.52 -4.68 -17.56
C ASP D 176 1.96 -3.45 -16.76
N PHE D 177 2.44 -2.39 -17.43
CA PHE D 177 3.33 -1.40 -16.86
C PHE D 177 3.04 -0.05 -17.49
N VAL D 178 2.94 0.98 -16.67
CA VAL D 178 2.87 2.38 -17.16
C VAL D 178 3.92 3.19 -16.43
N ASN D 180 5.12 7.24 -15.50
CA ASN D 180 5.06 8.70 -15.56
C ASN D 180 5.96 9.16 -16.72
N ASP D 181 5.65 10.32 -17.29
CA ASP D 181 6.61 11.05 -18.10
C ASP D 181 7.84 11.43 -17.24
N GLU D 182 9.00 11.51 -17.88
CA GLU D 182 10.22 11.75 -17.10
C GLU D 182 10.21 13.05 -16.30
N PRO D 183 9.47 14.09 -16.68
CA PRO D 183 9.40 15.30 -15.84
C PRO D 183 8.03 15.54 -15.24
N GLN D 184 7.22 14.49 -15.22
CA GLN D 184 5.91 14.54 -14.56
C GLN D 184 6.10 14.53 -13.06
N ALA D 185 5.57 15.52 -12.38
CA ALA D 185 5.88 15.72 -10.97
C ALA D 185 4.72 16.40 -10.25
N ASP D 186 5.00 17.41 -9.45
CA ASP D 186 3.95 18.08 -8.69
C ASP D 186 3.49 19.36 -9.36
N GLN D 187 3.13 19.27 -10.64
CA GLN D 187 2.54 20.40 -11.35
C GLN D 187 1.15 20.69 -10.78
N ASP D 188 0.79 21.97 -10.73
CA ASP D 188 -0.45 22.35 -10.04
C ASP D 188 -1.68 21.71 -10.69
N PHE D 189 -1.63 21.45 -11.99
CA PHE D 189 -2.78 20.95 -12.73
C PHE D 189 -2.90 19.44 -12.65
N CYS D 190 -1.92 18.76 -12.07
CA CYS D 190 -1.96 17.31 -11.88
C CYS D 190 -1.14 17.01 -10.63
N PRO D 191 -1.62 17.45 -9.47
CA PRO D 191 -0.76 17.43 -8.27
C PRO D 191 -0.36 16.01 -7.90
N TYR D 192 0.86 15.92 -7.38
CA TYR D 192 1.49 14.63 -7.18
C TYR D 192 0.65 13.71 -6.30
N ASP D 193 0.13 14.23 -5.19
CA ASP D 193 -0.61 13.36 -4.29
C ASP D 193 -1.87 12.81 -4.96
N LYS D 194 -2.58 13.65 -5.72
CA LYS D 194 -3.77 13.17 -6.41
C LYS D 194 -3.39 12.19 -7.51
N MET D 195 -2.29 12.43 -8.19
CA MET D 195 -1.82 11.49 -9.21
C MET D 195 -1.62 10.11 -8.60
N VAL D 196 -0.91 10.04 -7.48
CA VAL D 196 -0.67 8.73 -6.83
C VAL D 196 -2.00 8.10 -6.41
N GLN D 197 -2.88 8.89 -5.77
CA GLN D 197 -4.17 8.37 -5.33
C GLN D 197 -4.98 7.81 -6.48
N ASP D 198 -5.06 8.55 -7.59
CA ASP D 198 -5.92 8.14 -8.69
C ASP D 198 -5.31 6.95 -9.44
N VAL D 199 -3.97 6.87 -9.52
CA VAL D 199 -3.35 5.67 -10.09
C VAL D 199 -3.72 4.45 -9.26
N ARG D 200 -3.67 4.57 -7.94
CA ARG D 200 -4.07 3.44 -7.10
C ARG D 200 -5.52 3.05 -7.34
N HIS D 201 -6.42 4.03 -7.36
CA HIS D 201 -7.82 3.72 -7.63
C HIS D 201 -7.99 3.01 -8.96
N ALA D 202 -7.29 3.47 -9.99
CA ALA D 202 -7.36 2.85 -11.30
C ALA D 202 -6.84 1.41 -11.25
N MET D 203 -5.69 1.23 -10.61
CA MET D 203 -5.13 -0.11 -10.48
C MET D 203 -6.07 -1.05 -9.71
N ASP D 204 -6.68 -0.55 -8.64
CA ASP D 204 -7.63 -1.36 -7.90
C ASP D 204 -8.77 -1.87 -8.78
N ARG D 205 -9.30 -1.00 -9.65
CA ARG D 205 -10.39 -1.42 -10.53
C ARG D 205 -9.91 -2.53 -11.47
N VAL D 206 -8.70 -2.39 -12.02
CA VAL D 206 -8.21 -3.43 -12.93
C VAL D 206 -8.03 -4.74 -12.19
N GLU D 207 -7.45 -4.69 -10.98
CA GLU D 207 -7.28 -5.91 -10.20
C GLU D 207 -8.62 -6.58 -9.96
N GLN D 208 -9.62 -5.79 -9.56
CA GLN D 208 -10.94 -6.33 -9.26
C GLN D 208 -11.57 -6.96 -10.48
N GLU D 209 -11.38 -6.35 -11.65
CA GLU D 209 -12.09 -6.75 -12.86
C GLU D 209 -11.39 -7.87 -13.61
N THR D 210 -10.06 -7.97 -13.49
CA THR D 210 -9.28 -8.95 -14.21
C THR D 210 -8.58 -9.97 -13.34
N GLY D 211 -8.48 -9.73 -12.03
CA GLY D 211 -7.68 -10.59 -11.19
C GLY D 211 -6.19 -10.46 -11.35
N LYS D 212 -5.71 -9.50 -12.15
CA LYS D 212 -4.28 -9.43 -12.44
C LYS D 212 -3.63 -8.24 -11.76
N THR D 213 -2.38 -8.43 -11.34
CA THR D 213 -1.58 -7.33 -10.81
C THR D 213 -0.98 -6.50 -11.96
N LYS D 214 -0.57 -5.29 -11.61
CA LYS D 214 -0.06 -4.31 -12.56
C LYS D 214 1.00 -3.46 -11.86
N VAL D 215 1.82 -2.77 -12.67
CA VAL D 215 2.90 -1.93 -12.15
C VAL D 215 2.80 -0.53 -12.72
N HIS D 216 3.02 0.47 -11.85
CA HIS D 216 3.16 1.86 -12.25
C HIS D 216 4.50 2.41 -11.78
N SER D 217 5.25 3.03 -12.70
CA SER D 217 6.54 3.63 -12.39
C SER D 217 6.37 5.13 -12.19
N PHE D 218 6.66 5.60 -10.97
CA PHE D 218 6.43 6.98 -10.57
C PHE D 218 7.73 7.77 -10.64
N ASN D 219 7.68 8.94 -11.30
CA ASN D 219 8.81 9.85 -11.26
C ASN D 219 8.91 10.45 -9.88
N ILE D 220 10.01 10.17 -9.18
CA ILE D 220 10.25 10.76 -7.87
C ILE D 220 11.37 11.79 -7.91
N SER D 221 11.89 12.07 -9.09
CA SER D 221 12.88 13.14 -9.26
C SER D 221 12.31 14.46 -8.73
N SER D 222 13.10 15.16 -7.92
CA SER D 222 12.57 16.29 -7.18
C SER D 222 13.58 17.41 -7.08
N SER D 223 13.11 18.53 -6.51
CA SER D 223 14.00 19.63 -6.18
C SER D 223 15.13 19.18 -5.28
N ASP D 224 14.83 18.34 -4.27
CA ASP D 224 15.82 17.99 -3.28
C ASP D 224 15.55 16.60 -2.70
N TYR D 225 16.51 16.13 -1.90
CA TYR D 225 16.46 14.76 -1.39
C TYR D 225 15.25 14.56 -0.50
N ASP D 226 14.97 15.51 0.40
CA ASP D 226 13.86 15.32 1.32
C ASP D 226 12.54 15.19 0.56
N THR D 227 12.39 15.94 -0.53
CA THR D 227 11.15 15.90 -1.31
C THR D 227 11.02 14.58 -2.04
N MET D 228 12.14 14.09 -2.61
CA MET D 228 12.14 12.79 -3.26
C MET D 228 11.78 11.69 -2.28
N ILE D 229 12.33 11.74 -1.08
CA ILE D 229 12.05 10.71 -0.07
C ILE D 229 10.61 10.79 0.40
N LYS D 230 10.08 12.01 0.57
CA LYS D 230 8.68 12.16 0.92
C LYS D 230 7.80 11.50 -0.13
N LYS D 231 8.10 11.72 -1.42
CA LYS D 231 7.31 11.10 -2.48
C LYS D 231 7.41 9.58 -2.42
N ALA D 232 8.63 9.07 -2.28
CA ALA D 232 8.83 7.63 -2.24
C ALA D 232 8.08 7.02 -1.07
N ASP D 233 8.16 7.66 0.10
CA ASP D 233 7.46 7.13 1.27
C ASP D 233 5.94 7.22 1.08
N TYR D 234 5.46 8.31 0.46
CA TYR D 234 4.04 8.43 0.19
C TYR D 234 3.55 7.31 -0.72
N ILE D 235 4.27 7.09 -1.83
CA ILE D 235 3.94 5.99 -2.74
C ILE D 235 3.90 4.67 -1.98
N GLN D 236 4.90 4.41 -1.14
CA GLN D 236 4.93 3.16 -0.39
C GLN D 236 3.71 3.03 0.51
N SER D 237 3.20 4.15 1.02
CA SER D 237 2.01 4.09 1.88
C SER D 237 0.74 3.96 1.07
N MET D 238 0.78 4.25 -0.22
CA MET D 238 -0.42 4.33 -1.05
C MET D 238 -0.55 3.19 -2.06
N MET D 239 0.52 2.48 -2.34
CA MET D 239 0.55 1.45 -3.37
C MET D 239 1.01 0.14 -2.72
N LYS D 240 0.44 -0.97 -3.16
CA LYS D 240 0.80 -2.25 -2.58
C LYS D 240 2.20 -2.65 -3.02
N PRO D 241 2.95 -3.32 -2.15
CA PRO D 241 4.31 -3.71 -2.50
C PRO D 241 4.34 -4.48 -3.82
N GLY D 242 5.28 -4.08 -4.69
CA GLY D 242 5.46 -4.66 -6.00
C GLY D 242 4.77 -3.92 -7.12
N SER D 243 3.74 -3.15 -6.79
CA SER D 243 2.90 -2.53 -7.80
C SER D 243 3.46 -1.21 -8.27
N TYR D 244 4.57 -0.76 -7.69
CA TYR D 244 5.16 0.52 -8.06
C TYR D 244 6.65 0.37 -8.28
N ALA D 245 7.16 1.18 -9.20
CA ALA D 245 8.58 1.35 -9.45
C ALA D 245 8.92 2.82 -9.24
N PHE D 246 10.20 3.11 -9.05
CA PHE D 246 10.65 4.48 -8.83
C PHE D 246 11.48 4.91 -10.04
N LEU D 247 10.95 5.88 -10.77
CA LEU D 247 11.62 6.49 -11.91
C LEU D 247 12.45 7.67 -11.43
N VAL D 248 13.74 7.64 -11.76
CA VAL D 248 14.67 8.71 -11.41
C VAL D 248 15.34 9.22 -12.67
N ASP D 249 15.32 10.53 -12.86
CA ASP D 249 15.99 11.17 -13.99
C ASP D 249 17.48 11.14 -13.71
N GLY D 250 18.15 10.03 -14.04
CA GLY D 250 19.51 9.84 -13.56
C GLY D 250 20.48 10.91 -14.01
N ILE D 251 20.32 11.42 -15.23
CA ILE D 251 21.28 12.39 -15.76
C ILE D 251 21.08 13.75 -15.12
N THR D 252 19.82 14.21 -15.03
CA THR D 252 19.57 15.55 -14.55
C THR D 252 19.47 15.62 -13.03
N ALA D 253 18.79 14.67 -12.39
CA ALA D 253 18.75 14.63 -10.94
C ALA D 253 20.10 14.21 -10.38
N GLY D 254 20.76 13.26 -11.04
CA GLY D 254 22.15 12.93 -10.76
C GLY D 254 22.39 11.48 -10.40
N TRP D 255 23.65 11.06 -10.55
CA TRP D 255 24.05 9.72 -10.13
C TRP D 255 23.73 9.48 -8.66
N MET D 256 23.85 10.51 -7.81
CA MET D 256 23.57 10.26 -6.40
C MET D 256 22.13 9.89 -6.13
N ALA D 257 21.22 10.44 -6.92
CA ALA D 257 19.81 10.10 -6.75
C ALA D 257 19.58 8.64 -7.07
N ILE D 258 20.23 8.14 -8.12
CA ILE D 258 20.13 6.73 -8.47
C ILE D 258 20.58 5.87 -7.29
N GLN D 259 21.78 6.14 -6.78
CA GLN D 259 22.30 5.26 -5.72
C GLN D 259 21.49 5.40 -4.43
N THR D 260 20.98 6.58 -4.15
CA THR D 260 20.19 6.77 -2.94
C THR D 260 18.94 5.90 -2.96
N ILE D 261 18.23 5.87 -4.10
CA ILE D 261 17.02 5.05 -4.19
C ILE D 261 17.39 3.56 -4.18
N ARG D 262 18.47 3.19 -4.87
CA ARG D 262 18.95 1.81 -4.85
C ARG D 262 19.15 1.31 -3.41
N ARG D 263 19.71 2.14 -2.54
CA ARG D 263 20.06 1.72 -1.19
C ARG D 263 18.94 1.93 -0.19
N LYS D 264 18.14 2.99 -0.34
CA LYS D 264 17.07 3.25 0.62
C LYS D 264 15.82 2.43 0.34
N TYR D 265 15.60 2.05 -0.92
CA TYR D 265 14.45 1.24 -1.32
C TYR D 265 14.92 0.07 -2.19
N PRO D 266 15.73 -0.82 -1.61
CA PRO D 266 16.35 -1.87 -2.43
C PRO D 266 15.37 -2.82 -3.07
N ASN D 267 14.18 -3.00 -2.48
CA ASN D 267 13.20 -3.95 -2.96
C ASN D 267 12.14 -3.30 -3.84
N VAL D 268 12.49 -2.17 -4.45
CA VAL D 268 11.66 -1.47 -5.43
C VAL D 268 12.44 -1.34 -6.73
N PHE D 269 11.79 -1.67 -7.85
CA PHE D 269 12.41 -1.49 -9.15
C PHE D 269 12.86 -0.04 -9.37
N LEU D 270 14.13 0.13 -9.65
CA LEU D 270 14.78 1.43 -9.83
C LEU D 270 14.88 1.67 -11.33
N HIS D 271 14.08 2.60 -11.83
CA HIS D 271 13.90 2.89 -13.25
C HIS D 271 14.77 4.11 -13.59
N PHE D 272 15.90 3.87 -14.24
CA PHE D 272 16.84 4.93 -14.61
C PHE D 272 16.32 5.56 -15.91
N HIS D 273 15.69 6.73 -15.80
CA HIS D 273 15.28 7.45 -16.99
C HIS D 273 16.47 8.29 -17.44
N ARG D 274 17.01 8.02 -18.63
CA ARG D 274 18.26 8.64 -19.04
C ARG D 274 18.09 9.96 -19.80
N ALA D 275 16.93 10.61 -19.72
CA ALA D 275 16.77 11.91 -20.37
C ALA D 275 17.96 12.81 -20.10
N GLY D 276 18.53 13.36 -21.18
CA GLY D 276 19.68 14.23 -21.11
C GLY D 276 20.97 13.56 -21.49
N HIS D 277 20.98 12.23 -21.55
CA HIS D 277 22.20 11.51 -21.83
C HIS D 277 22.80 11.87 -23.19
N GLY D 278 21.98 12.34 -24.13
CA GLY D 278 22.48 12.54 -25.48
C GLY D 278 23.67 13.46 -25.56
N ALA D 279 23.75 14.46 -24.67
CA ALA D 279 24.90 15.36 -24.71
C ALA D 279 26.19 14.61 -24.41
N PHE D 280 26.12 13.60 -23.56
CA PHE D 280 27.28 12.75 -23.34
C PHE D 280 27.48 11.76 -24.50
N THR D 281 26.40 11.12 -24.95
CA THR D 281 26.51 9.88 -25.70
C THR D 281 26.36 10.01 -27.21
N ARG D 282 25.80 11.09 -27.73
CA ARG D 282 25.51 11.12 -29.15
C ARG D 282 26.77 11.06 -29.99
N ASP D 283 26.69 10.37 -31.13
CA ASP D 283 27.83 10.28 -32.05
C ASP D 283 28.26 11.67 -32.52
N GLU D 284 27.32 12.62 -32.62
CA GLU D 284 27.64 13.94 -33.16
C GLU D 284 28.51 14.74 -32.21
N ASN D 285 28.58 14.33 -30.93
CA ASN D 285 29.31 15.04 -29.91
C ASN D 285 30.67 14.38 -29.72
N PRO D 286 31.77 14.99 -30.18
CA PRO D 286 33.08 14.35 -29.99
C PRO D 286 33.53 14.25 -28.53
N ILE D 287 32.86 14.89 -27.59
CA ILE D 287 33.26 14.91 -26.19
C ILE D 287 32.15 14.28 -25.37
N GLY D 288 32.47 13.24 -24.59
CA GLY D 288 31.48 12.60 -23.74
C GLY D 288 31.83 11.15 -23.52
N TYR D 289 30.79 10.31 -23.38
CA TYR D 289 30.95 8.88 -23.19
C TYR D 289 29.74 8.21 -23.84
N THR D 290 29.92 7.00 -24.32
CA THR D 290 28.94 6.37 -25.19
C THR D 290 27.83 5.67 -24.39
N VAL D 291 26.78 5.30 -25.12
CA VAL D 291 25.64 4.61 -24.50
C VAL D 291 26.09 3.33 -23.82
N PRO D 292 26.94 2.48 -24.43
CA PRO D 292 27.38 1.29 -23.70
C PRO D 292 28.07 1.62 -22.40
N VAL D 293 28.91 2.67 -22.36
CA VAL D 293 29.54 3.08 -21.12
C VAL D 293 28.50 3.55 -20.11
N LEU D 294 27.57 4.39 -20.53
CA LEU D 294 26.48 4.80 -19.63
C LEU D 294 25.81 3.57 -19.02
N THR D 295 25.51 2.57 -19.87
CA THR D 295 24.76 1.40 -19.43
C THR D 295 25.56 0.59 -18.42
N LYS D 296 26.86 0.43 -18.65
CA LYS D 296 27.68 -0.30 -17.68
C LYS D 296 27.68 0.39 -16.32
N PHE D 297 27.81 1.71 -16.30
CA PHE D 297 27.81 2.43 -15.03
C PHE D 297 26.44 2.41 -14.38
N ALA D 298 25.37 2.38 -15.18
CA ALA D 298 24.03 2.29 -14.59
C ALA D 298 23.85 0.97 -13.85
N ARG D 299 24.36 -0.12 -14.42
CA ARG D 299 24.29 -1.42 -13.76
C ARG D 299 25.15 -1.43 -12.51
N LEU D 300 26.37 -0.87 -12.59
CA LEU D 300 27.24 -0.77 -11.44
C LEU D 300 26.56 -0.02 -10.29
N ALA D 301 25.85 1.06 -10.63
CA ALA D 301 25.18 1.85 -9.62
C ALA D 301 23.92 1.19 -9.10
N GLY D 302 23.40 0.19 -9.81
CA GLY D 302 22.33 -0.62 -9.31
C GLY D 302 20.95 -0.31 -9.87
N ALA D 303 20.87 0.40 -10.98
CA ALA D 303 19.58 0.56 -11.66
C ALA D 303 19.00 -0.81 -12.00
N SER D 304 17.69 -0.94 -11.82
CA SER D 304 16.99 -2.16 -12.23
C SER D 304 16.71 -2.18 -13.74
N GLY D 305 16.51 -0.99 -14.32
CA GLY D 305 16.30 -0.87 -15.76
C GLY D 305 16.81 0.49 -16.20
N ILE D 306 17.17 0.57 -17.47
CA ILE D 306 17.56 1.82 -18.12
C ILE D 306 17.06 1.78 -19.55
N HIS D 307 16.74 2.95 -20.09
CA HIS D 307 16.16 3.01 -21.43
C HIS D 307 17.19 2.70 -22.50
N THR D 308 16.70 2.10 -23.57
CA THR D 308 17.41 1.99 -24.83
C THR D 308 16.43 2.35 -25.94
N GLY D 309 16.92 2.33 -27.18
CA GLY D 309 16.07 2.41 -28.34
C GLY D 309 15.61 1.03 -28.80
N THR D 310 15.12 0.98 -30.04
CA THR D 310 14.45 -0.19 -30.60
C THR D 310 15.36 -1.02 -31.49
N ALA D 311 16.68 -0.85 -31.38
CA ALA D 311 17.63 -1.65 -32.15
C ALA D 311 17.34 -1.56 -33.65
N GLY D 312 17.00 -0.35 -34.10
CA GLY D 312 16.73 -0.11 -35.50
C GLY D 312 15.37 -0.51 -36.00
N ILE D 313 14.53 -1.08 -35.15
CA ILE D 313 13.23 -1.56 -35.59
C ILE D 313 12.27 -0.38 -35.70
N GLY D 318 18.68 2.46 -39.45
CA GLY D 318 19.46 2.46 -38.22
C GLY D 318 20.04 1.12 -37.85
N SER D 319 21.18 1.14 -37.17
CA SER D 319 21.84 -0.10 -36.81
C SER D 319 21.33 -0.58 -35.45
N PRO D 320 21.21 -1.91 -35.27
CA PRO D 320 20.86 -2.44 -33.95
C PRO D 320 22.04 -2.53 -33.00
N LYS D 321 23.26 -2.27 -33.46
CA LYS D 321 24.44 -2.63 -32.68
C LYS D 321 24.42 -2.00 -31.30
N GLU D 322 24.15 -0.69 -31.22
CA GLU D 322 24.27 0.00 -29.94
C GLU D 322 23.25 -0.51 -28.93
N ASP D 323 21.98 -0.62 -29.34
CA ASP D 323 20.95 -1.07 -28.42
C ASP D 323 21.15 -2.52 -28.02
N VAL D 324 21.61 -3.37 -28.94
CA VAL D 324 21.92 -4.75 -28.58
C VAL D 324 23.09 -4.80 -27.61
N MET D 325 24.13 -4.00 -27.86
CA MET D 325 25.25 -3.97 -26.92
C MET D 325 24.79 -3.52 -25.54
N ALA D 326 23.93 -2.50 -25.48
CA ALA D 326 23.43 -2.04 -24.21
C ALA D 326 22.66 -3.14 -23.50
N ALA D 327 21.83 -3.88 -24.24
CA ALA D 327 21.06 -4.96 -23.64
C ALA D 327 21.97 -6.03 -23.08
N ARG D 328 23.09 -6.30 -23.77
CA ARG D 328 24.00 -7.33 -23.28
C ARG D 328 24.72 -6.88 -22.01
N HIS D 329 25.25 -5.65 -22.02
CA HIS D 329 25.88 -5.10 -20.83
C HIS D 329 24.92 -5.05 -19.65
N ALA D 330 23.63 -4.82 -19.93
CA ALA D 330 22.65 -4.70 -18.87
C ALA D 330 22.34 -6.05 -18.26
N LEU D 331 22.12 -7.07 -19.10
CA LEU D 331 21.48 -8.29 -18.63
C LEU D 331 22.43 -9.45 -18.33
N LYS D 332 23.57 -9.54 -18.99
CA LYS D 332 24.30 -10.79 -19.09
C LYS D 332 25.38 -10.95 -18.04
N LEU D 333 25.73 -12.21 -17.79
CA LEU D 333 26.90 -12.51 -16.99
C LEU D 333 28.18 -12.13 -17.73
N TYR D 334 28.20 -12.31 -19.04
CA TYR D 334 29.34 -11.99 -19.89
C TYR D 334 28.87 -11.12 -21.04
N SER D 335 29.45 -9.94 -21.16
CA SER D 335 29.10 -9.01 -22.23
C SER D 335 30.37 -8.47 -22.86
N GLU D 336 30.27 -8.13 -24.14
CA GLU D 336 31.39 -7.64 -24.92
C GLU D 336 31.10 -6.21 -25.37
N GLY D 337 31.99 -5.30 -24.99
CA GLY D 337 32.01 -3.97 -25.54
C GLY D 337 32.84 -3.93 -26.82
N ASP D 338 33.05 -2.72 -27.32
CA ASP D 338 33.88 -2.59 -28.51
C ASP D 338 35.36 -2.88 -28.24
N TYR D 339 35.81 -2.77 -26.99
CA TYR D 339 37.22 -2.97 -26.68
C TYR D 339 37.50 -3.91 -25.52
N PHE D 340 36.53 -4.13 -24.62
CA PHE D 340 36.74 -4.94 -23.44
C PHE D 340 35.65 -5.99 -23.29
N LYS D 341 36.07 -7.22 -22.97
CA LYS D 341 35.17 -8.26 -22.50
C LYS D 341 34.91 -8.11 -21.02
N GLN D 342 33.66 -8.26 -20.60
CA GLN D 342 33.25 -7.98 -19.24
C GLN D 342 32.54 -9.19 -18.65
N ILE D 343 33.12 -9.77 -17.61
CA ILE D 343 32.43 -10.74 -16.77
C ILE D 343 31.87 -9.99 -15.58
N TRP D 344 30.56 -10.11 -15.37
CA TRP D 344 29.89 -9.37 -14.31
C TRP D 344 29.85 -10.22 -13.04
N SER D 345 31.04 -10.40 -12.48
CA SER D 345 31.21 -11.26 -11.33
C SER D 345 32.52 -10.92 -10.64
N GLU D 346 32.54 -11.06 -9.33
CA GLU D 346 33.78 -10.97 -8.57
C GLU D 346 34.58 -12.27 -8.55
N ILE D 347 34.03 -13.34 -9.12
CA ILE D 347 34.73 -14.63 -9.11
C ILE D 347 35.92 -14.54 -10.05
N PRO D 348 37.09 -15.06 -9.68
CA PRO D 348 38.21 -15.02 -10.62
C PRO D 348 37.87 -15.70 -11.93
N GLU D 349 38.42 -15.15 -13.01
CA GLU D 349 38.07 -15.60 -14.35
C GLU D 349 38.40 -17.08 -14.58
N LYS D 350 39.45 -17.60 -13.96
CA LYS D 350 39.80 -18.99 -14.24
C LYS D 350 38.82 -19.98 -13.62
N ASP D 351 37.91 -19.50 -12.78
CA ASP D 351 37.01 -20.40 -12.06
C ASP D 351 36.20 -21.22 -13.04
N ALA D 352 36.21 -22.55 -12.85
CA ALA D 352 35.54 -23.45 -13.77
C ALA D 352 34.04 -23.25 -13.77
N ASP D 353 33.45 -23.03 -12.60
CA ASP D 353 32.00 -22.79 -12.55
C ASP D 353 31.63 -21.53 -13.30
N LEU D 354 32.39 -20.46 -13.10
CA LEU D 354 32.17 -19.23 -13.83
C LEU D 354 32.24 -19.46 -15.34
N GLN D 355 33.28 -20.17 -15.80
CA GLN D 355 33.43 -20.38 -17.23
C GLN D 355 32.30 -21.24 -17.78
N LEU D 356 31.88 -22.26 -17.02
CA LEU D 356 30.75 -23.07 -17.46
C LEU D 356 29.48 -22.23 -17.57
N ALA D 357 29.24 -21.35 -16.59
CA ALA D 357 28.06 -20.48 -16.64
C ALA D 357 28.11 -19.59 -17.86
N ILE D 358 29.27 -19.02 -18.17
CA ILE D 358 29.41 -18.17 -19.34
C ILE D 358 29.13 -18.98 -20.60
N GLN D 359 29.66 -20.20 -20.66
CA GLN D 359 29.41 -21.09 -21.80
C GLN D 359 27.92 -21.38 -21.94
N LYS D 360 27.26 -21.76 -20.83
CA LYS D 360 25.82 -22.03 -20.89
C LYS D 360 25.05 -20.81 -21.40
N GLU D 361 25.35 -19.64 -20.86
CA GLU D 361 24.67 -18.42 -21.28
C GLU D 361 24.86 -18.21 -22.78
N ALA D 362 26.07 -18.41 -23.28
CA ALA D 362 26.34 -18.21 -24.70
C ALA D 362 25.53 -19.19 -25.56
N GLU D 363 25.31 -20.41 -25.06
CA GLU D 363 24.51 -21.42 -25.74
C GLU D 363 23.02 -21.18 -25.58
N GLY D 364 22.62 -20.04 -25.02
CA GLY D 364 21.22 -19.77 -24.78
C GLY D 364 20.57 -20.65 -23.75
N GLU D 365 21.37 -21.24 -22.86
CA GLU D 365 20.87 -22.17 -21.86
C GLU D 365 20.95 -21.55 -20.48
N ASP D 366 20.06 -21.99 -19.60
CA ASP D 366 20.10 -21.53 -18.21
C ASP D 366 21.25 -22.20 -17.48
N TYR D 367 21.92 -21.43 -16.62
CA TYR D 367 22.98 -21.94 -15.76
C TYR D 367 22.58 -21.77 -14.32
N SER D 368 22.82 -22.80 -13.51
CA SER D 368 22.43 -22.80 -12.11
C SER D 368 23.60 -23.20 -11.20
N ASN D 369 24.83 -23.10 -11.69
CA ASN D 369 25.98 -23.63 -10.96
C ASN D 369 26.73 -22.58 -10.15
N LEU D 370 26.30 -21.32 -10.18
CA LEU D 370 26.84 -20.25 -9.36
C LEU D 370 25.90 -20.01 -8.17
N GLY D 371 26.13 -18.92 -7.43
CA GLY D 371 25.41 -18.70 -6.19
C GLY D 371 25.13 -17.28 -5.71
N TYR D 372 24.45 -16.48 -6.52
CA TYR D 372 23.76 -15.30 -6.03
C TYR D 372 24.61 -14.14 -5.52
N TRP D 373 25.54 -14.38 -4.58
CA TRP D 373 26.19 -13.25 -3.92
C TRP D 373 27.48 -12.79 -4.59
N ARG D 374 27.96 -13.50 -5.60
CA ARG D 374 29.24 -13.19 -6.23
C ARG D 374 29.08 -12.77 -7.69
N ILE D 375 27.87 -12.43 -8.09
CA ILE D 375 27.62 -11.96 -9.46
C ILE D 375 26.89 -10.64 -9.39
N THR D 376 27.02 -9.86 -10.46
CA THR D 376 26.26 -8.62 -10.59
C THR D 376 24.89 -8.96 -11.19
N LYS D 377 23.83 -8.60 -10.49
CA LYS D 377 22.49 -8.94 -10.95
C LYS D 377 22.15 -8.17 -12.23
N LYS D 378 21.13 -8.67 -12.92
CA LYS D 378 20.79 -8.16 -14.24
C LYS D 378 20.01 -6.85 -14.14
N MET D 379 20.28 -5.94 -15.07
CA MET D 379 19.47 -4.75 -15.29
C MET D 379 18.87 -4.91 -16.68
N CYS D 380 17.66 -4.40 -16.87
CA CYS D 380 17.00 -4.68 -18.15
C CYS D 380 16.84 -3.42 -18.98
N PRO D 381 16.84 -3.55 -20.30
CA PRO D 381 16.47 -2.41 -21.15
C PRO D 381 14.99 -2.07 -21.02
N ILE D 382 14.71 -0.79 -21.16
CA ILE D 382 13.36 -0.23 -21.21
C ILE D 382 13.25 0.43 -22.58
N ILE D 383 12.39 -0.11 -23.44
CA ILE D 383 12.44 0.16 -24.87
C ILE D 383 11.56 1.36 -25.20
N SER D 384 12.20 2.43 -25.67
CA SER D 384 11.52 3.64 -26.06
C SER D 384 11.64 3.83 -27.56
N GLY D 385 10.55 4.22 -28.19
CA GLY D 385 10.46 4.36 -29.63
C GLY D 385 9.21 3.70 -30.16
N GLY D 386 9.17 3.56 -31.49
CA GLY D 386 7.92 3.30 -32.15
C GLY D 386 7.60 1.84 -32.41
N LEU D 387 7.70 1.00 -31.37
CA LEU D 387 7.20 -0.36 -31.49
C LEU D 387 5.68 -0.36 -31.52
N ASN D 388 5.12 -1.47 -32.00
CA ASN D 388 3.68 -1.67 -32.13
C ASN D 388 3.49 -3.16 -32.40
N PRO D 389 2.25 -3.64 -32.52
CA PRO D 389 2.05 -5.10 -32.69
C PRO D 389 2.71 -5.68 -33.92
N LEU D 390 2.87 -4.89 -34.98
CA LEU D 390 3.51 -5.39 -36.19
C LEU D 390 5.01 -5.57 -36.01
N LEU D 391 5.60 -4.94 -34.99
CA LEU D 391 7.05 -4.88 -34.86
C LEU D 391 7.59 -5.58 -33.63
N ILE D 392 6.74 -6.02 -32.70
CA ILE D 392 7.29 -6.52 -31.44
C ILE D 392 8.02 -7.84 -31.65
N GLY D 393 7.48 -8.72 -32.50
CA GLY D 393 8.17 -9.97 -32.78
C GLY D 393 9.55 -9.74 -33.38
N LYS D 394 9.61 -8.84 -34.38
CA LYS D 394 10.89 -8.53 -35.02
C LYS D 394 11.87 -7.94 -34.03
N PHE D 395 11.37 -7.14 -33.09
CA PHE D 395 12.25 -6.59 -32.07
C PHE D 395 12.80 -7.71 -31.18
N ILE D 396 11.95 -8.61 -30.70
CA ILE D 396 12.43 -9.71 -29.86
C ILE D 396 13.54 -10.46 -30.58
N ASP D 397 13.28 -10.82 -31.83
CA ASP D 397 14.28 -11.56 -32.60
C ASP D 397 15.57 -10.77 -32.71
N THR D 398 15.47 -9.47 -32.93
CA THR D 398 16.66 -8.64 -33.15
C THR D 398 17.48 -8.49 -31.89
N VAL D 399 16.84 -8.19 -30.76
CA VAL D 399 17.59 -7.99 -29.52
C VAL D 399 18.02 -9.31 -28.89
N GLY D 400 17.36 -10.42 -29.22
CA GLY D 400 17.83 -11.73 -28.77
C GLY D 400 17.56 -12.04 -27.33
N THR D 401 16.60 -11.35 -26.72
CA THR D 401 16.19 -11.59 -25.36
C THR D 401 14.73 -11.17 -25.25
N GLN D 402 14.04 -11.74 -24.25
CA GLN D 402 12.72 -11.28 -23.85
C GLN D 402 12.78 -10.50 -22.54
N ASP D 403 13.98 -10.23 -22.02
CA ASP D 403 14.14 -9.54 -20.74
C ASP D 403 14.18 -8.03 -20.95
N PHE D 404 13.03 -7.48 -21.32
CA PHE D 404 12.92 -6.04 -21.50
C PHE D 404 11.51 -5.60 -21.15
N ILE D 405 11.39 -4.30 -20.88
CA ILE D 405 10.12 -3.62 -20.67
C ILE D 405 9.93 -2.68 -21.85
N THR D 406 8.76 -2.73 -22.49
CA THR D 406 8.45 -1.76 -23.52
C THR D 406 7.69 -0.60 -22.91
N THR D 407 7.90 0.59 -23.45
CA THR D 407 7.09 1.75 -23.05
C THR D 407 6.58 2.38 -24.35
N MET D 408 5.53 1.79 -24.89
CA MET D 408 4.93 2.21 -26.15
C MET D 408 3.97 3.37 -25.92
N GLY D 409 3.95 4.29 -26.88
CA GLY D 409 2.95 5.33 -26.89
C GLY D 409 1.98 5.11 -28.03
N ALA D 410 2.34 5.62 -29.21
CA ALA D 410 1.45 5.52 -30.36
C ALA D 410 1.12 4.08 -30.69
N GLY D 411 2.04 3.16 -30.42
CA GLY D 411 1.86 1.77 -30.74
C GLY D 411 0.79 1.07 -29.95
N VAL D 412 0.22 1.74 -28.94
CA VAL D 412 -1.00 1.28 -28.29
C VAL D 412 -2.11 2.33 -28.33
N HIS D 413 -1.79 3.60 -28.09
CA HIS D 413 -2.85 4.60 -27.93
C HIS D 413 -3.47 5.02 -29.26
N SER D 414 -2.77 4.86 -30.37
CA SER D 414 -3.34 5.20 -31.66
C SER D 414 -4.12 4.05 -32.28
N HIS D 415 -4.18 2.90 -31.60
CA HIS D 415 -4.92 1.78 -32.13
C HIS D 415 -6.34 2.24 -32.45
N PRO D 416 -6.87 1.91 -33.63
CA PRO D 416 -8.18 2.50 -34.01
C PRO D 416 -9.31 2.07 -33.12
N MET D 417 -9.15 1.00 -32.34
CA MET D 417 -10.18 0.59 -31.39
C MET D 417 -9.95 1.13 -29.99
N GLY D 418 -8.87 1.87 -29.76
CA GLY D 418 -8.62 2.51 -28.48
C GLY D 418 -7.47 1.84 -27.73
N THR D 419 -7.14 2.47 -26.59
CA THR D 419 -5.95 2.07 -25.82
C THR D 419 -6.08 0.65 -25.28
N LYS D 420 -7.25 0.28 -24.76
CA LYS D 420 -7.45 -1.07 -24.24
C LYS D 420 -7.19 -2.11 -25.33
N ALA D 421 -7.78 -1.89 -26.50
CA ALA D 421 -7.59 -2.81 -27.63
C ALA D 421 -6.14 -2.81 -28.08
N GLY D 422 -5.48 -1.65 -28.05
CA GLY D 422 -4.07 -1.57 -28.41
C GLY D 422 -3.19 -2.44 -27.54
N ALA D 423 -3.44 -2.45 -26.23
CA ALA D 423 -2.66 -3.30 -25.33
C ALA D 423 -2.92 -4.77 -25.64
N THR D 424 -4.18 -5.11 -25.89
CA THR D 424 -4.53 -6.48 -26.25
C THR D 424 -3.82 -6.90 -27.53
N ALA D 425 -3.73 -5.99 -28.50
CA ALA D 425 -3.10 -6.34 -29.77
C ALA D 425 -1.63 -6.64 -29.60
N VAL D 426 -0.95 -5.94 -28.68
CA VAL D 426 0.45 -6.24 -28.44
C VAL D 426 0.62 -7.63 -27.86
N LEU D 427 -0.21 -7.98 -26.86
CA LEU D 427 -0.13 -9.31 -26.27
C LEU D 427 -0.43 -10.39 -27.31
N GLN D 428 -1.45 -10.16 -28.14
CA GLN D 428 -1.77 -11.10 -29.20
C GLN D 428 -0.59 -11.25 -30.17
N ALA D 429 0.06 -10.14 -30.52
CA ALA D 429 1.24 -10.23 -31.37
C ALA D 429 2.34 -11.05 -30.71
N TYR D 430 2.52 -10.87 -29.40
CA TYR D 430 3.50 -11.68 -28.69
C TYR D 430 3.11 -13.16 -28.72
N GLU D 431 1.83 -13.46 -28.50
CA GLU D 431 1.37 -14.85 -28.59
C GLU D 431 1.67 -15.44 -29.96
N ALA D 432 1.45 -14.66 -31.02
CA ALA D 432 1.75 -15.15 -32.37
C ALA D 432 3.23 -15.47 -32.48
N TRP D 433 4.07 -14.56 -32.00
CA TRP D 433 5.52 -14.77 -32.04
C TRP D 433 5.89 -16.03 -31.26
N LYS D 434 5.40 -16.16 -30.02
CA LYS D 434 5.75 -17.31 -29.20
C LYS D 434 5.30 -18.62 -29.84
N GLN D 435 4.10 -18.64 -30.43
CA GLN D 435 3.52 -19.87 -30.97
C GLN D 435 3.98 -20.15 -32.39
N LYS D 436 4.84 -19.30 -32.96
CA LYS D 436 5.32 -19.42 -34.34
C LYS D 436 4.16 -19.47 -35.34
N ILE D 437 3.21 -18.57 -35.13
CA ILE D 437 2.07 -18.37 -36.03
C ILE D 437 2.22 -16.98 -36.65
N SER D 438 1.99 -16.88 -37.96
CA SER D 438 2.09 -15.59 -38.62
C SER D 438 1.10 -14.61 -38.01
N LEU D 439 1.42 -13.31 -38.10
CA LEU D 439 0.50 -12.31 -37.57
C LEU D 439 -0.85 -12.41 -38.26
N GLU D 440 -0.84 -12.62 -39.57
CA GLU D 440 -2.08 -12.67 -40.33
C GLU D 440 -2.91 -13.88 -39.93
N ASP D 441 -2.27 -15.03 -39.75
CA ASP D 441 -2.99 -16.23 -39.34
C ASP D 441 -3.53 -16.08 -37.92
N TYR D 442 -2.73 -15.54 -37.01
CA TYR D 442 -3.19 -15.41 -35.63
C TYR D 442 -4.30 -14.41 -35.51
N ALA D 443 -4.32 -13.41 -36.39
CA ALA D 443 -5.33 -12.36 -36.32
C ALA D 443 -6.65 -12.75 -36.96
N LYS D 444 -6.75 -13.90 -37.63
CA LYS D 444 -8.04 -14.28 -38.21
C LYS D 444 -9.12 -14.36 -37.15
N ASP D 445 -8.70 -14.64 -35.92
CA ASP D 445 -9.52 -14.91 -34.76
C ASP D 445 -9.48 -13.80 -33.73
N LYS D 446 -8.73 -12.72 -33.98
CA LYS D 446 -8.37 -11.77 -32.93
C LYS D 446 -8.50 -10.37 -33.52
N GLU D 447 -9.63 -9.71 -33.23
CA GLU D 447 -9.93 -8.49 -33.97
C GLU D 447 -8.99 -7.35 -33.59
N GLU D 448 -8.51 -7.29 -32.34
CA GLU D 448 -7.59 -6.23 -31.96
C GLU D 448 -6.31 -6.32 -32.76
N LEU D 449 -5.72 -7.51 -32.83
CA LEU D 449 -4.51 -7.68 -33.63
C LEU D 449 -4.81 -7.46 -35.10
N ARG D 450 -5.94 -7.97 -35.58
CA ARG D 450 -6.29 -7.80 -36.98
C ARG D 450 -6.36 -6.32 -37.34
N ALA D 451 -7.02 -5.52 -36.49
CA ALA D 451 -7.08 -4.08 -36.76
C ALA D 451 -5.69 -3.48 -36.76
N ALA D 452 -4.82 -3.93 -35.85
CA ALA D 452 -3.48 -3.36 -35.73
C ALA D 452 -2.66 -3.62 -36.99
N ILE D 453 -2.70 -4.86 -37.50
CA ILE D 453 -1.93 -5.26 -38.66
C ILE D 453 -2.28 -4.42 -39.87
N GLN D 454 -3.55 -4.05 -40.00
CA GLN D 454 -4.02 -3.28 -41.14
C GLN D 454 -3.90 -1.78 -40.94
N PHE D 455 -3.53 -1.35 -39.74
CA PHE D 455 -3.45 0.06 -39.39
C PHE D 455 -2.01 0.54 -39.30
N TYR D 456 -1.16 -0.16 -38.54
CA TYR D 456 0.16 0.36 -38.23
C TYR D 456 1.15 0.25 -39.38
N ASP D 457 0.80 -0.42 -40.45
CA ASP D 457 1.66 -0.44 -41.63
C ASP D 457 1.46 0.78 -42.52
N LYS D 458 0.40 1.57 -42.29
CA LYS D 458 0.10 2.72 -43.13
C LYS D 458 -0.17 4.02 -42.39
N HIS D 459 -0.57 3.98 -41.12
CA HIS D 459 -0.93 5.20 -40.42
C HIS D 459 0.26 6.15 -40.36
N GLU D 460 0.03 7.40 -40.75
CA GLU D 460 1.00 8.48 -40.54
C GLU D 460 0.69 9.12 -39.20
N GLU D 461 1.44 8.75 -38.18
CA GLU D 461 1.13 9.18 -36.83
C GLU D 461 1.35 10.68 -36.69
N PRO D 462 0.34 11.43 -36.22
CA PRO D 462 0.53 12.88 -36.04
C PRO D 462 1.61 13.24 -35.04
N SER D 463 1.75 12.46 -33.98
CA SER D 463 2.75 12.71 -32.94
C SER D 463 3.48 11.40 -32.65
N PRO D 464 4.47 11.06 -33.46
CA PRO D 464 5.15 9.77 -33.28
C PRO D 464 5.91 9.72 -31.96
N ASP D 465 6.07 8.52 -31.45
CA ASP D 465 6.93 8.31 -30.30
C ASP D 465 8.33 8.81 -30.61
N ARG D 466 8.99 9.34 -29.60
CA ARG D 466 10.34 9.86 -29.72
C ARG D 466 11.28 9.04 -28.87
N PRO D 467 12.58 9.14 -29.12
CA PRO D 467 13.53 8.33 -28.37
C PRO D 467 13.65 8.77 -26.93
N VAL D 468 14.22 7.86 -26.14
CA VAL D 468 14.76 8.15 -24.83
C VAL D 468 16.17 7.58 -24.84
#